data_5X06
#
_entry.id   5X06
#
_cell.length_a   102.112
_cell.length_b   149.542
_cell.length_c   200.780
_cell.angle_alpha   90.00
_cell.angle_beta   90.00
_cell.angle_gamma   90.00
#
_symmetry.space_group_name_H-M   'P 21 21 21'
#
loop_
_entity.id
_entity.type
_entity.pdbx_description
1 polymer 'DNA polymerase III subunit beta'
2 polymer 'DnaA regulatory inactivator Hda'
3 non-polymer GLYCEROL
4 non-polymer "ADENOSINE-5'-DIPHOSPHATE"
5 non-polymer 'MAGNESIUM ION'
6 water water
#
loop_
_entity_poly.entity_id
_entity_poly.type
_entity_poly.pdbx_seq_one_letter_code
_entity_poly.pdbx_strand_id
1 'polypeptide(L)'
;MGSSHHHHHHSSGLVPRGSHMKFTVEREHLLKPLQQVSGPLGGRPTLPILGNLLLQVADGTLSLTGTDLEMEMVARVALV
QPHEPGATTVPARKFFDICRGLPEGAEIAVQLEGERMLVRSGRSRFSLSTLPAADFPNLDDWQSEVEFTLPQATMKRLIE
ATQFSMAHQDVRYYLNGMLFETEGEELRTVATDGHRLAVCSMPIGQSLPSHSVIVPRKGVIELMRMLDGGDNPLRVQIGS
NNIRAHVGDFIFTSKLVDGRFPDYRRVLPKNPDKHLEAGCDLLKQAFARAAILSNEKFRGVRLYVSENQLKITANNPEQE
EAEEILDVTYSGAEMEIGFNVSYVLDVLNALKCENVRMMLTDSVSSVQIEDAASQSAAYVVMPMRL
;
A,B,C,D
2 'polypeptide(L)'
;MGSSHHHHHHSSGLVPRGSHMNTPAQLSLPLYLPDDETFASFWPGDNSSLLAALQNVLRQEHSGYIYLWAREGAGRSHLL
HAACAELSQRGDAVGYVPLDKRTWFVPEVLDGMEHLSLVCIDNIECIAGDELWEMAIFDLYNRILESGKTRLLITGDRPP
RQLNLGLPDLASRLDWGQIYKLQPLSDEDKLQALQLRARLRGFELPEDVGRFLLKRLDREMRTLFMTLDQLDRASITAQR
KLTIPFVKEILKL
;
E,F,G,H
#
# COMPACT_ATOMS: atom_id res chain seq x y z
N SER A 19 -12.74 -38.53 38.56
CA SER A 19 -13.82 -37.55 38.60
C SER A 19 -14.78 -37.82 39.75
N HIS A 20 -14.23 -37.89 40.96
CA HIS A 20 -15.06 -38.19 42.12
C HIS A 20 -14.54 -37.46 43.35
N MET A 21 -13.87 -36.33 43.15
CA MET A 21 -13.28 -35.58 44.24
C MET A 21 -14.35 -34.83 45.02
N LYS A 22 -14.16 -34.76 46.33
CA LYS A 22 -15.11 -34.06 47.20
C LYS A 22 -14.43 -33.76 48.52
N PHE A 23 -14.51 -32.50 48.96
CA PHE A 23 -13.95 -32.09 50.24
C PHE A 23 -14.75 -30.90 50.78
N THR A 24 -14.63 -30.68 52.08
CA THR A 24 -15.28 -29.57 52.76
C THR A 24 -14.31 -28.96 53.76
N VAL A 25 -14.09 -27.65 53.65
CA VAL A 25 -13.09 -26.95 54.47
C VAL A 25 -13.59 -25.54 54.74
N GLU A 26 -13.24 -25.01 55.91
CA GLU A 26 -13.59 -23.64 56.27
C GLU A 26 -12.97 -22.64 55.30
N ARG A 27 -13.61 -21.46 55.22
CA ARG A 27 -13.12 -20.41 54.33
C ARG A 27 -11.78 -19.85 54.81
N GLU A 28 -11.56 -19.82 56.12
CA GLU A 28 -10.32 -19.27 56.68
C GLU A 28 -9.14 -20.18 56.48
N HIS A 29 -9.35 -21.42 56.05
CA HIS A 29 -8.25 -22.34 55.78
C HIS A 29 -7.80 -22.32 54.31
N LEU A 30 -8.54 -21.62 53.46
CA LEU A 30 -8.24 -21.58 52.03
C LEU A 30 -7.67 -20.24 51.55
N LEU A 31 -8.05 -19.13 52.19
CA LEU A 31 -7.71 -17.80 51.71
C LEU A 31 -6.20 -17.63 51.52
N LYS A 32 -5.43 -17.87 52.58
CA LYS A 32 -3.98 -17.67 52.50
C LYS A 32 -3.31 -18.67 51.54
N PRO A 33 -3.64 -19.96 51.58
CA PRO A 33 -3.07 -20.86 50.56
C PRO A 33 -3.46 -20.49 49.14
N LEU A 34 -4.72 -20.11 48.91
CA LEU A 34 -5.15 -19.69 47.58
C LEU A 34 -4.36 -18.47 47.12
N GLN A 35 -4.20 -17.48 48.01
CA GLN A 35 -3.50 -16.26 47.63
C GLN A 35 -2.05 -16.53 47.27
N GLN A 36 -1.43 -17.51 47.94
CA GLN A 36 -0.04 -17.84 47.63
C GLN A 36 0.10 -18.50 46.26
N VAL A 37 -0.93 -19.24 45.82
CA VAL A 37 -0.91 -19.90 44.51
C VAL A 37 -1.61 -19.07 43.43
N SER A 38 -2.23 -17.94 43.78
CA SER A 38 -2.92 -17.06 42.84
C SER A 38 -2.21 -15.70 42.85
N GLY A 39 -1.18 -15.59 42.00
CA GLY A 39 -0.37 -14.39 41.89
C GLY A 39 -0.12 -13.91 40.48
N PRO A 40 0.89 -13.08 40.33
CA PRO A 40 1.29 -12.66 38.97
C PRO A 40 1.79 -13.84 38.14
N LEU A 41 1.01 -14.33 37.16
CA LEU A 41 1.50 -15.39 36.28
C LEU A 41 0.94 -15.10 34.89
N PRO A 45 -3.19 -15.07 29.10
CA PRO A 45 -1.80 -15.48 29.31
C PRO A 45 -1.66 -16.60 30.34
N THR A 46 -0.91 -17.65 30.00
CA THR A 46 -0.28 -17.76 28.69
C THR A 46 -0.72 -19.04 28.00
N LEU A 47 -1.48 -19.87 28.73
CA LEU A 47 -1.90 -21.16 28.21
C LEU A 47 -3.09 -21.63 29.02
N PRO A 48 -4.13 -22.22 28.40
CA PRO A 48 -5.38 -22.53 29.10
C PRO A 48 -5.26 -23.13 30.49
N ILE A 49 -4.52 -24.25 30.62
CA ILE A 49 -4.46 -24.91 31.92
C ILE A 49 -3.50 -24.21 32.87
N LEU A 50 -2.64 -23.33 32.38
CA LEU A 50 -1.70 -22.63 33.25
C LEU A 50 -2.38 -21.57 34.10
N GLY A 51 -3.61 -21.19 33.78
CA GLY A 51 -4.39 -20.30 34.60
C GLY A 51 -5.30 -21.00 35.59
N ASN A 52 -5.10 -22.29 35.79
CA ASN A 52 -5.90 -23.10 36.68
C ASN A 52 -5.07 -23.59 37.86
N LEU A 53 -5.77 -24.00 38.93
CA LEU A 53 -5.13 -24.57 40.10
C LEU A 53 -5.41 -26.07 40.15
N LEU A 54 -4.37 -26.85 40.41
CA LEU A 54 -4.49 -28.30 40.49
C LEU A 54 -4.94 -28.68 41.90
N LEU A 55 -6.23 -29.00 42.04
CA LEU A 55 -6.77 -29.47 43.31
C LEU A 55 -6.69 -30.99 43.33
N GLN A 56 -6.24 -31.55 44.46
CA GLN A 56 -6.11 -33.00 44.59
C GLN A 56 -6.24 -33.38 46.05
N VAL A 57 -7.20 -34.25 46.35
CA VAL A 57 -7.49 -34.68 47.71
C VAL A 57 -6.86 -36.05 47.95
N ALA A 58 -5.99 -36.13 48.95
CA ALA A 58 -5.41 -37.39 49.41
C ALA A 58 -5.58 -37.45 50.91
N ASP A 59 -6.34 -38.45 51.38
CA ASP A 59 -6.71 -38.54 52.80
C ASP A 59 -5.51 -38.44 53.73
N GLY A 60 -5.52 -37.42 54.58
CA GLY A 60 -6.61 -36.46 54.62
C GLY A 60 -6.16 -35.02 54.47
N THR A 61 -5.53 -34.71 53.34
CA THR A 61 -5.04 -33.38 53.05
C THR A 61 -5.49 -32.94 51.66
N LEU A 62 -5.46 -31.63 51.45
CA LEU A 62 -5.79 -31.00 50.17
C LEU A 62 -4.58 -30.26 49.65
N SER A 63 -4.20 -30.52 48.40
CA SER A 63 -3.04 -29.91 47.78
C SER A 63 -3.50 -28.98 46.66
N LEU A 64 -3.02 -27.74 46.70
CA LEU A 64 -3.32 -26.72 45.69
C LEU A 64 -2.03 -26.31 45.01
N THR A 65 -1.96 -26.52 43.69
CA THR A 65 -0.76 -26.26 42.92
C THR A 65 -1.07 -25.28 41.79
N GLY A 66 -0.09 -24.43 41.48
CA GLY A 66 -0.20 -23.50 40.36
C GLY A 66 1.16 -23.28 39.76
N THR A 67 1.27 -23.35 38.43
CA THR A 67 2.55 -23.26 37.76
C THR A 67 2.43 -22.45 36.48
N ASP A 68 3.58 -22.28 35.81
CA ASP A 68 3.65 -21.63 34.51
C ASP A 68 4.75 -22.26 33.64
N LEU A 69 4.99 -23.56 33.80
CA LEU A 69 6.02 -24.32 33.10
C LEU A 69 7.45 -23.90 33.47
N GLU A 70 7.59 -22.79 34.21
CA GLU A 70 8.90 -22.36 34.69
C GLU A 70 9.06 -22.50 36.19
N MET A 71 7.98 -22.41 36.95
CA MET A 71 8.03 -22.56 38.39
C MET A 71 6.67 -23.05 38.87
N GLU A 72 6.67 -23.70 40.02
CA GLU A 72 5.45 -24.23 40.61
C GLU A 72 5.35 -23.81 42.07
N MET A 73 4.13 -23.86 42.59
CA MET A 73 3.85 -23.44 43.96
C MET A 73 2.78 -24.36 44.53
N VAL A 74 3.13 -25.12 45.56
CA VAL A 74 2.24 -26.11 46.15
C VAL A 74 1.91 -25.71 47.59
N ALA A 75 0.64 -25.83 47.96
CA ALA A 75 0.17 -25.58 49.31
C ALA A 75 -0.68 -26.75 49.76
N ARG A 76 -0.47 -27.17 51.00
CA ARG A 76 -1.19 -28.31 51.59
C ARG A 76 -2.13 -27.80 52.68
N VAL A 77 -3.37 -28.29 52.66
CA VAL A 77 -4.40 -27.89 53.60
C VAL A 77 -4.92 -29.12 54.32
N ALA A 78 -4.91 -29.08 55.66
CA ALA A 78 -5.39 -30.20 56.45
C ALA A 78 -6.90 -30.29 56.40
N LEU A 79 -7.42 -31.46 56.04
CA LEU A 79 -8.86 -31.71 55.98
C LEU A 79 -9.28 -32.52 57.19
N VAL A 80 -10.09 -31.91 58.06
CA VAL A 80 -10.61 -32.59 59.24
C VAL A 80 -12.05 -33.04 59.06
N GLN A 81 -12.69 -32.66 57.97
CA GLN A 81 -14.07 -32.98 57.62
C GLN A 81 -14.10 -34.08 56.56
N PRO A 82 -15.20 -34.85 56.48
CA PRO A 82 -15.27 -35.95 55.53
C PRO A 82 -14.95 -35.51 54.11
N HIS A 83 -14.25 -36.38 53.38
CA HIS A 83 -13.76 -36.05 52.04
C HIS A 83 -13.61 -37.34 51.24
N GLU A 84 -13.41 -37.18 49.93
CA GLU A 84 -13.21 -38.30 49.02
C GLU A 84 -12.07 -38.00 48.07
N PRO A 85 -11.12 -38.93 47.89
CA PRO A 85 -9.96 -38.66 47.03
C PRO A 85 -10.34 -38.38 45.58
N GLY A 86 -9.55 -37.52 44.95
CA GLY A 86 -9.77 -37.13 43.57
C GLY A 86 -8.85 -36.00 43.18
N ALA A 87 -8.98 -35.57 41.93
CA ALA A 87 -8.15 -34.48 41.42
C ALA A 87 -8.85 -33.81 40.24
N THR A 88 -8.61 -32.51 40.09
CA THR A 88 -9.17 -31.71 39.00
C THR A 88 -8.43 -30.37 38.97
N THR A 89 -8.77 -29.55 37.97
CA THR A 89 -8.24 -28.20 37.83
C THR A 89 -9.39 -27.20 37.81
N VAL A 90 -9.09 -25.95 38.15
CA VAL A 90 -10.12 -24.92 38.26
C VAL A 90 -9.51 -23.53 38.08
N PRO A 91 -10.17 -22.62 37.31
CA PRO A 91 -9.67 -21.25 37.17
C PRO A 91 -9.27 -20.59 38.49
N ALA A 92 -8.01 -20.18 38.59
CA ALA A 92 -7.47 -19.69 39.86
C ALA A 92 -8.19 -18.43 40.33
N ARG A 93 -8.18 -17.38 39.50
CA ARG A 93 -8.68 -16.09 39.94
C ARG A 93 -10.17 -16.15 40.29
N LYS A 94 -10.94 -16.90 39.49
CA LYS A 94 -12.37 -17.07 39.80
C LYS A 94 -12.56 -17.84 41.10
N PHE A 95 -11.85 -18.95 41.26
CA PHE A 95 -12.00 -19.74 42.48
C PHE A 95 -11.52 -18.97 43.70
N PHE A 96 -10.49 -18.15 43.55
CA PHE A 96 -10.01 -17.35 44.67
C PHE A 96 -11.00 -16.26 45.02
N ASP A 97 -11.52 -15.53 44.01
CA ASP A 97 -12.48 -14.46 44.27
C ASP A 97 -13.76 -14.99 44.89
N ILE A 98 -14.14 -16.23 44.57
CA ILE A 98 -15.33 -16.82 45.18
C ILE A 98 -15.10 -17.07 46.66
N CYS A 99 -14.03 -17.79 47.01
CA CYS A 99 -13.74 -18.07 48.40
C CYS A 99 -13.46 -16.80 49.19
N ARG A 100 -12.87 -15.79 48.53
CA ARG A 100 -12.62 -14.51 49.19
C ARG A 100 -13.88 -13.70 49.36
N GLY A 101 -14.82 -13.81 48.41
CA GLY A 101 -16.08 -13.09 48.52
C GLY A 101 -17.06 -13.65 49.52
N LEU A 102 -16.89 -14.91 49.90
CA LEU A 102 -17.82 -15.54 50.84
C LEU A 102 -17.69 -14.91 52.22
N PRO A 103 -18.76 -14.91 53.01
CA PRO A 103 -18.69 -14.32 54.36
C PRO A 103 -17.67 -15.03 55.23
N GLU A 104 -17.28 -14.33 56.30
CA GLU A 104 -16.27 -14.85 57.21
C GLU A 104 -16.83 -16.01 58.02
N GLY A 105 -16.03 -17.08 58.13
CA GLY A 105 -16.41 -18.25 58.89
C GLY A 105 -17.23 -19.27 58.13
N ALA A 106 -17.45 -19.06 56.84
CA ALA A 106 -18.30 -19.95 56.07
C ALA A 106 -17.55 -21.22 55.67
N GLU A 107 -18.28 -22.32 55.62
CA GLU A 107 -17.75 -23.59 55.13
C GLU A 107 -17.95 -23.69 53.63
N ILE A 108 -16.96 -24.27 52.95
CA ILE A 108 -16.95 -24.39 51.50
C ILE A 108 -16.99 -25.87 51.15
N ALA A 109 -18.08 -26.31 50.52
CA ALA A 109 -18.24 -27.68 50.06
C ALA A 109 -17.96 -27.73 48.56
N VAL A 110 -16.98 -28.54 48.17
CA VAL A 110 -16.53 -28.64 46.78
C VAL A 110 -16.62 -30.09 46.32
N GLN A 111 -17.25 -30.30 45.18
CA GLN A 111 -17.35 -31.63 44.58
C GLN A 111 -17.44 -31.50 43.07
N LEU A 112 -17.16 -32.60 42.38
CA LEU A 112 -17.14 -32.65 40.92
C LEU A 112 -18.44 -33.24 40.41
N GLU A 113 -19.08 -32.54 39.48
CA GLU A 113 -20.31 -33.02 38.81
C GLU A 113 -20.14 -32.80 37.31
N GLY A 114 -19.67 -33.83 36.61
CA GLY A 114 -19.46 -33.74 35.18
C GLY A 114 -18.11 -33.15 34.82
N GLU A 115 -18.09 -32.28 33.81
CA GLU A 115 -16.88 -31.59 33.39
C GLU A 115 -16.71 -30.24 34.10
N ARG A 116 -17.36 -30.06 35.25
CA ARG A 116 -17.30 -28.81 35.97
C ARG A 116 -17.31 -29.07 37.47
N MET A 117 -16.77 -28.12 38.22
CA MET A 117 -16.65 -28.21 39.66
C MET A 117 -17.71 -27.34 40.33
N LEU A 118 -18.32 -27.86 41.39
CA LEU A 118 -19.39 -27.17 42.10
C LEU A 118 -18.91 -26.73 43.48
N VAL A 119 -19.06 -25.44 43.76
CA VAL A 119 -18.71 -24.85 45.05
C VAL A 119 -19.99 -24.40 45.74
N ARG A 120 -20.21 -24.86 46.96
CA ARG A 120 -21.40 -24.53 47.74
C ARG A 120 -21.01 -23.98 49.09
N SER A 121 -21.66 -22.87 49.49
CA SER A 121 -21.46 -22.28 50.82
C SER A 121 -22.76 -21.60 51.21
N GLY A 122 -23.56 -22.29 52.02
CA GLY A 122 -24.85 -21.75 52.43
C GLY A 122 -25.83 -21.84 51.28
N ARG A 123 -26.44 -20.70 50.95
CA ARG A 123 -27.37 -20.60 49.82
C ARG A 123 -26.67 -20.13 48.55
N SER A 124 -25.34 -20.23 48.51
CA SER A 124 -24.55 -19.82 47.36
C SER A 124 -24.01 -21.07 46.66
N ARG A 125 -24.23 -21.14 45.34
CA ARG A 125 -23.78 -22.26 44.54
C ARG A 125 -23.03 -21.74 43.32
N PHE A 126 -21.84 -22.27 43.08
CA PHE A 126 -21.00 -21.86 41.97
C PHE A 126 -20.60 -23.08 41.15
N SER A 127 -20.63 -22.94 39.83
CA SER A 127 -20.25 -24.00 38.90
C SER A 127 -19.14 -23.48 38.00
N LEU A 128 -17.96 -24.09 38.09
CA LEU A 128 -16.77 -23.65 37.37
C LEU A 128 -16.35 -24.71 36.37
N SER A 129 -16.14 -24.28 35.13
CA SER A 129 -15.63 -25.18 34.10
C SER A 129 -14.22 -25.62 34.44
N THR A 130 -13.93 -26.90 34.20
CA THR A 130 -12.67 -27.51 34.61
C THR A 130 -11.95 -28.09 33.41
N LEU A 131 -10.67 -28.40 33.62
CA LEU A 131 -9.80 -29.11 32.69
C LEU A 131 -9.22 -30.35 33.37
N PRO A 132 -8.98 -31.42 32.61
CA PRO A 132 -8.48 -32.66 33.22
C PRO A 132 -7.21 -32.45 34.03
N ALA A 133 -7.16 -33.07 35.20
CA ALA A 133 -6.01 -32.96 36.08
C ALA A 133 -4.79 -33.70 35.54
N ALA A 134 -4.99 -34.68 34.66
CA ALA A 134 -3.85 -35.41 34.10
C ALA A 134 -3.05 -34.58 33.12
N ASP A 135 -3.62 -33.49 32.61
CA ASP A 135 -2.96 -32.59 31.68
C ASP A 135 -2.15 -31.50 32.38
N PHE A 136 -2.04 -31.55 33.70
CA PHE A 136 -1.35 -30.51 34.45
C PHE A 136 0.15 -30.73 34.41
N PRO A 137 0.94 -29.71 34.10
CA PRO A 137 2.40 -29.87 34.05
C PRO A 137 3.03 -30.17 35.41
N ASN A 138 3.53 -31.39 35.58
CA ASN A 138 4.19 -31.79 36.82
C ASN A 138 5.70 -31.67 36.68
N LEU A 139 6.33 -30.95 37.59
CA LEU A 139 7.78 -30.79 37.59
C LEU A 139 8.46 -32.11 37.97
N ASP A 140 9.35 -32.58 37.12
CA ASP A 140 10.07 -33.83 37.38
C ASP A 140 10.94 -33.69 38.62
N ASP A 141 10.67 -34.50 39.63
CA ASP A 141 11.40 -34.44 40.89
C ASP A 141 12.87 -34.80 40.67
N TRP A 142 13.75 -33.85 40.97
CA TRP A 142 15.19 -33.99 40.76
C TRP A 142 15.88 -34.39 42.06
N GLN A 143 17.21 -34.43 42.03
CA GLN A 143 18.03 -34.79 43.18
C GLN A 143 18.52 -33.53 43.88
N SER A 144 18.13 -33.35 45.12
CA SER A 144 18.60 -32.21 45.88
C SER A 144 20.07 -32.40 46.26
N GLU A 145 20.79 -31.27 46.38
CA GLU A 145 22.19 -31.31 46.75
C GLU A 145 22.44 -30.50 48.01
N VAL A 146 22.64 -29.19 47.85
CA VAL A 146 22.88 -28.31 48.98
C VAL A 146 21.55 -27.97 49.64
N GLU A 147 21.49 -28.13 50.97
CA GLU A 147 20.28 -27.86 51.72
C GLU A 147 20.64 -27.15 53.02
N PHE A 148 19.93 -26.08 53.33
CA PHE A 148 20.18 -25.29 54.53
C PHE A 148 18.89 -24.63 54.98
N THR A 149 18.91 -24.12 56.21
CA THR A 149 17.75 -23.45 56.82
C THR A 149 18.18 -22.10 57.36
N LEU A 150 17.54 -21.04 56.88
CA LEU A 150 17.83 -19.68 57.30
C LEU A 150 16.53 -18.94 57.61
N PRO A 151 16.57 -17.94 58.47
CA PRO A 151 15.35 -17.17 58.77
C PRO A 151 14.87 -16.37 57.57
N GLN A 152 13.59 -16.02 57.61
CA GLN A 152 13.00 -15.26 56.51
C GLN A 152 13.58 -13.86 56.41
N ALA A 153 13.98 -13.25 57.53
CA ALA A 153 14.53 -11.91 57.49
C ALA A 153 15.86 -11.88 56.74
N THR A 154 16.66 -12.93 56.88
CA THR A 154 17.93 -13.00 56.15
C THR A 154 17.71 -13.14 54.65
N MET A 155 16.77 -14.01 54.25
CA MET A 155 16.48 -14.17 52.84
C MET A 155 15.91 -12.90 52.24
N LYS A 156 15.05 -12.20 52.99
CA LYS A 156 14.48 -10.95 52.49
C LYS A 156 15.56 -9.88 52.34
N ARG A 157 16.54 -9.86 53.24
CA ARG A 157 17.62 -8.88 53.13
C ARG A 157 18.51 -9.19 51.93
N LEU A 158 18.81 -10.48 51.72
CA LEU A 158 19.67 -10.86 50.59
C LEU A 158 19.03 -10.49 49.26
N ILE A 159 17.71 -10.61 49.16
CA ILE A 159 17.02 -10.31 47.92
C ILE A 159 16.87 -8.81 47.72
N GLU A 160 16.34 -8.11 48.73
CA GLU A 160 16.07 -6.68 48.62
C GLU A 160 17.32 -5.88 48.28
N ALA A 161 18.48 -6.31 48.78
CA ALA A 161 19.72 -5.55 48.57
C ALA A 161 20.26 -5.68 47.16
N THR A 162 19.80 -6.66 46.38
CA THR A 162 20.36 -6.91 45.05
C THR A 162 19.31 -7.02 43.95
N GLN A 163 18.03 -7.15 44.29
CA GLN A 163 17.00 -7.41 43.29
C GLN A 163 16.96 -6.35 42.20
N PHE A 164 17.05 -5.07 42.58
CA PHE A 164 16.84 -3.98 41.61
C PHE A 164 17.89 -3.97 40.51
N SER A 165 19.01 -4.67 40.67
CA SER A 165 20.08 -4.64 39.69
C SER A 165 19.95 -5.75 38.64
N MET A 166 18.86 -6.51 38.66
CA MET A 166 18.67 -7.55 37.65
C MET A 166 18.28 -6.92 36.31
N ALA A 167 18.52 -7.67 35.24
CA ALA A 167 18.16 -7.27 33.89
C ALA A 167 16.80 -7.86 33.52
N HIS A 168 16.15 -7.25 32.54
CA HIS A 168 14.82 -7.64 32.09
C HIS A 168 14.88 -8.09 30.64
N GLN A 169 14.78 -9.40 30.41
CA GLN A 169 14.66 -9.97 29.07
C GLN A 169 15.83 -9.55 28.18
N ASP A 170 17.03 -9.88 28.64
CA ASP A 170 18.27 -9.53 27.95
C ASP A 170 18.80 -10.73 27.17
N VAL A 171 19.57 -10.45 26.13
CA VAL A 171 20.23 -11.52 25.40
C VAL A 171 21.19 -12.26 26.33
N ARG A 172 21.82 -11.53 27.26
CA ARG A 172 22.59 -12.15 28.33
C ARG A 172 21.59 -12.76 29.31
N TYR A 173 21.07 -13.93 28.94
CA TYR A 173 20.02 -14.56 29.72
C TYR A 173 20.47 -14.87 31.14
N TYR A 174 21.77 -15.01 31.37
CA TYR A 174 22.28 -15.27 32.71
C TYR A 174 22.14 -14.06 33.62
N LEU A 175 21.92 -12.87 33.06
CA LEU A 175 21.73 -11.67 33.86
C LEU A 175 20.29 -11.45 34.28
N ASN A 176 19.33 -12.10 33.63
CA ASN A 176 17.93 -11.93 33.96
C ASN A 176 17.56 -12.71 35.21
N GLY A 177 18.29 -12.49 36.29
CA GLY A 177 18.04 -13.21 37.52
C GLY A 177 19.08 -12.85 38.55
N MET A 178 19.05 -13.58 39.66
CA MET A 178 19.95 -13.35 40.78
C MET A 178 20.78 -14.59 41.07
N LEU A 179 22.06 -14.38 41.36
CA LEU A 179 23.00 -15.46 41.64
C LEU A 179 22.98 -15.79 43.13
N PHE A 180 22.49 -16.98 43.48
CA PHE A 180 22.57 -17.48 44.85
C PHE A 180 23.83 -18.32 44.99
N GLU A 181 24.71 -17.92 45.92
CA GLU A 181 26.02 -18.54 46.06
C GLU A 181 26.30 -18.85 47.52
N THR A 182 26.44 -20.12 47.85
CA THR A 182 26.84 -20.56 49.19
C THR A 182 28.34 -20.80 49.20
N GLU A 183 29.03 -20.26 50.21
CA GLU A 183 30.47 -20.43 50.33
C GLU A 183 30.81 -20.55 51.82
N GLY A 184 30.97 -21.78 52.28
CA GLY A 184 31.39 -22.02 53.65
C GLY A 184 30.34 -21.68 54.68
N GLU A 185 30.39 -20.44 55.19
CA GLU A 185 29.49 -20.01 56.26
C GLU A 185 28.47 -18.98 55.82
N GLU A 186 28.68 -18.31 54.68
CA GLU A 186 27.84 -17.23 54.22
C GLU A 186 27.08 -17.62 52.96
N LEU A 187 25.90 -17.03 52.81
CA LEU A 187 25.09 -17.12 51.59
C LEU A 187 25.08 -15.74 50.93
N ARG A 188 25.52 -15.68 49.67
CA ARG A 188 25.71 -14.42 48.96
C ARG A 188 24.84 -14.37 47.71
N THR A 189 24.20 -13.22 47.50
CA THR A 189 23.38 -12.97 46.32
C THR A 189 24.00 -11.85 45.48
N VAL A 190 24.07 -12.06 44.17
CA VAL A 190 24.66 -11.10 43.24
C VAL A 190 23.68 -10.87 42.09
N ALA A 191 23.60 -9.62 41.64
CA ALA A 191 22.76 -9.27 40.49
C ALA A 191 23.38 -8.10 39.74
N THR A 192 23.38 -8.20 38.42
CA THR A 192 23.94 -7.17 37.56
C THR A 192 23.20 -7.16 36.23
N ASP A 193 23.23 -6.01 35.56
CA ASP A 193 22.54 -5.83 34.29
C ASP A 193 23.44 -5.29 33.19
N GLY A 194 24.75 -5.32 33.37
CA GLY A 194 25.67 -4.79 32.40
C GLY A 194 25.98 -3.32 32.55
N HIS A 195 25.34 -2.63 33.49
CA HIS A 195 25.60 -1.23 33.76
C HIS A 195 25.92 -1.02 35.23
N ARG A 196 25.31 -1.82 36.10
CA ARG A 196 25.58 -1.74 37.53
C ARG A 196 25.38 -3.09 38.18
N LEU A 197 26.16 -3.35 39.24
CA LEU A 197 26.18 -4.61 39.94
C LEU A 197 25.87 -4.40 41.41
N ALA A 198 25.20 -5.39 42.02
CA ALA A 198 24.87 -5.39 43.43
C ALA A 198 25.16 -6.76 44.01
N VAL A 199 25.84 -6.79 45.16
CA VAL A 199 26.21 -8.05 45.82
C VAL A 199 26.01 -7.90 47.33
N CYS A 200 25.25 -8.83 47.91
CA CYS A 200 25.03 -8.88 49.35
C CYS A 200 25.44 -10.24 49.89
N SER A 201 25.80 -10.28 51.18
CA SER A 201 26.28 -11.50 51.79
C SER A 201 25.85 -11.56 53.26
N MET A 202 25.21 -12.65 53.64
CA MET A 202 24.72 -12.86 55.00
C MET A 202 25.15 -14.22 55.51
N PRO A 203 25.56 -14.32 56.77
CA PRO A 203 26.01 -15.60 57.31
C PRO A 203 24.86 -16.45 57.87
N ILE A 204 25.07 -17.77 57.84
CA ILE A 204 24.13 -18.71 58.44
C ILE A 204 24.82 -19.45 59.57
N GLY A 205 24.16 -20.46 60.14
CA GLY A 205 24.68 -21.16 61.29
C GLY A 205 25.38 -22.46 61.00
N GLN A 206 25.33 -22.93 59.76
CA GLN A 206 25.93 -24.20 59.39
C GLN A 206 26.91 -24.01 58.24
N SER A 207 27.85 -24.95 58.13
CA SER A 207 28.83 -24.94 57.06
C SER A 207 28.22 -25.51 55.79
N LEU A 208 28.43 -24.83 54.66
CA LEU A 208 27.81 -25.22 53.41
C LEU A 208 28.85 -25.49 52.33
N PRO A 209 28.63 -26.47 51.46
CA PRO A 209 29.53 -26.68 50.34
C PRO A 209 29.41 -25.56 49.32
N SER A 210 30.55 -25.24 48.70
CA SER A 210 30.60 -24.17 47.72
C SER A 210 29.73 -24.49 46.51
N HIS A 211 28.72 -23.66 46.26
CA HIS A 211 27.77 -23.90 45.18
C HIS A 211 27.12 -22.57 44.79
N SER A 212 26.85 -22.40 43.50
CA SER A 212 26.25 -21.17 42.98
C SER A 212 25.30 -21.49 41.84
N VAL A 213 24.08 -20.94 41.91
CA VAL A 213 23.06 -21.11 40.88
C VAL A 213 22.45 -19.75 40.56
N ILE A 214 21.71 -19.70 39.45
CA ILE A 214 21.07 -18.48 38.96
C ILE A 214 19.56 -18.66 39.05
N VAL A 215 18.93 -17.96 39.99
CA VAL A 215 17.48 -17.99 40.13
C VAL A 215 16.85 -16.95 39.20
N PRO A 216 15.88 -17.33 38.37
CA PRO A 216 15.29 -16.40 37.40
C PRO A 216 14.64 -15.20 38.08
N ARG A 217 14.33 -14.20 37.25
CA ARG A 217 13.65 -12.99 37.72
C ARG A 217 12.36 -13.32 38.45
N LYS A 218 11.42 -13.95 37.75
CA LYS A 218 10.13 -14.28 38.36
C LYS A 218 10.30 -15.20 39.55
N GLY A 219 11.33 -16.05 39.54
CA GLY A 219 11.61 -16.87 40.70
C GLY A 219 12.00 -16.06 41.91
N VAL A 220 12.86 -15.05 41.71
CA VAL A 220 13.24 -14.15 42.80
C VAL A 220 12.03 -13.39 43.32
N ILE A 221 11.17 -12.93 42.42
CA ILE A 221 9.96 -12.21 42.81
C ILE A 221 9.08 -13.10 43.68
N GLU A 222 8.85 -14.34 43.22
CA GLU A 222 7.97 -15.24 43.95
C GLU A 222 8.61 -15.74 45.24
N LEU A 223 9.94 -15.81 45.27
CA LEU A 223 10.63 -16.29 46.46
C LEU A 223 10.50 -15.30 47.61
N MET A 224 10.40 -14.01 47.32
CA MET A 224 10.31 -13.00 48.35
C MET A 224 8.87 -12.73 48.77
N ARG A 225 7.91 -12.79 47.85
CA ARG A 225 6.53 -12.54 48.20
C ARG A 225 5.92 -13.65 49.03
N MET A 226 6.55 -14.82 49.04
CA MET A 226 6.09 -15.91 49.91
C MET A 226 6.59 -15.76 51.34
N LEU A 227 7.52 -14.83 51.59
CA LEU A 227 8.01 -14.58 52.92
C LEU A 227 7.05 -13.69 53.69
N ASP A 228 6.67 -14.14 54.89
CA ASP A 228 5.75 -13.38 55.74
C ASP A 228 6.41 -12.99 57.05
N GLY A 229 5.61 -12.71 58.08
CA GLY A 229 6.17 -12.34 59.37
C GLY A 229 6.82 -13.52 60.07
N GLY A 230 6.13 -14.66 60.09
CA GLY A 230 6.65 -15.86 60.73
C GLY A 230 5.64 -16.51 61.65
N ASP A 231 6.13 -17.17 62.70
CA ASP A 231 7.55 -17.27 62.96
C ASP A 231 8.10 -18.63 62.53
N ASN A 232 8.22 -18.82 61.21
CA ASN A 232 8.73 -20.07 60.67
C ASN A 232 10.01 -19.83 59.88
N PRO A 233 10.99 -20.73 59.99
CA PRO A 233 12.22 -20.59 59.20
C PRO A 233 11.98 -20.96 57.74
N LEU A 234 13.04 -20.85 56.95
CA LEU A 234 12.99 -21.11 55.52
C LEU A 234 13.95 -22.27 55.20
N ARG A 235 13.38 -23.40 54.79
CA ARG A 235 14.17 -24.54 54.33
C ARG A 235 14.39 -24.40 52.83
N VAL A 236 15.66 -24.33 52.42
CA VAL A 236 16.03 -24.14 51.02
C VAL A 236 16.79 -25.37 50.55
N GLN A 237 16.37 -25.92 49.41
CA GLN A 237 17.00 -27.10 48.81
C GLN A 237 17.45 -26.75 47.38
N ILE A 238 18.71 -26.34 47.25
CA ILE A 238 19.29 -26.04 45.94
C ILE A 238 19.77 -27.33 45.31
N GLY A 239 19.31 -27.60 44.09
CA GLY A 239 19.66 -28.80 43.38
C GLY A 239 20.56 -28.54 42.19
N SER A 240 20.62 -29.53 41.29
CA SER A 240 21.48 -29.41 40.11
C SER A 240 20.90 -28.40 39.12
N ASN A 241 19.60 -28.46 38.87
CA ASN A 241 18.97 -27.55 37.92
C ASN A 241 17.66 -26.96 38.44
N ASN A 242 17.33 -27.16 39.72
CA ASN A 242 16.13 -26.60 40.31
C ASN A 242 16.45 -26.12 41.72
N ILE A 243 15.59 -25.23 42.24
CA ILE A 243 15.70 -24.74 43.60
C ILE A 243 14.33 -24.87 44.26
N ARG A 244 14.33 -25.25 45.53
CA ARG A 244 13.10 -25.47 46.28
C ARG A 244 13.21 -24.81 47.64
N ALA A 245 12.15 -24.08 48.02
CA ALA A 245 12.11 -23.35 49.29
C ALA A 245 10.87 -23.78 50.06
N HIS A 246 11.08 -24.24 51.30
CA HIS A 246 10.00 -24.68 52.18
C HIS A 246 9.82 -23.63 53.28
N VAL A 247 8.60 -23.10 53.38
CA VAL A 247 8.26 -22.18 54.46
C VAL A 247 6.79 -22.38 54.81
N GLY A 248 6.52 -22.70 56.07
CA GLY A 248 5.16 -23.03 56.46
C GLY A 248 4.72 -24.32 55.80
N ASP A 249 3.56 -24.28 55.15
CA ASP A 249 3.06 -25.41 54.37
C ASP A 249 3.19 -25.17 52.87
N PHE A 250 3.95 -24.15 52.47
CA PHE A 250 4.15 -23.81 51.07
C PHE A 250 5.49 -24.36 50.61
N ILE A 251 5.51 -24.94 49.42
CA ILE A 251 6.72 -25.50 48.82
C ILE A 251 6.88 -24.84 47.46
N PHE A 252 7.78 -23.87 47.36
CA PHE A 252 8.05 -23.18 46.11
C PHE A 252 9.20 -23.87 45.37
N THR A 253 8.98 -24.18 44.09
CA THR A 253 9.99 -24.81 43.26
C THR A 253 10.10 -24.05 41.95
N SER A 254 11.33 -23.80 41.51
CA SER A 254 11.57 -23.04 40.29
C SER A 254 12.79 -23.60 39.58
N LYS A 255 12.73 -23.61 38.25
CA LYS A 255 13.89 -23.99 37.46
C LYS A 255 14.97 -22.92 37.54
N LEU A 256 16.20 -23.33 37.27
CA LEU A 256 17.35 -22.44 37.32
C LEU A 256 17.80 -22.05 35.92
N VAL A 257 18.42 -20.89 35.81
CA VAL A 257 18.92 -20.38 34.54
C VAL A 257 20.21 -21.12 34.20
N ASP A 258 20.17 -21.93 33.14
CA ASP A 258 21.32 -22.72 32.70
C ASP A 258 22.31 -21.80 32.00
N GLY A 259 23.11 -21.11 32.80
CA GLY A 259 24.11 -20.20 32.26
C GLY A 259 25.24 -19.98 33.24
N ARG A 260 26.27 -19.29 32.75
CA ARG A 260 27.47 -19.00 33.53
C ARG A 260 27.40 -17.53 33.95
N PHE A 261 27.24 -17.30 35.25
CA PHE A 261 27.15 -15.94 35.77
C PHE A 261 28.54 -15.33 35.87
N PRO A 262 28.69 -14.06 35.49
CA PRO A 262 30.02 -13.42 35.53
C PRO A 262 30.57 -13.35 36.95
N ASP A 263 31.89 -13.26 37.02
CA ASP A 263 32.58 -13.15 38.31
C ASP A 263 32.46 -11.72 38.83
N TYR A 264 31.82 -11.55 39.98
CA TYR A 264 31.64 -10.21 40.53
C TYR A 264 32.93 -9.70 41.17
N ARG A 265 33.80 -10.59 41.63
CA ARG A 265 35.06 -10.17 42.22
C ARG A 265 35.99 -9.55 41.19
N ARG A 266 35.84 -9.96 39.92
CA ARG A 266 36.61 -9.37 38.83
C ARG A 266 36.05 -8.04 38.38
N VAL A 267 34.89 -7.65 38.92
CA VAL A 267 34.22 -6.40 38.57
C VAL A 267 34.54 -5.30 39.58
N LEU A 268 34.70 -5.67 40.85
CA LEU A 268 34.96 -4.70 41.91
C LEU A 268 36.22 -3.89 41.60
N PRO A 269 36.18 -2.55 41.69
CA PRO A 269 37.35 -1.74 41.36
C PRO A 269 38.60 -2.10 42.16
N LYS A 270 39.58 -2.71 41.49
CA LYS A 270 40.81 -3.13 42.16
C LYS A 270 41.69 -1.92 42.46
N ASN A 271 42.01 -1.73 43.74
CA ASN A 271 42.86 -0.67 44.25
C ASN A 271 42.42 0.72 43.82
N PRO A 272 41.31 1.24 44.35
CA PRO A 272 40.97 2.64 44.11
C PRO A 272 41.78 3.55 45.02
N ASP A 273 41.96 4.79 44.56
CA ASP A 273 42.77 5.77 45.27
C ASP A 273 41.97 6.94 45.83
N LYS A 274 40.65 6.95 45.62
CA LYS A 274 39.80 8.05 46.08
C LYS A 274 38.64 7.49 46.88
N HIS A 275 38.48 7.96 48.11
CA HIS A 275 37.41 7.53 49.01
C HIS A 275 36.61 8.74 49.48
N LEU A 276 35.28 8.65 49.37
CA LEU A 276 34.39 9.75 49.74
C LEU A 276 33.31 9.22 50.68
N GLU A 277 33.21 9.82 51.86
CA GLU A 277 32.13 9.54 52.79
C GLU A 277 31.15 10.71 52.83
N ALA A 278 29.87 10.40 52.92
CA ALA A 278 28.84 11.43 52.94
C ALA A 278 27.61 10.88 53.66
N GLY A 279 26.76 11.78 54.12
CA GLY A 279 25.50 11.38 54.71
C GLY A 279 24.60 10.77 53.64
N CYS A 280 24.08 9.57 53.93
CA CYS A 280 23.30 8.85 52.92
C CYS A 280 22.06 9.63 52.52
N ASP A 281 21.35 10.21 53.50
CA ASP A 281 20.12 10.94 53.18
C ASP A 281 20.44 12.23 52.42
N LEU A 282 21.35 13.05 52.94
CA LEU A 282 21.68 14.31 52.27
C LEU A 282 22.21 14.08 50.86
N LEU A 283 22.91 12.97 50.65
CA LEU A 283 23.37 12.65 49.30
C LEU A 283 22.20 12.23 48.42
N LYS A 284 21.31 11.38 48.95
CA LYS A 284 20.14 10.94 48.20
C LYS A 284 19.25 12.11 47.82
N GLN A 285 18.99 13.01 48.77
CA GLN A 285 18.12 14.15 48.48
C GLN A 285 18.76 15.11 47.50
N ALA A 286 20.09 15.24 47.53
CA ALA A 286 20.77 16.11 46.57
C ALA A 286 20.66 15.56 45.16
N PHE A 287 20.88 14.25 44.98
CA PHE A 287 20.72 13.65 43.67
C PHE A 287 19.28 13.70 43.20
N ALA A 288 18.33 13.55 44.13
CA ALA A 288 16.91 13.56 43.76
C ALA A 288 16.51 14.93 43.23
N ARG A 289 17.00 16.00 43.85
CA ARG A 289 16.69 17.34 43.35
C ARG A 289 17.40 17.63 42.04
N ALA A 290 18.62 17.11 41.86
CA ALA A 290 19.33 17.34 40.61
C ALA A 290 18.73 16.53 39.47
N ALA A 291 18.10 15.39 39.78
CA ALA A 291 17.48 14.58 38.74
C ALA A 291 16.27 15.25 38.13
N ILE A 292 15.70 16.26 38.80
CA ILE A 292 14.53 16.94 38.30
C ILE A 292 14.82 17.61 36.97
N LEU A 293 15.96 18.30 36.87
CA LEU A 293 16.34 19.03 35.67
C LEU A 293 17.32 18.25 34.80
N SER A 294 17.47 16.96 35.02
CA SER A 294 18.28 16.13 34.14
C SER A 294 17.49 15.76 32.89
N ASN A 295 18.16 15.09 31.95
CA ASN A 295 17.49 14.63 30.74
C ASN A 295 16.45 13.56 31.09
N GLU A 296 15.25 13.69 30.49
CA GLU A 296 14.17 12.76 30.81
C GLU A 296 14.48 11.34 30.37
N LYS A 297 15.32 11.17 29.35
CA LYS A 297 15.62 9.85 28.80
C LYS A 297 16.96 9.31 29.26
N PHE A 298 18.01 10.12 29.22
CA PHE A 298 19.35 9.65 29.54
C PHE A 298 19.72 9.81 31.01
N ARG A 299 19.01 10.68 31.74
CA ARG A 299 19.17 10.81 33.19
C ARG A 299 20.61 11.15 33.59
N GLY A 300 21.23 12.06 32.86
CA GLY A 300 22.63 12.38 33.07
C GLY A 300 22.90 13.45 34.12
N VAL A 301 23.71 13.10 35.12
CA VAL A 301 24.22 14.05 36.11
C VAL A 301 25.73 13.89 36.18
N ARG A 302 26.41 14.98 36.53
CA ARG A 302 27.87 14.99 36.65
C ARG A 302 28.29 15.36 38.06
N LEU A 303 29.14 14.53 38.65
CA LEU A 303 29.66 14.74 39.99
C LEU A 303 31.06 15.34 39.90
N TYR A 304 31.30 16.42 40.63
CA TYR A 304 32.61 17.05 40.70
C TYR A 304 33.12 17.01 42.14
N VAL A 305 34.04 16.08 42.42
CA VAL A 305 34.63 15.94 43.75
C VAL A 305 35.84 16.86 43.86
N SER A 306 35.96 17.53 45.00
CA SER A 306 37.09 18.42 45.27
C SER A 306 37.42 18.34 46.75
N GLU A 307 38.13 19.34 47.26
CA GLU A 307 38.53 19.37 48.67
C GLU A 307 37.32 19.43 49.59
N ASN A 308 36.94 18.29 50.17
CA ASN A 308 35.85 18.21 51.14
C ASN A 308 34.55 18.79 50.59
N GLN A 309 34.29 18.55 49.31
CA GLN A 309 33.11 19.11 48.68
C GLN A 309 32.73 18.29 47.46
N LEU A 310 31.42 18.04 47.31
CA LEU A 310 30.84 17.39 46.15
C LEU A 310 29.85 18.35 45.48
N LYS A 311 29.98 18.52 44.17
CA LYS A 311 29.15 19.42 43.39
C LYS A 311 28.42 18.62 42.31
N ILE A 312 27.12 18.45 42.49
CA ILE A 312 26.28 17.70 41.56
C ILE A 312 25.50 18.69 40.69
N THR A 313 25.68 18.61 39.38
CA THR A 313 24.98 19.47 38.44
C THR A 313 24.29 18.62 37.38
N ALA A 314 23.22 19.17 36.80
CA ALA A 314 22.45 18.48 35.77
C ALA A 314 21.75 19.51 34.90
N ASN A 315 21.46 19.11 33.66
CA ASN A 315 20.78 19.99 32.70
C ASN A 315 20.00 19.13 31.71
N ASN A 316 19.00 19.76 31.09
CA ASN A 316 18.10 19.10 30.16
C ASN A 316 18.10 19.83 28.81
N PRO A 317 17.56 19.20 27.74
CA PRO A 317 17.50 19.87 26.44
C PRO A 317 16.78 21.22 26.45
N GLU A 318 15.96 21.46 27.47
CA GLU A 318 15.32 22.77 27.63
C GLU A 318 16.29 23.81 28.18
N GLN A 319 17.56 23.46 28.31
CA GLN A 319 18.62 24.34 28.80
C GLN A 319 18.37 24.79 30.24
N GLU A 320 17.67 23.97 31.02
CA GLU A 320 17.44 24.24 32.43
C GLU A 320 18.50 23.51 33.26
N GLU A 321 19.25 24.25 34.06
CA GLU A 321 20.34 23.68 34.84
C GLU A 321 19.99 23.68 36.33
N ALA A 322 20.49 22.65 37.02
CA ALA A 322 20.32 22.49 38.46
C ALA A 322 21.69 22.17 39.07
N GLU A 323 22.06 22.91 40.12
CA GLU A 323 23.35 22.76 40.78
C GLU A 323 23.14 22.44 42.25
N GLU A 324 23.80 21.37 42.72
CA GLU A 324 23.72 20.94 44.10
C GLU A 324 25.12 20.76 44.66
N ILE A 325 25.48 21.61 45.63
CA ILE A 325 26.76 21.53 46.32
C ILE A 325 26.51 21.08 47.75
N LEU A 326 27.28 20.10 48.21
CA LEU A 326 27.14 19.59 49.57
C LEU A 326 28.50 19.24 50.14
N ASP A 327 28.66 19.46 51.44
CA ASP A 327 29.91 19.19 52.13
C ASP A 327 30.06 17.71 52.40
N VAL A 328 31.21 17.15 52.02
CA VAL A 328 31.52 15.75 52.24
C VAL A 328 32.92 15.66 52.84
N THR A 329 33.31 14.45 53.23
CA THR A 329 34.65 14.17 53.74
C THR A 329 35.42 13.49 52.61
N TYR A 330 36.26 14.26 51.92
CA TYR A 330 37.01 13.75 50.78
C TYR A 330 38.34 14.49 50.69
N SER A 331 39.41 13.73 50.44
CA SER A 331 40.75 14.28 50.37
C SER A 331 41.50 13.94 49.08
N GLY A 332 40.95 13.07 48.24
CA GLY A 332 41.62 12.67 47.01
C GLY A 332 41.70 13.80 46.00
N ALA A 333 42.26 13.46 44.84
CA ALA A 333 42.40 14.43 43.75
C ALA A 333 41.06 14.81 43.17
N GLU A 334 41.00 16.02 42.59
CA GLU A 334 39.77 16.53 42.00
C GLU A 334 39.43 15.78 40.72
N MET A 335 38.15 15.47 40.54
CA MET A 335 37.68 14.71 39.40
C MET A 335 36.23 15.08 39.09
N GLU A 336 35.90 15.12 37.79
CA GLU A 336 34.53 15.27 37.32
C GLU A 336 34.10 13.99 36.63
N ILE A 337 33.02 13.38 37.11
CA ILE A 337 32.54 12.10 36.58
C ILE A 337 31.02 12.16 36.41
N GLY A 338 30.54 11.63 35.28
CA GLY A 338 29.12 11.58 35.01
C GLY A 338 28.47 10.27 35.43
N PHE A 339 27.15 10.31 35.64
CA PHE A 339 26.43 9.13 36.11
C PHE A 339 24.98 9.17 35.66
N ASN A 340 24.39 7.98 35.59
CA ASN A 340 22.94 7.83 35.46
C ASN A 340 22.34 8.01 36.84
N VAL A 341 21.62 9.12 37.05
CA VAL A 341 21.14 9.46 38.38
C VAL A 341 20.19 8.40 38.93
N SER A 342 19.52 7.65 38.06
CA SER A 342 18.63 6.60 38.54
C SER A 342 19.42 5.45 39.16
N TYR A 343 20.56 5.08 38.55
CA TYR A 343 21.37 4.01 39.10
C TYR A 343 21.93 4.39 40.47
N VAL A 344 22.40 5.63 40.62
CA VAL A 344 22.96 6.07 41.89
C VAL A 344 21.88 6.14 42.95
N LEU A 345 20.68 6.63 42.59
CA LEU A 345 19.60 6.72 43.56
C LEU A 345 19.10 5.35 43.98
N ASP A 346 19.14 4.36 43.07
CA ASP A 346 18.74 3.01 43.43
C ASP A 346 19.68 2.44 44.48
N VAL A 347 20.97 2.76 44.39
CA VAL A 347 21.94 2.28 45.37
C VAL A 347 21.70 2.95 46.72
N LEU A 348 21.50 4.27 46.71
CA LEU A 348 21.28 4.99 47.96
C LEU A 348 19.96 4.59 48.62
N ASN A 349 18.99 4.14 47.82
CA ASN A 349 17.74 3.64 48.39
C ASN A 349 17.91 2.25 48.98
N ALA A 350 18.77 1.42 48.41
CA ALA A 350 19.04 0.10 48.97
C ALA A 350 19.87 0.18 50.25
N LEU A 351 20.64 1.26 50.41
CA LEU A 351 21.48 1.44 51.59
C LEU A 351 20.70 2.25 52.62
N LYS A 352 19.77 1.58 53.31
CA LYS A 352 19.03 2.23 54.38
C LYS A 352 19.93 2.39 55.59
N CYS A 353 20.86 3.36 55.53
CA CYS A 353 21.89 3.50 56.55
C CYS A 353 22.14 4.97 56.82
N GLU A 354 23.14 5.24 57.67
CA GLU A 354 23.49 6.60 58.05
C GLU A 354 24.38 7.27 57.00
N ASN A 355 25.60 6.79 56.85
CA ASN A 355 26.57 7.34 55.91
C ASN A 355 26.95 6.27 54.87
N VAL A 356 27.35 6.75 53.69
CA VAL A 356 27.75 5.87 52.59
C VAL A 356 29.21 6.17 52.23
N ARG A 357 29.83 5.21 51.55
CA ARG A 357 31.22 5.29 51.14
C ARG A 357 31.31 5.08 49.64
N MET A 358 31.92 6.04 48.94
CA MET A 358 32.15 5.95 47.51
C MET A 358 33.64 5.80 47.23
N MET A 359 34.00 4.76 46.46
CA MET A 359 35.38 4.46 46.13
C MET A 359 35.54 4.55 44.61
N LEU A 360 36.32 5.54 44.16
CA LEU A 360 36.46 5.85 42.75
C LEU A 360 37.91 5.68 42.31
N THR A 361 38.11 5.66 40.98
CA THR A 361 39.45 5.64 40.40
C THR A 361 39.63 6.80 39.44
N ASP A 362 38.92 6.80 38.31
CA ASP A 362 38.96 7.93 37.38
C ASP A 362 37.58 8.08 36.75
N SER A 363 37.47 9.05 35.84
CA SER A 363 36.16 9.44 35.32
C SER A 363 35.55 8.39 34.40
N VAL A 364 36.35 7.46 33.86
CA VAL A 364 35.84 6.48 32.92
C VAL A 364 35.99 5.06 33.47
N SER A 365 35.80 4.91 34.78
CA SER A 365 35.87 3.59 35.39
C SER A 365 34.81 3.47 36.48
N SER A 366 34.51 2.22 36.83
CA SER A 366 33.43 1.91 37.77
C SER A 366 33.69 2.52 39.15
N VAL A 367 32.60 2.73 39.88
CA VAL A 367 32.63 3.33 41.21
C VAL A 367 31.87 2.41 42.17
N GLN A 368 32.51 2.07 43.28
CA GLN A 368 31.93 1.19 44.30
C GLN A 368 31.31 2.03 45.42
N ILE A 369 30.04 1.75 45.72
CA ILE A 369 29.30 2.43 46.79
C ILE A 369 28.89 1.40 47.81
N GLU A 370 29.14 1.69 49.09
CA GLU A 370 28.79 0.76 50.17
C GLU A 370 28.51 1.55 51.43
N ASP A 371 27.94 0.86 52.41
CA ASP A 371 27.66 1.47 53.70
C ASP A 371 28.94 1.67 54.49
N ALA A 372 29.06 2.84 55.12
CA ALA A 372 30.25 3.13 55.91
C ALA A 372 30.31 2.32 57.20
N ALA A 373 29.19 1.75 57.63
CA ALA A 373 29.15 0.96 58.85
C ALA A 373 29.49 -0.50 58.58
N SER A 374 28.55 -1.24 57.99
CA SER A 374 28.74 -2.63 57.67
C SER A 374 29.15 -2.79 56.21
N GLN A 375 29.94 -3.83 55.94
CA GLN A 375 30.41 -4.13 54.59
C GLN A 375 29.82 -5.44 54.08
N SER A 376 28.60 -5.76 54.49
CA SER A 376 27.94 -6.98 54.06
C SER A 376 27.37 -6.88 52.65
N ALA A 377 27.19 -5.66 52.14
CA ALA A 377 26.65 -5.44 50.80
C ALA A 377 27.43 -4.34 50.11
N ALA A 378 27.77 -4.57 48.84
CA ALA A 378 28.49 -3.62 48.02
C ALA A 378 27.75 -3.40 46.71
N TYR A 379 27.97 -2.22 46.11
CA TYR A 379 27.32 -1.83 44.88
C TYR A 379 28.35 -1.19 43.95
N VAL A 380 28.26 -1.50 42.66
CA VAL A 380 29.17 -0.97 41.64
C VAL A 380 28.33 -0.39 40.50
N VAL A 381 28.62 0.84 40.12
CA VAL A 381 27.90 1.54 39.05
C VAL A 381 28.92 2.08 38.06
N MET A 382 28.66 1.83 36.75
CA MET A 382 29.54 2.33 35.70
C MET A 382 29.13 3.75 35.29
N PRO A 383 30.08 4.66 35.14
CA PRO A 383 29.76 6.06 34.84
C PRO A 383 29.37 6.28 33.38
N MET A 384 29.12 7.54 33.05
CA MET A 384 28.78 7.97 31.70
C MET A 384 29.86 8.91 31.16
N ARG A 385 29.83 9.10 29.84
CA ARG A 385 30.73 10.02 29.17
C ARG A 385 30.11 11.41 29.03
N SER B 19 10.92 45.97 35.33
CA SER B 19 10.51 45.23 36.51
C SER B 19 11.57 44.21 36.91
N HIS B 20 11.36 43.57 38.05
CA HIS B 20 12.29 42.58 38.58
C HIS B 20 11.64 41.80 39.72
N MET B 21 11.00 40.69 39.40
CA MET B 21 10.33 39.91 40.44
C MET B 21 11.35 39.22 41.34
N LYS B 22 11.06 39.22 42.64
CA LYS B 22 11.96 38.60 43.61
C LYS B 22 11.21 38.41 44.92
N PHE B 23 11.29 37.20 45.49
CA PHE B 23 10.67 36.93 46.77
C PHE B 23 11.46 35.84 47.49
N THR B 24 11.27 35.78 48.81
CA THR B 24 11.90 34.78 49.65
C THR B 24 10.86 34.28 50.64
N VAL B 25 10.64 32.96 50.67
CA VAL B 25 9.58 32.38 51.48
C VAL B 25 10.03 31.00 51.94
N GLU B 26 9.58 30.62 53.14
CA GLU B 26 9.88 29.30 53.67
C GLU B 26 9.29 28.21 52.79
N ARG B 27 9.90 27.02 52.85
CA ARG B 27 9.42 25.88 52.08
C ARG B 27 8.06 25.41 52.56
N GLU B 28 7.78 25.54 53.86
CA GLU B 28 6.53 25.05 54.44
C GLU B 28 5.34 25.93 54.09
N HIS B 29 5.57 27.11 53.51
CA HIS B 29 4.49 27.99 53.08
C HIS B 29 4.13 27.79 51.61
N LEU B 30 4.90 26.98 50.88
CA LEU B 30 4.69 26.77 49.46
C LEU B 30 4.15 25.39 49.11
N LEU B 31 4.51 24.36 49.88
CA LEU B 31 4.20 22.98 49.53
C LEU B 31 2.70 22.79 49.30
N LYS B 32 1.88 23.12 50.28
CA LYS B 32 0.44 22.91 50.17
C LYS B 32 -0.18 23.80 49.08
N PRO B 33 0.18 25.09 49.00
CA PRO B 33 -0.33 25.89 47.87
C PRO B 33 0.13 25.36 46.52
N LEU B 34 1.39 24.96 46.40
CA LEU B 34 1.88 24.41 45.14
C LEU B 34 1.14 23.13 44.77
N GLN B 35 0.95 22.23 45.75
CA GLN B 35 0.28 20.97 45.47
C GLN B 35 -1.16 21.18 45.02
N GLN B 36 -1.85 22.17 45.60
CA GLN B 36 -3.23 22.44 45.22
C GLN B 36 -3.35 23.06 43.83
N VAL B 37 -2.37 23.86 43.43
CA VAL B 37 -2.43 24.50 42.11
C VAL B 37 -1.68 23.72 41.05
N SER B 38 -0.95 22.68 41.44
CA SER B 38 -0.21 21.81 40.54
C SER B 38 -0.74 20.38 40.73
N GLY B 39 -1.75 20.02 39.94
CA GLY B 39 -2.29 18.68 40.05
C GLY B 39 -2.31 17.98 38.70
N PRO B 40 -2.97 16.83 38.63
CA PRO B 40 -3.04 16.09 37.35
C PRO B 40 -3.79 16.86 36.27
N LEU B 41 -3.05 17.40 35.31
CA LEU B 41 -3.64 18.18 34.22
C LEU B 41 -2.87 17.96 32.93
N PRO B 45 0.91 17.46 27.23
CA PRO B 45 -0.48 17.90 27.29
C PRO B 45 -0.66 19.15 28.15
N THR B 46 -1.38 20.15 27.64
CA THR B 46 -1.94 20.10 26.30
C THR B 46 -1.45 21.30 25.48
N LEU B 47 -0.72 22.20 26.15
CA LEU B 47 -0.25 23.43 25.52
C LEU B 47 0.91 23.94 26.36
N PRO B 48 1.99 24.46 25.74
CA PRO B 48 3.20 24.83 26.47
C PRO B 48 2.97 25.59 27.77
N ILE B 49 2.24 26.71 27.71
CA ILE B 49 2.07 27.53 28.90
C ILE B 49 1.05 26.95 29.88
N LEU B 50 0.24 25.99 29.44
CA LEU B 50 -0.73 25.40 30.35
C LEU B 50 -0.09 24.50 31.38
N GLY B 51 1.17 24.10 31.17
CA GLY B 51 1.92 23.34 32.14
C GLY B 51 2.77 24.20 33.05
N ASN B 52 2.54 25.50 33.05
CA ASN B 52 3.30 26.44 33.86
C ASN B 52 2.39 27.07 34.92
N LEU B 53 3.00 27.59 35.97
CA LEU B 53 2.30 28.29 37.03
C LEU B 53 2.60 29.78 36.93
N LEU B 54 1.56 30.60 37.04
CA LEU B 54 1.70 32.05 36.96
C LEU B 54 2.07 32.59 38.34
N LEU B 55 3.35 32.93 38.51
CA LEU B 55 3.84 33.55 39.74
C LEU B 55 3.78 35.07 39.59
N GLN B 56 3.29 35.72 40.64
CA GLN B 56 3.16 37.18 40.62
C GLN B 56 3.24 37.70 42.06
N VAL B 57 4.19 38.61 42.31
CA VAL B 57 4.41 39.18 43.62
C VAL B 57 3.77 40.57 43.65
N ALA B 58 2.83 40.76 44.58
CA ALA B 58 2.21 42.06 44.83
C ALA B 58 2.26 42.33 46.32
N ASP B 59 2.96 43.40 46.72
CA ASP B 59 3.19 43.70 48.13
C ASP B 59 1.89 43.73 48.95
N GLY B 60 1.79 42.82 49.92
CA GLY B 60 2.86 41.89 50.21
C GLY B 60 2.43 40.44 50.22
N THR B 61 1.92 39.98 49.07
CA THR B 61 1.46 38.60 48.93
C THR B 61 2.03 38.00 47.66
N LEU B 62 2.04 36.68 47.61
CA LEU B 62 2.48 35.92 46.45
C LEU B 62 1.31 35.09 45.94
N SER B 63 1.01 35.21 44.65
CA SER B 63 -0.10 34.52 44.02
C SER B 63 0.43 33.46 43.05
N LEU B 64 -0.06 32.23 43.18
CA LEU B 64 0.31 31.13 42.32
C LEU B 64 -0.93 30.67 41.58
N THR B 65 -0.91 30.75 40.25
CA THR B 65 -2.07 30.44 39.43
C THR B 65 -1.74 29.33 38.46
N GLY B 66 -2.71 28.45 38.22
CA GLY B 66 -2.56 27.37 37.27
C GLY B 66 -3.89 27.05 36.60
N THR B 67 -3.89 26.89 35.28
CA THR B 67 -5.13 26.69 34.55
C THR B 67 -4.92 25.64 33.47
N ASP B 68 -6.02 25.35 32.75
CA ASP B 68 -6.00 24.42 31.63
C ASP B 68 -6.98 24.87 30.54
N LEU B 69 -7.15 26.18 30.37
CA LEU B 69 -8.07 26.82 29.42
C LEU B 69 -9.54 26.59 29.78
N GLU B 70 -9.82 25.68 30.72
CA GLU B 70 -11.18 25.41 31.15
C GLU B 70 -11.45 25.80 32.60
N MET B 71 -10.47 25.63 33.49
CA MET B 71 -10.63 26.01 34.89
C MET B 71 -9.30 26.55 35.39
N GLU B 72 -9.36 27.34 36.46
CA GLU B 72 -8.17 27.93 37.06
C GLU B 72 -8.16 27.68 38.56
N MET B 73 -6.97 27.79 39.14
CA MET B 73 -6.76 27.55 40.56
C MET B 73 -5.73 28.55 41.07
N VAL B 74 -6.15 29.41 42.00
CA VAL B 74 -5.30 30.48 42.54
C VAL B 74 -5.07 30.25 44.03
N ALA B 75 -3.83 30.44 44.46
CA ALA B 75 -3.43 30.36 45.86
C ALA B 75 -2.62 31.60 46.22
N ARG B 76 -2.89 32.17 47.39
CA ARG B 76 -2.20 33.36 47.87
C ARG B 76 -1.32 32.99 49.06
N VAL B 77 -0.08 33.47 49.06
CA VAL B 77 0.89 33.18 50.10
C VAL B 77 1.39 34.50 50.68
N ALA B 78 1.31 34.63 52.00
CA ALA B 78 1.76 35.84 52.68
C ALA B 78 3.28 35.91 52.71
N LEU B 79 3.83 37.03 52.22
CA LEU B 79 5.26 37.26 52.22
C LEU B 79 5.61 38.24 53.33
N VAL B 80 6.34 37.75 54.35
CA VAL B 80 6.77 38.60 55.46
C VAL B 80 8.22 39.04 55.32
N GLN B 81 8.95 38.51 54.34
CA GLN B 81 10.34 38.79 54.02
C GLN B 81 10.43 39.74 52.83
N PRO B 82 11.53 40.50 52.72
CA PRO B 82 11.65 41.48 51.63
C PRO B 82 11.42 40.86 50.25
N HIS B 83 10.78 41.62 49.38
CA HIS B 83 10.39 41.14 48.06
C HIS B 83 10.28 42.32 47.11
N GLU B 84 10.17 42.02 45.80
CA GLU B 84 10.02 43.02 44.76
C GLU B 84 8.92 42.61 43.79
N PRO B 85 7.99 43.51 43.47
CA PRO B 85 6.87 43.15 42.57
C PRO B 85 7.32 42.71 41.19
N GLY B 86 6.57 41.78 40.63
CA GLY B 86 6.85 41.25 39.31
C GLY B 86 5.96 40.07 39.01
N ALA B 87 6.16 39.48 37.83
CA ALA B 87 5.35 38.35 37.41
C ALA B 87 6.10 37.53 36.37
N THR B 88 5.86 36.23 36.37
CA THR B 88 6.46 35.28 35.43
C THR B 88 5.72 33.96 35.51
N THR B 89 6.09 33.03 34.64
CA THR B 89 5.56 31.68 34.63
C THR B 89 6.71 30.66 34.76
N VAL B 90 6.38 29.47 35.22
CA VAL B 90 7.40 28.45 35.48
C VAL B 90 6.78 27.05 35.42
N PRO B 91 7.45 26.06 34.79
CA PRO B 91 6.94 24.67 34.78
C PRO B 91 6.48 24.18 36.15
N ALA B 92 5.21 23.78 36.23
CA ALA B 92 4.60 23.43 37.51
C ALA B 92 5.29 22.23 38.16
N ARG B 93 5.31 21.08 37.48
CA ARG B 93 5.81 19.86 38.10
C ARG B 93 7.27 19.97 38.49
N LYS B 94 8.08 20.64 37.66
CA LYS B 94 9.48 20.83 37.98
C LYS B 94 9.65 21.74 39.19
N PHE B 95 8.93 22.87 39.20
CA PHE B 95 9.02 23.80 40.32
C PHE B 95 8.48 23.20 41.60
N PHE B 96 7.45 22.36 41.50
CA PHE B 96 6.92 21.71 42.69
C PHE B 96 7.89 20.68 43.25
N ASP B 97 8.45 19.85 42.37
CA ASP B 97 9.39 18.83 42.82
C ASP B 97 10.64 19.45 43.45
N ILE B 98 11.02 20.64 43.00
CA ILE B 98 12.17 21.33 43.60
C ILE B 98 11.84 21.75 45.03
N CYS B 99 10.73 22.47 45.21
CA CYS B 99 10.35 22.91 46.55
C CYS B 99 10.04 21.73 47.46
N ARG B 100 9.50 20.64 46.90
CA ARG B 100 9.21 19.45 47.69
C ARG B 100 10.48 18.69 48.03
N GLY B 101 11.47 18.70 47.13
CA GLY B 101 12.73 18.00 47.37
C GLY B 101 13.65 18.70 48.33
N LEU B 102 13.45 20.00 48.55
CA LEU B 102 14.31 20.76 49.45
C LEU B 102 14.11 20.28 50.89
N PRO B 103 15.14 20.43 51.73
CA PRO B 103 15.02 20.01 53.14
C PRO B 103 13.91 20.75 53.85
N GLU B 104 13.47 20.18 54.97
CA GLU B 104 12.39 20.76 55.74
C GLU B 104 12.88 22.03 56.45
N GLY B 105 12.08 23.09 56.36
CA GLY B 105 12.41 24.35 56.99
C GLY B 105 13.30 25.26 56.17
N ALA B 106 13.61 24.90 54.93
CA ALA B 106 14.53 25.68 54.13
C ALA B 106 13.84 26.90 53.54
N GLU B 107 14.60 27.99 53.43
CA GLU B 107 14.12 29.19 52.78
C GLU B 107 14.40 29.12 51.28
N ILE B 108 13.46 29.62 50.49
CA ILE B 108 13.52 29.55 49.05
C ILE B 108 13.59 30.98 48.51
N ALA B 109 14.72 31.31 47.88
CA ALA B 109 14.94 32.61 47.27
C ALA B 109 14.69 32.47 45.77
N VAL B 110 13.75 33.25 45.24
CA VAL B 110 13.35 33.18 43.84
C VAL B 110 13.48 34.56 43.23
N GLN B 111 14.16 34.65 42.09
CA GLN B 111 14.29 35.91 41.36
C GLN B 111 14.45 35.60 39.88
N LEU B 112 14.21 36.62 39.06
CA LEU B 112 14.29 36.50 37.61
C LEU B 112 15.63 37.03 37.11
N GLU B 113 16.31 36.23 36.30
CA GLU B 113 17.57 36.62 35.68
C GLU B 113 17.49 36.25 34.20
N GLY B 114 17.06 37.19 33.37
CA GLY B 114 16.93 36.94 31.95
C GLY B 114 15.61 36.30 31.59
N GLU B 115 15.64 35.31 30.68
CA GLU B 115 14.46 34.57 30.30
C GLU B 115 14.26 33.31 31.13
N ARG B 116 14.85 33.27 32.33
CA ARG B 116 14.74 32.10 33.20
C ARG B 116 14.69 32.54 34.65
N MET B 117 14.10 31.68 35.48
CA MET B 117 13.90 31.94 36.90
C MET B 117 14.91 31.15 37.72
N LEU B 118 15.47 31.80 38.74
CA LEU B 118 16.49 31.19 39.60
C LEU B 118 15.93 30.94 40.99
N VAL B 119 16.06 29.68 41.45
CA VAL B 119 15.63 29.27 42.77
C VAL B 119 16.88 28.93 43.59
N ARG B 120 17.00 29.53 44.77
CA ARG B 120 18.15 29.31 45.64
C ARG B 120 17.70 28.92 47.03
N SER B 121 18.33 27.87 47.58
CA SER B 121 18.07 27.42 48.95
C SER B 121 19.35 26.80 49.49
N GLY B 122 20.12 27.59 50.24
CA GLY B 122 21.38 27.09 50.76
C GLY B 122 22.42 27.01 49.66
N ARG B 123 23.04 25.83 49.52
CA ARG B 123 24.00 25.59 48.46
C ARG B 123 23.37 24.95 47.23
N SER B 124 22.05 25.06 47.11
CA SER B 124 21.30 24.52 45.98
C SER B 124 20.84 25.67 45.10
N ARG B 125 21.13 25.59 43.81
CA ARG B 125 20.75 26.62 42.84
C ARG B 125 20.08 25.96 41.65
N PHE B 126 18.91 26.47 41.27
CA PHE B 126 18.14 25.94 40.15
C PHE B 126 17.82 27.06 39.18
N SER B 127 17.92 26.77 37.88
CA SER B 127 17.58 27.70 36.83
C SER B 127 16.51 27.07 35.94
N LEU B 128 15.34 27.69 35.89
CA LEU B 128 14.18 27.14 35.20
C LEU B 128 13.78 28.03 34.04
N SER B 129 13.61 27.44 32.86
CA SER B 129 13.15 28.19 31.69
C SER B 129 11.73 28.69 31.92
N THR B 130 11.48 29.92 31.51
CA THR B 130 10.21 30.59 31.77
C THR B 130 9.55 31.04 30.48
N LEU B 131 8.28 31.39 30.58
CA LEU B 131 7.47 31.98 29.53
C LEU B 131 6.87 33.30 30.02
N PRO B 132 6.67 34.27 29.12
CA PRO B 132 6.14 35.57 29.55
C PRO B 132 4.81 35.44 30.29
N ALA B 133 4.69 36.21 31.37
CA ALA B 133 3.47 36.18 32.18
C ALA B 133 2.29 36.82 31.47
N ALA B 134 2.55 37.68 30.47
CA ALA B 134 1.45 38.31 29.75
C ALA B 134 0.74 37.34 28.83
N ASP B 135 1.36 36.19 28.53
CA ASP B 135 0.75 35.17 27.69
C ASP B 135 -0.11 34.19 28.46
N PHE B 136 -0.31 34.42 29.75
CA PHE B 136 -1.04 33.46 30.57
C PHE B 136 -2.54 33.67 30.42
N PRO B 137 -3.32 32.60 30.19
CA PRO B 137 -4.78 32.75 30.05
C PRO B 137 -5.46 33.20 31.32
N ASN B 138 -5.96 34.43 31.34
CA ASN B 138 -6.69 34.97 32.48
C ASN B 138 -8.19 34.84 32.25
N LEU B 139 -8.88 34.23 33.23
CA LEU B 139 -10.33 34.05 33.15
C LEU B 139 -11.03 35.40 33.34
N ASP B 140 -11.88 35.75 32.37
CA ASP B 140 -12.61 37.01 32.45
C ASP B 140 -13.56 37.02 33.64
N ASP B 141 -13.34 37.95 34.56
CA ASP B 141 -14.14 38.05 35.78
C ASP B 141 -15.59 38.41 35.43
N TRP B 142 -16.52 37.52 35.81
CA TRP B 142 -17.93 37.66 35.52
C TRP B 142 -18.67 38.22 36.74
N GLN B 143 -20.00 38.27 36.64
CA GLN B 143 -20.86 38.75 37.73
C GLN B 143 -21.42 37.55 38.49
N SER B 144 -21.09 37.47 39.78
CA SER B 144 -21.61 36.40 40.62
C SER B 144 -23.10 36.60 40.90
N GLU B 145 -23.81 35.50 41.10
CA GLU B 145 -25.23 35.56 41.39
C GLU B 145 -25.55 34.89 42.72
N VAL B 146 -25.73 33.58 42.71
CA VAL B 146 -26.04 32.83 43.93
C VAL B 146 -24.75 32.59 44.71
N GLU B 147 -24.78 32.94 46.01
CA GLU B 147 -23.61 32.80 46.87
C GLU B 147 -24.05 32.27 48.22
N PHE B 148 -23.35 31.24 48.71
CA PHE B 148 -23.67 30.62 49.98
C PHE B 148 -22.41 30.01 50.57
N THR B 149 -22.49 29.63 51.84
CA THR B 149 -21.37 29.03 52.56
C THR B 149 -21.84 27.75 53.25
N LEU B 150 -21.20 26.64 52.92
CA LEU B 150 -21.51 25.34 53.49
C LEU B 150 -20.23 24.65 53.92
N PRO B 151 -20.30 23.74 54.90
CA PRO B 151 -19.09 23.02 55.33
C PRO B 151 -18.57 22.10 54.24
N GLN B 152 -17.28 21.76 54.36
CA GLN B 152 -16.64 20.89 53.38
C GLN B 152 -17.22 19.48 53.42
N ALA B 153 -17.63 19.00 54.60
CA ALA B 153 -18.17 17.65 54.69
C ALA B 153 -19.47 17.53 53.91
N THR B 154 -20.30 18.59 53.92
CA THR B 154 -21.54 18.55 53.16
C THR B 154 -21.28 18.52 51.67
N MET B 155 -20.33 19.34 51.20
CA MET B 155 -19.98 19.36 49.78
C MET B 155 -19.38 18.02 49.35
N LYS B 156 -18.55 17.42 50.21
CA LYS B 156 -17.97 16.13 49.87
C LYS B 156 -19.03 15.04 49.80
N ARG B 157 -20.05 15.13 50.66
CA ARG B 157 -21.13 14.13 50.62
C ARG B 157 -21.95 14.28 49.35
N LEU B 158 -22.27 15.52 48.97
CA LEU B 158 -23.04 15.73 47.75
C LEU B 158 -22.31 15.22 46.51
N ILE B 159 -20.98 15.34 46.50
CA ILE B 159 -20.20 14.91 45.35
C ILE B 159 -20.07 13.39 45.33
N GLU B 160 -19.60 12.81 46.45
CA GLU B 160 -19.37 11.37 46.50
C GLU B 160 -20.62 10.57 46.22
N ALA B 161 -21.79 11.07 46.62
CA ALA B 161 -23.01 10.30 46.47
C ALA B 161 -23.51 10.25 45.03
N THR B 162 -23.00 11.13 44.15
CA THR B 162 -23.47 11.22 42.78
C THR B 162 -22.37 11.20 41.73
N GLN B 163 -21.11 11.37 42.13
CA GLN B 163 -20.02 11.52 41.17
C GLN B 163 -19.93 10.35 40.20
N PHE B 164 -20.04 9.12 40.70
CA PHE B 164 -19.77 7.94 39.88
C PHE B 164 -20.76 7.78 38.73
N SER B 165 -21.88 8.48 38.75
CA SER B 165 -22.91 8.34 37.72
C SER B 165 -22.73 9.32 36.56
N MET B 166 -21.64 10.07 36.55
CA MET B 166 -21.39 11.00 35.45
C MET B 166 -20.95 10.24 34.19
N ALA B 167 -21.17 10.87 33.05
CA ALA B 167 -20.73 10.32 31.78
C ALA B 167 -19.37 10.91 31.40
N HIS B 168 -18.61 10.15 30.61
CA HIS B 168 -17.27 10.54 30.22
C HIS B 168 -17.20 10.67 28.71
N GLN B 169 -16.99 11.90 28.23
CA GLN B 169 -16.76 12.20 26.82
C GLN B 169 -17.90 11.68 25.93
N ASP B 170 -19.10 12.11 26.26
CA ASP B 170 -20.30 11.71 25.54
C ASP B 170 -20.76 12.83 24.61
N VAL B 171 -21.50 12.45 23.57
CA VAL B 171 -22.10 13.48 22.71
C VAL B 171 -23.08 14.32 23.51
N ARG B 172 -23.75 13.71 24.49
CA ARG B 172 -24.58 14.43 25.45
C ARG B 172 -23.65 15.18 26.40
N TYR B 173 -23.12 16.32 25.92
CA TYR B 173 -22.14 17.07 26.67
C TYR B 173 -22.67 17.53 28.02
N TYR B 174 -23.99 17.68 28.15
CA TYR B 174 -24.59 18.08 29.42
C TYR B 174 -24.52 16.97 30.46
N LEU B 175 -24.29 15.73 30.05
CA LEU B 175 -24.18 14.61 30.97
C LEU B 175 -22.75 14.43 31.48
N ASN B 176 -21.77 15.03 30.81
CA ASN B 176 -20.38 14.91 31.21
C ASN B 176 -20.09 15.85 32.38
N GLY B 177 -20.86 15.73 33.46
CA GLY B 177 -20.68 16.60 34.59
C GLY B 177 -21.74 16.34 35.65
N MET B 178 -21.76 17.21 36.65
CA MET B 178 -22.70 17.09 37.75
C MET B 178 -23.54 18.36 37.86
N LEU B 179 -24.84 18.17 38.10
CA LEU B 179 -25.80 19.27 38.17
C LEU B 179 -25.86 19.79 39.61
N PHE B 180 -25.43 21.02 39.82
CA PHE B 180 -25.61 21.70 41.10
C PHE B 180 -26.88 22.53 41.05
N GLU B 181 -27.81 22.25 41.97
CA GLU B 181 -29.12 22.88 41.98
C GLU B 181 -29.46 23.33 43.39
N THR B 182 -29.60 24.65 43.57
CA THR B 182 -30.06 25.22 44.83
C THR B 182 -31.55 25.47 44.75
N GLU B 183 -32.29 25.03 45.77
CA GLU B 183 -33.74 25.20 45.81
C GLU B 183 -34.15 25.46 47.26
N GLY B 184 -34.36 26.74 47.58
CA GLY B 184 -34.83 27.13 48.90
C GLY B 184 -33.82 26.92 50.02
N GLU B 185 -33.88 25.77 50.67
CA GLU B 185 -33.04 25.48 51.83
C GLU B 185 -31.99 24.42 51.57
N GLU B 186 -32.16 23.60 50.53
CA GLU B 186 -31.28 22.47 50.26
C GLU B 186 -30.45 22.71 49.00
N LEU B 187 -29.27 22.11 48.98
CA LEU B 187 -28.40 22.07 47.80
C LEU B 187 -28.37 20.63 47.30
N ARG B 188 -28.77 20.44 46.04
CA ARG B 188 -28.93 19.11 45.46
C ARG B 188 -28.01 18.93 44.25
N THR B 189 -27.35 17.77 44.19
CA THR B 189 -26.49 17.40 43.08
C THR B 189 -27.07 16.19 42.35
N VAL B 190 -27.09 16.25 41.02
CA VAL B 190 -27.64 15.20 40.17
C VAL B 190 -26.61 14.83 39.12
N ALA B 191 -26.50 13.53 38.83
CA ALA B 191 -25.60 13.04 37.78
C ALA B 191 -26.19 11.80 37.15
N THR B 192 -26.12 11.72 35.82
CA THR B 192 -26.62 10.58 35.08
C THR B 192 -25.82 10.42 33.79
N ASP B 193 -25.81 9.20 33.27
CA ASP B 193 -25.08 8.88 32.04
C ASP B 193 -25.96 8.20 31.00
N GLY B 194 -27.27 8.23 31.17
CA GLY B 194 -28.18 7.56 30.25
C GLY B 194 -28.47 6.12 30.58
N HIS B 195 -27.81 5.56 31.61
CA HIS B 195 -28.02 4.19 32.02
C HIS B 195 -28.38 4.11 33.51
N ARG B 196 -27.83 5.04 34.30
CA ARG B 196 -28.15 5.11 35.72
C ARG B 196 -28.02 6.55 36.20
N LEU B 197 -28.84 6.91 37.18
CA LEU B 197 -28.90 8.25 37.72
C LEU B 197 -28.65 8.24 39.22
N ALA B 198 -28.03 9.31 39.72
CA ALA B 198 -27.78 9.47 41.14
C ALA B 198 -28.11 10.91 41.52
N VAL B 199 -28.86 11.08 42.62
CA VAL B 199 -29.28 12.39 43.08
C VAL B 199 -29.16 12.44 44.60
N CYS B 200 -28.43 13.45 45.10
CA CYS B 200 -28.28 13.67 46.53
C CYS B 200 -28.73 15.10 46.87
N SER B 201 -29.16 15.30 48.11
CA SER B 201 -29.67 16.59 48.54
C SER B 201 -29.32 16.82 50.00
N MET B 202 -28.67 17.96 50.29
CA MET B 202 -28.27 18.31 51.64
C MET B 202 -28.72 19.72 51.98
N PRO B 203 -29.19 19.95 53.21
CA PRO B 203 -29.65 21.28 53.60
C PRO B 203 -28.53 22.17 54.11
N ILE B 204 -28.72 23.48 53.92
CA ILE B 204 -27.80 24.48 54.45
C ILE B 204 -28.57 25.36 55.43
N GLY B 205 -27.93 26.43 55.91
CA GLY B 205 -28.52 27.26 56.94
C GLY B 205 -29.21 28.53 56.45
N GLN B 206 -29.07 28.84 55.16
CA GLN B 206 -29.66 30.05 54.60
C GLN B 206 -30.56 29.72 53.43
N SER B 207 -31.48 30.64 53.14
CA SER B 207 -32.39 30.50 52.02
C SER B 207 -31.69 30.91 50.73
N LEU B 208 -31.84 30.09 49.69
CA LEU B 208 -31.13 30.33 48.45
C LEU B 208 -32.10 30.47 47.29
N PRO B 209 -31.82 31.34 46.32
CA PRO B 209 -32.67 31.44 45.13
C PRO B 209 -32.53 30.21 44.25
N SER B 210 -33.64 29.84 43.62
CA SER B 210 -33.66 28.67 42.75
C SER B 210 -32.74 28.86 41.56
N HIS B 211 -31.73 28.00 41.45
CA HIS B 211 -30.74 28.12 40.38
C HIS B 211 -30.10 26.75 40.18
N SER B 212 -29.77 26.42 38.93
CA SER B 212 -29.17 25.14 38.60
C SER B 212 -28.13 25.31 37.51
N VAL B 213 -26.94 24.75 37.74
CA VAL B 213 -25.84 24.80 36.78
C VAL B 213 -25.21 23.41 36.65
N ILE B 214 -24.43 23.23 35.59
CA ILE B 214 -23.75 21.98 35.30
C ILE B 214 -22.25 22.19 35.44
N VAL B 215 -21.67 21.61 36.48
CA VAL B 215 -20.22 21.67 36.72
C VAL B 215 -19.55 20.53 35.95
N PRO B 216 -18.51 20.81 35.15
CA PRO B 216 -17.88 19.77 34.34
C PRO B 216 -17.29 18.66 35.19
N ARG B 217 -16.97 17.54 34.51
CA ARG B 217 -16.34 16.40 35.17
C ARG B 217 -15.08 16.81 35.91
N LYS B 218 -14.09 17.34 35.19
CA LYS B 218 -12.83 17.73 35.82
C LYS B 218 -13.05 18.79 36.88
N GLY B 219 -14.07 19.63 36.71
CA GLY B 219 -14.40 20.59 37.75
C GLY B 219 -14.84 19.91 39.03
N VAL B 220 -15.68 18.88 38.90
CA VAL B 220 -16.10 18.11 40.08
C VAL B 220 -14.91 17.42 40.71
N ILE B 221 -14.01 16.86 39.89
CA ILE B 221 -12.82 16.20 40.40
C ILE B 221 -11.97 17.19 41.19
N GLU B 222 -11.72 18.36 40.62
CA GLU B 222 -10.88 19.35 41.29
C GLU B 222 -11.59 19.99 42.48
N LEU B 223 -12.92 20.05 42.44
CA LEU B 223 -13.67 20.65 43.53
C LEU B 223 -13.61 19.80 44.79
N MET B 224 -13.50 18.48 44.64
CA MET B 224 -13.48 17.59 45.79
C MET B 224 -12.08 17.39 46.34
N ARG B 225 -11.05 17.37 45.49
CA ARG B 225 -9.70 17.18 45.97
C ARG B 225 -9.16 18.40 46.70
N MET B 226 -9.80 19.56 46.52
CA MET B 226 -9.40 20.74 47.27
C MET B 226 -9.98 20.77 48.67
N LEU B 227 -10.91 19.86 48.97
CA LEU B 227 -11.47 19.77 50.31
C LEU B 227 -10.52 18.99 51.22
N ASP B 228 -10.19 19.59 52.36
CA ASP B 228 -9.28 18.96 53.32
C ASP B 228 -10.00 18.73 54.65
N GLY B 229 -9.25 18.59 55.74
CA GLY B 229 -9.87 18.38 57.03
C GLY B 229 -10.57 19.62 57.54
N GLY B 230 -9.91 20.77 57.47
CA GLY B 230 -10.50 22.02 57.93
C GLY B 230 -9.56 22.78 58.85
N ASP B 231 -10.12 23.55 59.77
CA ASP B 231 -11.58 23.67 59.92
C ASP B 231 -12.09 24.96 59.30
N ASN B 232 -12.13 25.01 57.97
CA ASN B 232 -12.60 26.18 57.27
C ASN B 232 -13.84 25.86 56.47
N PRO B 233 -14.82 26.78 56.40
CA PRO B 233 -16.00 26.53 55.57
C PRO B 233 -15.71 26.72 54.10
N LEU B 234 -16.71 26.49 53.25
CA LEU B 234 -16.57 26.57 51.81
C LEU B 234 -17.50 27.66 51.30
N ARG B 235 -16.91 28.75 50.79
CA ARG B 235 -17.67 29.82 50.16
C ARG B 235 -17.78 29.52 48.67
N VAL B 236 -19.01 29.36 48.18
CA VAL B 236 -19.27 29.01 46.80
C VAL B 236 -20.01 30.17 46.14
N GLN B 237 -19.54 30.59 44.96
CA GLN B 237 -20.12 31.68 44.20
C GLN B 237 -20.52 31.17 42.82
N ILE B 238 -21.77 30.73 42.69
CA ILE B 238 -22.30 30.29 41.41
C ILE B 238 -22.76 31.50 40.61
N GLY B 239 -22.26 31.62 39.38
CA GLY B 239 -22.58 32.72 38.51
C GLY B 239 -23.43 32.31 37.33
N SER B 240 -23.48 33.18 36.32
CA SER B 240 -24.27 32.90 35.14
C SER B 240 -23.63 31.80 34.29
N ASN B 241 -22.31 31.86 34.11
CA ASN B 241 -21.61 30.86 33.30
C ASN B 241 -20.33 30.37 33.95
N ASN B 242 -20.07 30.72 35.22
CA ASN B 242 -18.90 30.25 35.93
C ASN B 242 -19.28 29.91 37.36
N ILE B 243 -18.43 29.11 38.00
CA ILE B 243 -18.59 28.76 39.41
C ILE B 243 -17.24 28.96 40.11
N ARG B 244 -17.29 29.50 41.33
CA ARG B 244 -16.09 29.79 42.10
C ARG B 244 -16.28 29.29 43.52
N ALA B 245 -15.28 28.59 44.05
CA ALA B 245 -15.32 28.02 45.39
C ALA B 245 -14.13 28.53 46.19
N HIS B 246 -14.42 29.15 47.33
CA HIS B 246 -13.40 29.69 48.22
C HIS B 246 -13.29 28.80 49.45
N VAL B 247 -12.08 28.29 49.71
CA VAL B 247 -11.82 27.53 50.93
C VAL B 247 -10.38 27.74 51.36
N GLY B 248 -10.18 28.25 52.57
CA GLY B 248 -8.84 28.60 53.00
C GLY B 248 -8.33 29.78 52.21
N ASP B 249 -7.13 29.65 51.64
CA ASP B 249 -6.55 30.65 50.77
C ASP B 249 -6.58 30.23 49.30
N PHE B 250 -7.33 29.19 48.97
CA PHE B 250 -7.46 28.69 47.61
C PHE B 250 -8.76 29.18 46.99
N ILE B 251 -8.68 29.61 45.74
CA ILE B 251 -9.84 30.11 44.99
C ILE B 251 -9.92 29.28 43.72
N PHE B 252 -10.81 28.30 43.70
CA PHE B 252 -11.01 27.47 42.51
C PHE B 252 -12.15 28.06 41.67
N THR B 253 -11.89 28.23 40.38
CA THR B 253 -12.88 28.77 39.44
C THR B 253 -12.96 27.87 38.22
N SER B 254 -14.19 27.59 37.78
CA SER B 254 -14.41 26.70 36.65
C SER B 254 -15.58 27.21 35.81
N LYS B 255 -15.45 27.07 34.49
CA LYS B 255 -16.55 27.37 33.59
C LYS B 255 -17.65 26.32 33.72
N LEU B 256 -18.85 26.71 33.33
CA LEU B 256 -20.01 25.82 33.40
C LEU B 256 -20.35 25.27 32.03
N VAL B 257 -20.94 24.08 32.01
CA VAL B 257 -21.35 23.42 30.77
C VAL B 257 -22.63 24.08 30.27
N ASP B 258 -22.54 24.79 29.14
CA ASP B 258 -23.68 25.50 28.56
C ASP B 258 -24.62 24.49 27.90
N GLY B 259 -25.45 23.87 28.73
CA GLY B 259 -26.40 22.88 28.24
C GLY B 259 -27.58 22.77 29.18
N ARG B 260 -28.58 22.01 28.72
CA ARG B 260 -29.82 21.79 29.46
C ARG B 260 -29.79 20.39 30.07
N PHE B 261 -29.72 20.31 31.39
CA PHE B 261 -29.67 19.03 32.08
C PHE B 261 -31.08 18.44 32.19
N PRO B 262 -31.23 17.13 31.93
CA PRO B 262 -32.56 16.51 32.00
C PRO B 262 -33.17 16.59 33.39
N ASP B 263 -34.50 16.49 33.43
CA ASP B 263 -35.24 16.50 34.69
C ASP B 263 -35.13 15.14 35.36
N TYR B 264 -34.54 15.11 36.56
CA TYR B 264 -34.41 13.85 37.29
C TYR B 264 -35.73 13.42 37.92
N ARG B 265 -36.63 14.37 38.21
CA ARG B 265 -37.92 14.02 38.78
C ARG B 265 -38.78 13.27 37.78
N ARG B 266 -38.55 13.51 36.48
CA ARG B 266 -39.25 12.79 35.42
C ARG B 266 -38.68 11.41 35.18
N VAL B 267 -37.57 11.09 35.85
CA VAL B 267 -36.86 9.82 35.70
C VAL B 267 -37.24 8.87 36.84
N LEU B 268 -37.49 9.41 38.03
CA LEU B 268 -37.82 8.59 39.19
C LEU B 268 -39.05 7.74 38.90
N PRO B 269 -39.00 6.43 39.18
CA PRO B 269 -40.15 5.55 38.89
C PRO B 269 -41.43 6.01 39.56
N LYS B 270 -42.36 6.53 38.76
CA LYS B 270 -43.64 7.02 39.28
C LYS B 270 -44.54 5.85 39.67
N ASN B 271 -44.95 5.83 40.95
CA ASN B 271 -45.86 4.83 41.53
C ASN B 271 -45.37 3.41 41.30
N PRO B 272 -44.30 2.98 41.98
CA PRO B 272 -43.93 1.57 41.95
C PRO B 272 -44.80 0.76 42.91
N ASP B 273 -44.95 -0.53 42.58
CA ASP B 273 -45.81 -1.41 43.35
C ASP B 273 -45.05 -2.51 44.08
N LYS B 274 -43.73 -2.54 43.95
CA LYS B 274 -42.90 -3.57 44.59
C LYS B 274 -41.78 -2.89 45.36
N HIS B 275 -41.70 -3.19 46.66
CA HIS B 275 -40.68 -2.63 47.55
C HIS B 275 -39.94 -3.77 48.22
N LEU B 276 -38.61 -3.71 48.19
CA LEU B 276 -37.76 -4.75 48.75
C LEU B 276 -36.74 -4.10 49.69
N GLU B 277 -36.73 -4.56 50.95
CA GLU B 277 -35.72 -4.15 51.92
C GLU B 277 -34.76 -5.32 52.14
N ALA B 278 -33.47 -4.99 52.25
CA ALA B 278 -32.45 -6.02 52.44
C ALA B 278 -31.25 -5.39 53.13
N GLY B 279 -30.43 -6.24 53.73
CA GLY B 279 -29.18 -5.78 54.31
C GLY B 279 -28.22 -5.30 53.24
N CYS B 280 -27.71 -4.08 53.39
CA CYS B 280 -26.85 -3.51 52.37
C CYS B 280 -25.58 -4.34 52.17
N ASP B 281 -24.96 -4.79 53.25
CA ASP B 281 -23.73 -5.55 53.14
C ASP B 281 -23.97 -6.91 52.51
N LEU B 282 -24.93 -7.68 53.03
CA LEU B 282 -25.20 -9.01 52.49
C LEU B 282 -25.64 -8.94 51.03
N LEU B 283 -26.33 -7.87 50.64
CA LEU B 283 -26.70 -7.70 49.24
C LEU B 283 -25.48 -7.35 48.39
N LYS B 284 -24.63 -6.45 48.89
CA LYS B 284 -23.43 -6.06 48.16
C LYS B 284 -22.50 -7.25 47.95
N GLN B 285 -22.29 -8.05 48.99
CA GLN B 285 -21.41 -9.21 48.86
C GLN B 285 -22.01 -10.28 47.97
N ALA B 286 -23.34 -10.40 47.93
CA ALA B 286 -23.97 -11.37 47.06
C ALA B 286 -23.78 -11.00 45.58
N PHE B 287 -23.95 -9.71 45.25
CA PHE B 287 -23.72 -9.27 43.88
C PHE B 287 -22.24 -9.39 43.52
N ALA B 288 -21.35 -9.15 44.47
CA ALA B 288 -19.92 -9.24 44.19
C ALA B 288 -19.52 -10.67 43.84
N ARG B 289 -20.09 -11.65 44.55
CA ARG B 289 -19.79 -13.04 44.24
C ARG B 289 -20.43 -13.47 42.93
N ALA B 290 -21.63 -12.95 42.61
CA ALA B 290 -22.27 -13.32 41.36
C ALA B 290 -21.59 -12.66 40.17
N ALA B 291 -20.96 -11.51 40.38
CA ALA B 291 -20.26 -10.83 39.29
C ALA B 291 -19.01 -11.58 38.85
N ILE B 292 -18.51 -12.49 39.69
CA ILE B 292 -17.31 -13.24 39.35
C ILE B 292 -17.53 -14.08 38.11
N LEU B 293 -18.67 -14.75 38.03
CA LEU B 293 -18.98 -15.63 36.90
C LEU B 293 -19.87 -14.96 35.87
N SER B 294 -20.03 -13.64 35.94
CA SER B 294 -20.79 -12.92 34.94
C SER B 294 -19.95 -12.70 33.69
N ASN B 295 -20.57 -12.13 32.66
CA ASN B 295 -19.86 -11.81 31.43
C ASN B 295 -18.84 -10.71 31.69
N GLU B 296 -17.62 -10.90 31.16
CA GLU B 296 -16.54 -9.95 31.40
C GLU B 296 -16.82 -8.58 30.77
N LYS B 297 -17.61 -8.55 29.70
CA LYS B 297 -17.85 -7.31 28.97
C LYS B 297 -19.21 -6.69 29.29
N PHE B 298 -20.26 -7.49 29.31
CA PHE B 298 -21.61 -6.96 29.53
C PHE B 298 -22.04 -6.96 30.99
N ARG B 299 -21.39 -7.76 31.84
CA ARG B 299 -21.63 -7.74 33.29
C ARG B 299 -23.10 -8.02 33.62
N GLY B 300 -23.69 -9.00 32.94
CA GLY B 300 -25.10 -9.27 33.09
C GLY B 300 -25.45 -10.22 34.23
N VAL B 301 -26.30 -9.75 35.14
CA VAL B 301 -26.86 -10.59 36.20
C VAL B 301 -28.37 -10.42 36.19
N ARG B 302 -29.07 -11.46 36.64
CA ARG B 302 -30.53 -11.46 36.70
C ARG B 302 -31.01 -11.68 38.11
N LEU B 303 -31.90 -10.79 38.57
CA LEU B 303 -32.50 -10.86 39.90
C LEU B 303 -33.88 -11.47 39.80
N TYR B 304 -34.17 -12.45 40.64
CA TYR B 304 -35.48 -13.09 40.71
C TYR B 304 -36.06 -12.86 42.11
N VAL B 305 -36.99 -11.92 42.23
CA VAL B 305 -37.64 -11.62 43.50
C VAL B 305 -38.85 -12.53 43.67
N SER B 306 -39.01 -13.07 44.87
CA SER B 306 -40.13 -13.96 45.17
C SER B 306 -40.55 -13.71 46.61
N GLU B 307 -41.28 -14.66 47.20
CA GLU B 307 -41.77 -14.53 48.57
C GLU B 307 -40.61 -14.48 49.56
N ASN B 308 -40.28 -13.28 50.03
CA ASN B 308 -39.24 -13.09 51.05
C ASN B 308 -37.92 -13.72 50.63
N GLN B 309 -37.59 -13.61 49.35
CA GLN B 309 -36.38 -14.25 48.83
C GLN B 309 -35.93 -13.54 47.56
N LEU B 310 -34.62 -13.32 47.46
CA LEU B 310 -33.99 -12.79 46.25
C LEU B 310 -32.99 -13.79 45.74
N LYS B 311 -33.05 -14.09 44.44
CA LYS B 311 -32.17 -15.06 43.78
C LYS B 311 -31.38 -14.36 42.68
N ILE B 312 -30.08 -14.18 42.91
CA ILE B 312 -29.19 -13.52 41.96
C ILE B 312 -28.37 -14.59 41.25
N THR B 313 -28.48 -14.67 39.92
CA THR B 313 -27.73 -15.63 39.13
C THR B 313 -26.98 -14.93 38.01
N ALA B 314 -25.90 -15.54 37.55
CA ALA B 314 -25.08 -15.01 36.48
C ALA B 314 -24.33 -16.15 35.80
N ASN B 315 -23.98 -15.94 34.52
CA ASN B 315 -23.25 -16.94 33.76
C ASN B 315 -22.43 -16.25 32.69
N ASN B 316 -21.37 -16.95 32.24
CA ASN B 316 -20.42 -16.40 31.27
C ASN B 316 -20.32 -17.29 30.02
N PRO B 317 -19.71 -16.79 28.92
CA PRO B 317 -19.54 -17.63 27.73
C PRO B 317 -18.84 -18.95 27.98
N GLU B 318 -18.10 -19.05 29.08
CA GLU B 318 -17.48 -20.33 29.48
C GLU B 318 -18.50 -21.28 30.09
N GLN B 319 -19.78 -20.91 30.08
CA GLN B 319 -20.87 -21.74 30.62
C GLN B 319 -20.72 -21.99 32.11
N GLU B 320 -20.06 -21.08 32.81
CA GLU B 320 -19.92 -21.16 34.26
C GLU B 320 -21.02 -20.34 34.92
N GLU B 321 -21.83 -21.00 35.75
CA GLU B 321 -22.97 -20.36 36.39
C GLU B 321 -22.73 -20.18 37.88
N ALA B 322 -23.26 -19.06 38.41
CA ALA B 322 -23.16 -18.71 39.82
C ALA B 322 -24.53 -18.32 40.34
N GLU B 323 -24.95 -18.91 41.46
CA GLU B 323 -26.26 -18.68 42.04
C GLU B 323 -26.13 -18.17 43.47
N GLU B 324 -26.79 -17.05 43.76
CA GLU B 324 -26.79 -16.44 45.10
C GLU B 324 -28.22 -16.20 45.55
N ILE B 325 -28.65 -16.92 46.58
CA ILE B 325 -29.97 -16.74 47.19
C ILE B 325 -29.77 -16.16 48.58
N LEU B 326 -30.54 -15.12 48.91
CA LEU B 326 -30.47 -14.48 50.20
C LEU B 326 -31.87 -14.06 50.65
N ASP B 327 -32.10 -14.14 51.97
CA ASP B 327 -33.40 -13.82 52.52
C ASP B 327 -33.59 -12.32 52.61
N VAL B 328 -34.70 -11.83 52.08
CA VAL B 328 -35.04 -10.41 52.09
C VAL B 328 -36.48 -10.27 52.59
N THR B 329 -36.88 -9.02 52.79
CA THR B 329 -38.24 -8.69 53.20
C THR B 329 -38.97 -8.15 51.96
N TYR B 330 -39.77 -9.01 51.33
CA TYR B 330 -40.46 -8.64 50.10
C TYR B 330 -41.78 -9.39 50.02
N SER B 331 -42.84 -8.67 49.62
CA SER B 331 -44.18 -9.21 49.53
C SER B 331 -44.85 -9.01 48.18
N GLY B 332 -44.25 -8.23 47.28
CA GLY B 332 -44.83 -7.97 45.99
C GLY B 332 -44.88 -9.21 45.10
N ALA B 333 -45.35 -9.00 43.87
CA ALA B 333 -45.46 -10.09 42.91
C ALA B 333 -44.09 -10.57 42.46
N GLU B 334 -44.02 -11.84 42.06
CA GLU B 334 -42.77 -12.44 41.62
C GLU B 334 -42.35 -11.86 40.27
N MET B 335 -41.05 -11.58 40.15
CA MET B 335 -40.50 -10.99 38.93
C MET B 335 -39.04 -11.39 38.75
N GLU B 336 -38.64 -11.61 37.51
CA GLU B 336 -37.24 -11.82 37.15
C GLU B 336 -36.78 -10.63 36.30
N ILE B 337 -35.73 -9.95 36.77
CA ILE B 337 -35.22 -8.75 36.11
C ILE B 337 -33.70 -8.81 36.06
N GLY B 338 -33.14 -8.43 34.89
CA GLY B 338 -31.71 -8.42 34.72
C GLY B 338 -31.09 -7.06 34.99
N PHE B 339 -29.79 -7.06 35.30
CA PHE B 339 -29.10 -5.82 35.64
C PHE B 339 -27.62 -5.92 35.29
N ASN B 340 -27.01 -4.76 35.08
CA ASN B 340 -25.56 -4.65 35.00
C ASN B 340 -25.00 -4.64 36.42
N VAL B 341 -24.30 -5.70 36.79
CA VAL B 341 -23.85 -5.87 38.18
C VAL B 341 -22.93 -4.73 38.61
N SER B 342 -22.21 -4.12 37.66
CA SER B 342 -21.33 -3.01 38.00
C SER B 342 -22.15 -1.79 38.44
N TYR B 343 -23.26 -1.52 37.76
CA TYR B 343 -24.12 -0.40 38.14
C TYR B 343 -24.72 -0.61 39.52
N VAL B 344 -25.18 -1.82 39.82
CA VAL B 344 -25.78 -2.11 41.11
C VAL B 344 -24.74 -2.01 42.22
N LEU B 345 -23.53 -2.51 41.97
CA LEU B 345 -22.49 -2.46 42.99
C LEU B 345 -22.05 -1.03 43.27
N ASP B 346 -22.05 -0.16 42.25
CA ASP B 346 -21.71 1.23 42.48
C ASP B 346 -22.70 1.91 43.41
N VAL B 347 -23.98 1.56 43.28
CA VAL B 347 -25.01 2.15 44.13
C VAL B 347 -24.87 1.65 45.55
N LEU B 348 -24.67 0.33 45.71
CA LEU B 348 -24.52 -0.23 47.05
C LEU B 348 -23.24 0.24 47.72
N ASN B 349 -22.22 0.61 46.93
CA ASN B 349 -21.00 1.16 47.51
C ASN B 349 -21.18 2.61 47.92
N ALA B 350 -22.00 3.38 47.20
CA ALA B 350 -22.29 4.75 47.60
C ALA B 350 -23.19 4.80 48.82
N LEU B 351 -23.97 3.76 49.06
CA LEU B 351 -24.89 3.69 50.20
C LEU B 351 -24.18 3.01 51.37
N LYS B 352 -23.29 3.77 52.01
CA LYS B 352 -22.61 3.27 53.20
C LYS B 352 -23.60 3.25 54.37
N CYS B 353 -24.52 2.29 54.37
CA CYS B 353 -25.62 2.28 55.32
C CYS B 353 -25.89 0.86 55.79
N GLU B 354 -26.94 0.72 56.60
CA GLU B 354 -27.34 -0.58 57.14
C GLU B 354 -28.18 -1.37 56.14
N ASN B 355 -29.41 -0.90 55.88
CA ASN B 355 -30.33 -1.56 54.97
C ASN B 355 -30.64 -0.66 53.78
N VAL B 356 -30.96 -1.28 52.65
CA VAL B 356 -31.28 -0.58 51.42
C VAL B 356 -32.72 -0.90 51.03
N ARG B 357 -33.29 -0.03 50.21
CA ARG B 357 -34.66 -0.17 49.73
C ARG B 357 -34.67 -0.14 48.20
N MET B 358 -35.27 -1.17 47.60
CA MET B 358 -35.42 -1.25 46.15
C MET B 358 -36.90 -1.13 45.80
N MET B 359 -37.21 -0.20 44.89
CA MET B 359 -38.58 0.06 44.45
C MET B 359 -38.67 -0.23 42.97
N LEU B 360 -39.42 -1.28 42.61
CA LEU B 360 -39.49 -1.77 41.24
C LEU B 360 -40.91 -1.66 40.71
N THR B 361 -41.02 -1.80 39.38
CA THR B 361 -42.32 -1.86 38.71
C THR B 361 -42.43 -3.13 37.87
N ASP B 362 -41.64 -3.26 36.80
CA ASP B 362 -41.61 -4.47 36.00
C ASP B 362 -40.19 -4.69 35.48
N SER B 363 -40.02 -5.75 34.69
CA SER B 363 -38.69 -6.19 34.27
C SER B 363 -38.02 -5.25 33.28
N VAL B 364 -38.79 -4.41 32.59
CA VAL B 364 -38.22 -3.55 31.55
C VAL B 364 -38.39 -2.08 31.93
N SER B 365 -38.28 -1.77 33.22
CA SER B 365 -38.39 -0.39 33.68
C SER B 365 -37.40 -0.14 34.80
N SER B 366 -37.12 1.15 35.02
CA SER B 366 -36.10 1.57 35.98
C SER B 366 -36.46 1.13 37.40
N VAL B 367 -35.43 1.00 38.23
CA VAL B 367 -35.57 0.57 39.62
C VAL B 367 -34.87 1.60 40.50
N GLN B 368 -35.55 2.07 41.53
CA GLN B 368 -35.01 3.06 42.45
C GLN B 368 -34.43 2.38 43.69
N ILE B 369 -33.18 2.70 44.00
CA ILE B 369 -32.47 2.15 45.15
C ILE B 369 -32.12 3.31 46.07
N GLU B 370 -32.42 3.17 47.36
CA GLU B 370 -32.12 4.21 48.33
C GLU B 370 -31.90 3.59 49.69
N ASP B 371 -31.38 4.39 50.61
CA ASP B 371 -31.16 3.93 51.98
C ASP B 371 -32.49 3.80 52.71
N ALA B 372 -32.62 2.70 53.47
CA ALA B 372 -33.86 2.47 54.21
C ALA B 372 -34.01 3.41 55.39
N ALA B 373 -32.93 4.03 55.84
CA ALA B 373 -33.00 4.96 56.97
C ALA B 373 -33.31 6.38 56.48
N SER B 374 -32.32 7.03 55.89
CA SER B 374 -32.48 8.39 55.37
C SER B 374 -32.79 8.36 53.88
N GLN B 375 -33.55 9.35 53.44
CA GLN B 375 -33.92 9.49 52.03
C GLN B 375 -33.30 10.73 51.40
N SER B 376 -32.11 11.10 51.84
CA SER B 376 -31.44 12.27 51.30
C SER B 376 -30.82 12.03 49.93
N ALA B 377 -30.61 10.77 49.57
CA ALA B 377 -30.02 10.41 48.28
C ALA B 377 -30.78 9.24 47.67
N ALA B 378 -31.06 9.34 46.37
CA ALA B 378 -31.77 8.31 45.63
C ALA B 378 -30.96 7.92 44.40
N TYR B 379 -31.19 6.68 43.94
CA TYR B 379 -30.47 6.13 42.81
C TYR B 379 -31.43 5.39 41.89
N VAL B 380 -31.23 5.52 40.59
CA VAL B 380 -32.05 4.87 39.58
C VAL B 380 -31.14 4.13 38.61
N VAL B 381 -31.44 2.85 38.37
CA VAL B 381 -30.66 2.01 37.48
C VAL B 381 -31.62 1.35 36.49
N MET B 382 -31.30 1.43 35.19
CA MET B 382 -32.12 0.79 34.16
C MET B 382 -31.70 -0.66 33.96
N PRO B 383 -32.66 -1.59 33.87
CA PRO B 383 -32.31 -3.02 33.75
C PRO B 383 -31.80 -3.40 32.37
N MET B 384 -31.53 -4.68 32.18
CA MET B 384 -31.07 -5.24 30.91
C MET B 384 -32.13 -6.20 30.38
N ARG B 385 -32.04 -6.50 29.09
CA ARG B 385 -32.93 -7.51 28.52
C ARG B 385 -32.25 -8.87 28.56
N SER C 19 26.46 31.75 -39.91
CA SER C 19 25.38 30.93 -40.46
C SER C 19 24.64 31.66 -41.57
N HIS C 20 25.34 31.93 -42.68
CA HIS C 20 24.78 32.58 -43.85
C HIS C 20 24.64 31.62 -45.03
N MET C 21 24.14 30.42 -44.77
CA MET C 21 23.98 29.42 -45.81
C MET C 21 22.81 29.77 -46.72
N LYS C 22 22.97 29.50 -48.02
CA LYS C 22 21.91 29.77 -48.99
C LYS C 22 22.19 28.97 -50.25
N PHE C 23 21.17 28.24 -50.74
CA PHE C 23 21.28 27.50 -51.98
C PHE C 23 19.91 27.37 -52.62
N THR C 24 19.92 27.08 -53.92
CA THR C 24 18.68 26.87 -54.69
C THR C 24 18.89 25.68 -55.60
N VAL C 25 17.99 24.69 -55.49
CA VAL C 25 18.13 23.44 -56.23
C VAL C 25 16.75 22.93 -56.61
N GLU C 26 16.66 22.27 -57.77
CA GLU C 26 15.41 21.69 -58.21
C GLU C 26 14.95 20.61 -57.23
N ARG C 27 13.63 20.38 -57.22
CA ARG C 27 13.07 19.37 -56.32
C ARG C 27 13.48 17.95 -56.71
N GLU C 28 13.67 17.68 -58.01
CA GLU C 28 13.98 16.33 -58.44
C GLU C 28 15.39 15.90 -58.09
N HIS C 29 16.24 16.83 -57.64
CA HIS C 29 17.59 16.50 -57.22
C HIS C 29 17.68 16.26 -55.72
N LEU C 30 16.60 16.48 -54.97
CA LEU C 30 16.59 16.34 -53.53
C LEU C 30 15.83 15.12 -53.03
N LEU C 31 14.77 14.69 -53.72
CA LEU C 31 13.91 13.63 -53.22
C LEU C 31 14.69 12.36 -52.90
N LYS C 32 15.43 11.85 -53.89
CA LYS C 32 16.17 10.61 -53.69
C LYS C 32 17.30 10.77 -52.67
N PRO C 33 18.10 11.84 -52.70
CA PRO C 33 19.08 12.02 -51.62
C PRO C 33 18.45 12.17 -50.25
N LEU C 34 17.36 12.92 -50.14
CA LEU C 34 16.69 13.06 -48.84
C LEU C 34 16.21 11.71 -48.33
N GLN C 35 15.56 10.92 -49.19
CA GLN C 35 15.00 9.65 -48.76
C GLN C 35 16.10 8.70 -48.31
N GLN C 36 17.26 8.74 -48.96
CA GLN C 36 18.35 7.85 -48.58
C GLN C 36 19.00 8.27 -47.26
N VAL C 37 19.08 9.58 -47.00
CA VAL C 37 19.70 10.07 -45.77
C VAL C 37 18.69 10.32 -44.67
N SER C 38 17.40 10.26 -44.96
CA SER C 38 16.35 10.42 -43.97
C SER C 38 15.62 9.09 -43.92
N GLY C 39 16.11 8.21 -43.07
CA GLY C 39 15.56 6.88 -42.96
C GLY C 39 15.23 6.58 -41.52
N PRO C 40 14.99 5.32 -41.21
CA PRO C 40 14.64 4.99 -39.82
C PRO C 40 15.74 5.32 -38.84
N LEU C 41 15.51 6.37 -38.03
CA LEU C 41 16.45 6.84 -37.01
C LEU C 41 15.75 7.28 -35.74
N PRO C 45 12.55 9.82 -30.63
CA PRO C 45 13.75 8.98 -30.64
C PRO C 45 14.84 9.53 -31.55
N THR C 46 16.08 9.60 -31.04
CA THR C 46 16.40 9.23 -29.67
C THR C 46 17.08 10.39 -28.96
N LEU C 47 17.34 11.46 -29.72
CA LEU C 47 18.06 12.62 -29.22
C LEU C 47 17.73 13.79 -30.14
N PRO C 48 17.52 15.00 -29.60
CA PRO C 48 17.05 16.14 -30.43
C PRO C 48 17.71 16.29 -31.79
N ILE C 49 19.04 16.41 -31.82
CA ILE C 49 19.72 16.67 -33.09
C ILE C 49 19.85 15.43 -33.95
N LEU C 50 19.64 14.24 -33.39
CA LEU C 50 19.73 13.01 -34.18
C LEU C 50 18.56 12.84 -35.14
N GLY C 51 17.49 13.61 -34.96
CA GLY C 51 16.37 13.61 -35.88
C GLY C 51 16.45 14.68 -36.94
N ASN C 52 17.61 15.31 -37.10
CA ASN C 52 17.83 16.38 -38.06
C ASN C 52 18.82 15.93 -39.12
N LEU C 53 18.81 16.64 -40.25
CA LEU C 53 19.73 16.39 -41.34
C LEU C 53 20.75 17.53 -41.41
N LEU C 54 22.02 17.18 -41.54
CA LEU C 54 23.11 18.16 -41.58
C LEU C 54 23.25 18.68 -43.01
N LEU C 55 22.74 19.89 -43.25
CA LEU C 55 22.91 20.55 -44.54
C LEU C 55 24.16 21.42 -44.51
N GLN C 56 24.96 21.34 -45.58
CA GLN C 56 26.18 22.12 -45.66
C GLN C 56 26.51 22.38 -47.12
N VAL C 57 26.62 23.65 -47.49
CA VAL C 57 26.91 24.07 -48.86
C VAL C 57 28.38 24.45 -48.97
N ALA C 58 29.09 23.78 -49.86
CA ALA C 58 30.46 24.14 -50.21
C ALA C 58 30.53 24.22 -51.73
N ASP C 59 30.80 25.41 -52.26
CA ASP C 59 30.76 25.66 -53.70
C ASP C 59 31.59 24.65 -54.50
N GLY C 60 30.92 23.91 -55.37
CA GLY C 60 29.50 24.07 -55.58
C GLY C 60 28.67 22.80 -55.42
N THR C 61 28.70 22.22 -54.23
CA THR C 61 27.95 21.01 -53.94
C THR C 61 27.17 21.19 -52.64
N LEU C 62 26.13 20.38 -52.48
CA LEU C 62 25.32 20.33 -51.27
C LEU C 62 25.42 18.95 -50.65
N SER C 63 25.75 18.89 -49.37
CA SER C 63 25.91 17.63 -48.66
C SER C 63 24.80 17.49 -47.63
N LEU C 64 24.09 16.37 -47.67
CA LEU C 64 23.01 16.06 -46.73
C LEU C 64 23.40 14.81 -45.97
N THR C 65 23.51 14.94 -44.65
CA THR C 65 23.98 13.87 -43.78
C THR C 65 22.92 13.55 -42.73
N GLY C 66 22.85 12.26 -42.36
CA GLY C 66 21.94 11.80 -41.33
C GLY C 66 22.57 10.66 -40.55
N THR C 67 22.45 10.71 -39.22
CA THR C 67 23.11 9.74 -38.37
C THR C 67 22.18 9.31 -37.25
N ASP C 68 22.66 8.36 -36.43
CA ASP C 68 21.92 7.90 -35.27
C ASP C 68 22.85 7.56 -34.11
N LEU C 69 23.98 8.26 -33.99
CA LEU C 69 25.01 8.06 -32.97
C LEU C 69 25.71 6.72 -33.10
N GLU C 70 25.40 5.94 -34.14
CA GLU C 70 26.08 4.66 -34.40
C GLU C 70 26.52 4.49 -35.84
N MET C 71 25.99 5.27 -36.78
CA MET C 71 26.34 5.18 -38.19
C MET C 71 25.84 6.46 -38.86
N GLU C 72 26.41 6.76 -40.02
CA GLU C 72 26.05 7.95 -40.76
C GLU C 72 25.76 7.60 -42.22
N MET C 73 25.07 8.52 -42.88
CA MET C 73 24.66 8.37 -44.28
C MET C 73 24.79 9.74 -44.95
N VAL C 74 25.69 9.86 -45.92
CA VAL C 74 26.00 11.14 -46.55
C VAL C 74 25.61 11.10 -48.02
N ALA C 75 24.99 12.19 -48.49
CA ALA C 75 24.65 12.36 -49.90
C ALA C 75 25.12 13.71 -50.40
N ARG C 76 25.70 13.73 -51.58
CA ARG C 76 26.20 14.94 -52.22
C ARG C 76 25.36 15.28 -53.44
N VAL C 77 24.96 16.54 -53.56
CA VAL C 77 24.12 17.02 -54.65
C VAL C 77 24.82 18.18 -55.35
N ALA C 78 24.94 18.09 -56.67
CA ALA C 78 25.58 19.14 -57.45
C ALA C 78 24.66 20.36 -57.54
N LEU C 79 25.21 21.53 -57.17
CA LEU C 79 24.48 22.79 -57.22
C LEU C 79 24.95 23.59 -58.44
N VAL C 80 24.05 23.80 -59.40
CA VAL C 80 24.38 24.57 -60.59
C VAL C 80 23.88 26.01 -60.53
N GLN C 81 23.08 26.36 -59.52
CA GLN C 81 22.54 27.69 -59.33
C GLN C 81 23.29 28.43 -58.24
N PRO C 82 23.28 29.77 -58.26
CA PRO C 82 24.03 30.55 -57.27
C PRO C 82 23.70 30.14 -55.83
N HIS C 83 24.74 30.15 -54.99
CA HIS C 83 24.64 29.68 -53.62
C HIS C 83 25.71 30.38 -52.79
N GLU C 84 25.60 30.22 -51.46
CA GLU C 84 26.56 30.80 -50.53
C GLU C 84 26.95 29.75 -49.49
N PRO C 85 28.25 29.59 -49.21
CA PRO C 85 28.67 28.56 -48.26
C PRO C 85 28.08 28.75 -46.87
N GLY C 86 27.79 27.63 -46.22
CA GLY C 86 27.22 27.66 -44.88
C GLY C 86 26.79 26.27 -44.48
N ALA C 87 26.25 26.17 -43.27
CA ALA C 87 25.82 24.88 -42.74
C ALA C 87 24.76 25.10 -41.66
N THR C 88 23.86 24.13 -41.54
CA THR C 88 22.82 24.13 -40.53
C THR C 88 22.21 22.74 -40.46
N THR C 89 21.32 22.54 -39.50
CA THR C 89 20.56 21.31 -39.33
C THR C 89 19.07 21.62 -39.39
N VAL C 90 18.28 20.61 -39.72
CA VAL C 90 16.84 20.81 -39.95
C VAL C 90 16.09 19.50 -39.73
N PRO C 91 14.90 19.54 -39.08
CA PRO C 91 14.09 18.32 -38.92
C PRO C 91 13.93 17.51 -40.20
N ALA C 92 14.36 16.24 -40.14
CA ALA C 92 14.42 15.39 -41.32
C ALA C 92 13.03 15.17 -41.92
N ARG C 93 12.10 14.63 -41.13
CA ARG C 93 10.81 14.22 -41.69
C ARG C 93 10.01 15.41 -42.18
N LYS C 94 10.09 16.55 -41.48
CA LYS C 94 9.37 17.74 -41.93
C LYS C 94 9.94 18.27 -43.24
N PHE C 95 11.27 18.40 -43.31
CA PHE C 95 11.89 18.91 -44.54
C PHE C 95 11.66 17.99 -45.72
N PHE C 96 11.64 16.67 -45.47
CA PHE C 96 11.38 15.73 -46.56
C PHE C 96 9.93 15.84 -47.04
N ASP C 97 8.98 15.88 -46.10
CA ASP C 97 7.58 15.97 -46.48
C ASP C 97 7.28 17.27 -47.22
N ILE C 98 8.01 18.34 -46.90
CA ILE C 98 7.82 19.60 -47.62
C ILE C 98 8.31 19.46 -49.06
N CYS C 99 9.55 19.01 -49.24
CA CYS C 99 10.10 18.87 -50.58
C CYS C 99 9.31 17.84 -51.40
N ARG C 100 8.78 16.81 -50.76
CA ARG C 100 7.99 15.80 -51.44
C ARG C 100 6.59 16.31 -51.74
N GLY C 101 6.04 17.16 -50.87
CA GLY C 101 4.71 17.70 -51.12
C GLY C 101 4.65 18.76 -52.20
N LEU C 102 5.80 19.37 -52.51
CA LEU C 102 5.85 20.41 -53.54
C LEU C 102 5.58 19.80 -54.92
N PRO C 103 5.03 20.59 -55.85
CA PRO C 103 4.76 20.07 -57.20
C PRO C 103 6.04 19.66 -57.91
N GLU C 104 5.86 18.84 -58.95
CA GLU C 104 6.99 18.34 -59.72
C GLU C 104 7.60 19.44 -60.58
N GLY C 105 8.93 19.51 -60.57
CA GLY C 105 9.65 20.50 -61.33
C GLY C 105 9.85 21.82 -60.62
N ALA C 106 9.46 21.91 -59.35
CA ALA C 106 9.55 23.16 -58.61
C ALA C 106 10.98 23.36 -58.09
N GLU C 107 11.38 24.64 -58.05
CA GLU C 107 12.66 25.01 -57.48
C GLU C 107 12.49 25.26 -55.98
N ILE C 108 13.50 24.86 -55.21
CA ILE C 108 13.47 24.97 -53.76
C ILE C 108 14.58 25.94 -53.34
N ALA C 109 14.18 27.09 -52.80
CA ALA C 109 15.11 28.09 -52.32
C ALA C 109 15.24 27.96 -50.80
N VAL C 110 16.46 27.75 -50.33
CA VAL C 110 16.74 27.54 -48.90
C VAL C 110 17.79 28.55 -48.45
N GLN C 111 17.48 29.26 -47.36
CA GLN C 111 18.43 30.20 -46.76
C GLN C 111 18.14 30.29 -45.28
N LEU C 112 19.12 30.80 -44.53
CA LEU C 112 19.03 30.93 -43.09
C LEU C 112 18.65 32.35 -42.71
N GLU C 113 17.61 32.49 -41.87
CA GLU C 113 17.18 33.78 -41.33
C GLU C 113 16.98 33.61 -39.82
N GLY C 114 18.02 33.91 -39.05
CA GLY C 114 17.96 33.77 -37.61
C GLY C 114 18.26 32.36 -37.15
N GLU C 115 17.51 31.88 -36.18
CA GLU C 115 17.67 30.52 -35.69
C GLU C 115 16.74 29.54 -36.41
N ARG C 116 16.29 29.88 -37.61
CA ARG C 116 15.39 29.02 -38.36
C ARG C 116 15.69 29.13 -39.84
N MET C 117 15.34 28.07 -40.57
CA MET C 117 15.62 27.95 -42.00
C MET C 117 14.33 28.18 -42.78
N LEU C 118 14.45 28.92 -43.89
CA LEU C 118 13.32 29.29 -44.72
C LEU C 118 13.37 28.54 -46.05
N VAL C 119 12.29 27.84 -46.37
CA VAL C 119 12.14 27.12 -47.63
C VAL C 119 11.07 27.82 -48.45
N ARG C 120 11.42 28.20 -49.68
CA ARG C 120 10.52 28.89 -50.57
C ARG C 120 10.43 28.15 -51.90
N SER C 121 9.20 27.95 -52.38
CA SER C 121 8.97 27.31 -53.68
C SER C 121 7.67 27.91 -54.24
N GLY C 122 7.82 28.89 -55.13
CA GLY C 122 6.64 29.54 -55.67
C GLY C 122 5.99 30.44 -54.65
N ARG C 123 4.70 30.25 -54.41
CA ARG C 123 3.96 31.00 -53.40
C ARG C 123 3.90 30.25 -52.07
N SER C 124 4.77 29.27 -51.86
CA SER C 124 4.84 28.48 -50.64
C SER C 124 6.08 28.89 -49.86
N ARG C 125 5.90 29.21 -48.57
CA ARG C 125 7.00 29.61 -47.71
C ARG C 125 6.92 28.83 -46.40
N PHE C 126 8.04 28.21 -46.01
CA PHE C 126 8.11 27.41 -44.80
C PHE C 126 9.26 27.89 -43.93
N SER C 127 9.02 27.93 -42.61
CA SER C 127 10.03 28.32 -41.64
C SER C 127 10.20 27.18 -40.64
N LEU C 128 11.39 26.61 -40.59
CA LEU C 128 11.68 25.43 -39.78
C LEU C 128 12.72 25.76 -38.71
N SER C 129 12.42 25.39 -37.46
CA SER C 129 13.37 25.57 -36.37
C SER C 129 14.61 24.72 -36.59
N THR C 130 15.78 25.29 -36.28
CA THR C 130 17.05 24.65 -36.55
C THR C 130 17.85 24.49 -35.26
N LEU C 131 18.90 23.66 -35.34
CA LEU C 131 19.89 23.46 -34.30
C LEU C 131 21.29 23.73 -34.85
N PRO C 132 22.21 24.23 -34.02
CA PRO C 132 23.56 24.55 -34.51
C PRO C 132 24.24 23.37 -35.19
N ALA C 133 24.87 23.65 -36.33
CA ALA C 133 25.57 22.61 -37.08
C ALA C 133 26.83 22.15 -36.37
N ALA C 134 27.39 22.98 -35.47
CA ALA C 134 28.59 22.59 -34.74
C ALA C 134 28.30 21.52 -33.70
N ASP C 135 27.04 21.32 -33.35
CA ASP C 135 26.63 20.30 -32.39
C ASP C 135 26.36 18.96 -33.05
N PHE C 136 26.64 18.84 -34.35
CA PHE C 136 26.31 17.61 -35.08
C PHE C 136 27.39 16.56 -34.88
N PRO C 137 27.03 15.32 -34.54
CA PRO C 137 28.04 14.28 -34.33
C PRO C 137 28.79 13.90 -35.61
N ASN C 138 30.06 14.25 -35.70
CA ASN C 138 30.89 13.90 -36.85
C ASN C 138 31.72 12.66 -36.54
N LEU C 139 31.64 11.66 -37.41
CA LEU C 139 32.43 10.44 -37.24
C LEU C 139 33.90 10.74 -37.49
N ASP C 140 34.75 10.39 -36.53
CA ASP C 140 36.18 10.60 -36.67
C ASP C 140 36.73 9.75 -37.82
N ASP C 141 37.27 10.41 -38.83
CA ASP C 141 37.77 9.71 -40.01
C ASP C 141 38.94 8.80 -39.64
N TRP C 142 38.78 7.50 -39.87
CA TRP C 142 39.79 6.51 -39.52
C TRP C 142 40.61 6.17 -40.76
N GLN C 143 41.53 5.22 -40.60
CA GLN C 143 42.38 4.77 -41.69
C GLN C 143 41.83 3.49 -42.29
N SER C 144 41.48 3.54 -43.57
CA SER C 144 40.95 2.38 -44.27
C SER C 144 42.05 1.37 -44.55
N GLU C 145 41.65 0.09 -44.62
CA GLU C 145 42.58 -1.00 -44.90
C GLU C 145 42.18 -1.77 -46.15
N VAL C 146 41.26 -2.72 -46.01
CA VAL C 146 40.81 -3.54 -47.12
C VAL C 146 39.80 -2.76 -47.94
N GLU C 147 40.01 -2.71 -49.25
CA GLU C 147 39.14 -1.97 -50.15
C GLU C 147 38.93 -2.77 -51.42
N PHE C 148 37.68 -2.89 -51.85
CA PHE C 148 37.34 -3.65 -53.05
C PHE C 148 36.08 -3.07 -53.68
N THR C 149 35.81 -3.49 -54.92
CA THR C 149 34.66 -3.03 -55.68
C THR C 149 33.91 -4.24 -56.22
N LEU C 150 32.64 -4.36 -55.85
CA LEU C 150 31.78 -5.45 -56.28
C LEU C 150 30.44 -4.88 -56.72
N PRO C 151 29.72 -5.58 -57.61
CA PRO C 151 28.41 -5.09 -58.04
C PRO C 151 27.40 -5.12 -56.90
N GLN C 152 26.35 -4.32 -57.07
CA GLN C 152 25.31 -4.24 -56.04
C GLN C 152 24.55 -5.56 -55.92
N ALA C 153 24.38 -6.28 -57.04
CA ALA C 153 23.64 -7.54 -56.99
C ALA C 153 24.37 -8.57 -56.14
N THR C 154 25.71 -8.58 -56.19
CA THR C 154 26.47 -9.52 -55.39
C THR C 154 26.34 -9.21 -53.90
N MET C 155 26.44 -7.92 -53.54
CA MET C 155 26.29 -7.54 -52.13
C MET C 155 24.87 -7.81 -51.64
N LYS C 156 23.86 -7.54 -52.49
CA LYS C 156 22.49 -7.81 -52.07
C LYS C 156 22.25 -9.29 -51.86
N ARG C 157 22.89 -10.13 -52.68
CA ARG C 157 22.76 -11.57 -52.51
C ARG C 157 23.45 -12.04 -51.23
N LEU C 158 24.63 -11.49 -50.95
CA LEU C 158 25.36 -11.87 -49.73
C LEU C 158 24.58 -11.49 -48.48
N ILE C 159 23.86 -10.37 -48.50
CA ILE C 159 23.11 -9.94 -47.33
C ILE C 159 21.82 -10.74 -47.18
N GLU C 160 21.00 -10.79 -48.24
CA GLU C 160 19.71 -11.47 -48.15
C GLU C 160 19.86 -12.93 -47.77
N ALA C 161 20.95 -13.58 -48.19
CA ALA C 161 21.08 -15.02 -47.95
C ALA C 161 21.41 -15.33 -46.50
N THR C 162 21.84 -14.35 -45.71
CA THR C 162 22.24 -14.58 -44.33
C THR C 162 21.60 -13.64 -43.32
N GLN C 163 20.94 -12.57 -43.78
CA GLN C 163 20.42 -11.54 -42.88
C GLN C 163 19.49 -12.11 -41.82
N PHE C 164 18.56 -12.99 -42.23
CA PHE C 164 17.51 -13.43 -41.32
C PHE C 164 18.04 -14.22 -40.13
N SER C 165 19.27 -14.70 -40.17
CA SER C 165 19.80 -15.52 -39.08
C SER C 165 20.53 -14.69 -38.01
N MET C 166 20.50 -13.37 -38.11
CA MET C 166 21.13 -12.54 -37.10
C MET C 166 20.29 -12.53 -35.82
N ALA C 167 20.96 -12.20 -34.72
CA ALA C 167 20.28 -12.07 -33.43
C ALA C 167 19.89 -10.61 -33.21
N HIS C 168 18.95 -10.41 -32.28
CA HIS C 168 18.41 -9.09 -31.97
C HIS C 168 18.54 -8.85 -30.47
N GLN C 169 19.43 -7.93 -30.09
CA GLN C 169 19.60 -7.50 -28.70
C GLN C 169 19.91 -8.70 -27.79
N ASP C 170 20.99 -9.40 -28.12
CA ASP C 170 21.43 -10.59 -27.41
C ASP C 170 22.62 -10.25 -26.51
N VAL C 171 22.82 -11.05 -25.47
CA VAL C 171 24.00 -10.90 -24.63
C VAL C 171 25.25 -11.20 -25.43
N ARG C 172 25.18 -12.16 -26.35
CA ARG C 172 26.25 -12.43 -27.31
C ARG C 172 26.23 -11.30 -28.33
N TYR C 173 26.80 -10.15 -27.93
CA TYR C 173 26.72 -8.95 -28.75
C TYR C 173 27.36 -9.15 -30.12
N TYR C 174 28.29 -10.09 -30.24
CA TYR C 174 28.90 -10.37 -31.53
C TYR C 174 27.93 -11.05 -32.49
N LEU C 175 26.85 -11.62 -31.97
CA LEU C 175 25.85 -12.27 -32.82
C LEU C 175 24.80 -11.28 -33.32
N ASN C 176 24.69 -10.11 -32.71
CA ASN C 176 23.74 -9.10 -33.13
C ASN C 176 24.25 -8.36 -34.35
N GLY C 177 24.60 -9.11 -35.39
CA GLY C 177 25.13 -8.52 -36.61
C GLY C 177 25.53 -9.61 -37.57
N MET C 178 26.18 -9.21 -38.65
CA MET C 178 26.60 -10.13 -39.70
C MET C 178 28.10 -10.04 -39.88
N LEU C 179 28.74 -11.20 -40.05
CA LEU C 179 30.19 -11.29 -40.20
C LEU C 179 30.54 -11.17 -41.67
N PHE C 180 31.23 -10.08 -42.03
CA PHE C 180 31.78 -9.92 -43.37
C PHE C 180 33.23 -10.41 -43.36
N GLU C 181 33.53 -11.39 -44.22
CA GLU C 181 34.84 -12.05 -44.23
C GLU C 181 35.36 -12.14 -45.65
N THR C 182 36.46 -11.46 -45.92
CA THR C 182 37.15 -11.54 -47.21
C THR C 182 38.26 -12.58 -47.10
N GLU C 183 38.32 -13.49 -48.07
CA GLU C 183 39.34 -14.54 -48.03
C GLU C 183 39.76 -14.84 -49.47
N GLY C 184 40.89 -14.26 -49.89
CA GLY C 184 41.44 -14.55 -51.20
C GLY C 184 40.64 -14.00 -52.35
N GLU C 185 39.73 -14.82 -52.88
CA GLU C 185 38.94 -14.43 -54.05
C GLU C 185 37.46 -14.23 -53.73
N GLU C 186 36.97 -14.75 -52.61
CA GLU C 186 35.57 -14.70 -52.26
C GLU C 186 35.33 -13.78 -51.07
N LEU C 187 34.14 -13.18 -51.06
CA LEU C 187 33.63 -12.42 -49.93
C LEU C 187 32.48 -13.21 -49.31
N ARG C 188 32.61 -13.53 -48.03
CA ARG C 188 31.67 -14.41 -47.36
C ARG C 188 31.00 -13.69 -46.19
N THR C 189 29.69 -13.87 -46.07
CA THR C 189 28.91 -13.32 -44.98
C THR C 189 28.37 -14.46 -44.13
N VAL C 190 28.48 -14.32 -42.81
CA VAL C 190 28.04 -15.32 -41.85
C VAL C 190 27.16 -14.63 -40.82
N ALA C 191 26.07 -15.30 -40.42
CA ALA C 191 25.18 -14.78 -39.40
C ALA C 191 24.54 -15.93 -38.64
N THR C 192 24.49 -15.81 -37.31
CA THR C 192 23.90 -16.84 -36.47
C THR C 192 23.33 -16.18 -35.22
N ASP C 193 22.37 -16.86 -34.60
CA ASP C 193 21.71 -16.37 -33.41
C ASP C 193 21.76 -17.40 -32.27
N GLY C 194 22.59 -18.42 -32.39
CA GLY C 194 22.67 -19.47 -31.39
C GLY C 194 21.72 -20.62 -31.59
N HIS C 195 20.84 -20.52 -32.58
CA HIS C 195 19.87 -21.57 -32.90
C HIS C 195 19.96 -22.02 -34.34
N ARG C 196 20.29 -21.11 -35.26
CA ARG C 196 20.47 -21.44 -36.66
C ARG C 196 21.50 -20.48 -37.25
N LEU C 197 22.27 -20.99 -38.20
CA LEU C 197 23.35 -20.25 -38.84
C LEU C 197 23.15 -20.21 -40.34
N ALA C 198 23.58 -19.12 -40.95
CA ALA C 198 23.53 -18.94 -42.40
C ALA C 198 24.86 -18.38 -42.87
N VAL C 199 25.42 -18.97 -43.92
CA VAL C 199 26.72 -18.56 -44.47
C VAL C 199 26.64 -18.58 -45.99
N CYS C 200 26.96 -17.46 -46.62
CA CYS C 200 27.00 -17.34 -48.07
C CYS C 200 28.37 -16.84 -48.51
N SER C 201 28.74 -17.17 -49.75
CA SER C 201 30.05 -16.81 -50.27
C SER C 201 29.94 -16.54 -51.77
N MET C 202 30.41 -15.37 -52.19
CA MET C 202 30.39 -14.95 -53.59
C MET C 202 31.77 -14.44 -54.01
N PRO C 203 32.19 -14.76 -55.23
CA PRO C 203 33.50 -14.31 -55.71
C PRO C 203 33.48 -12.91 -56.31
N ILE C 204 34.62 -12.25 -56.21
CA ILE C 204 34.82 -10.93 -56.83
C ILE C 204 35.94 -11.07 -57.87
N GLY C 205 36.37 -9.94 -58.43
CA GLY C 205 37.34 -9.97 -59.50
C GLY C 205 38.78 -9.73 -59.10
N GLN C 206 39.02 -9.36 -57.84
CA GLN C 206 40.36 -9.05 -57.36
C GLN C 206 40.70 -9.90 -56.13
N SER C 207 42.00 -10.05 -55.89
CA SER C 207 42.48 -10.78 -54.72
C SER C 207 42.43 -9.88 -53.50
N LEU C 208 41.92 -10.42 -52.38
CA LEU C 208 41.73 -9.61 -51.19
C LEU C 208 42.47 -10.20 -49.99
N PRO C 209 43.02 -9.37 -49.11
CA PRO C 209 43.66 -9.89 -47.89
C PRO C 209 42.62 -10.45 -46.92
N SER C 210 43.02 -11.50 -46.21
CA SER C 210 42.13 -12.16 -45.26
C SER C 210 41.76 -11.22 -44.12
N HIS C 211 40.48 -10.92 -43.99
CA HIS C 211 40.00 -9.98 -42.98
C HIS C 211 38.54 -10.27 -42.70
N SER C 212 38.13 -10.09 -41.43
CA SER C 212 36.76 -10.37 -41.03
C SER C 212 36.31 -9.35 -40.00
N VAL C 213 35.13 -8.75 -40.22
CA VAL C 213 34.54 -7.77 -39.32
C VAL C 213 33.07 -8.11 -39.10
N ILE C 214 32.50 -7.52 -38.06
CA ILE C 214 31.10 -7.75 -37.69
C ILE C 214 30.34 -6.44 -37.89
N VAL C 215 29.48 -6.40 -38.90
CA VAL C 215 28.64 -5.24 -39.17
C VAL C 215 27.35 -5.36 -38.35
N PRO C 216 26.97 -4.33 -37.59
CA PRO C 216 25.77 -4.43 -36.74
C PRO C 216 24.51 -4.65 -37.58
N ARG C 217 23.43 -5.02 -36.86
CA ARG C 217 22.14 -5.26 -37.50
C ARG C 217 21.68 -4.06 -38.33
N LYS C 218 21.52 -2.90 -37.68
CA LYS C 218 21.04 -1.71 -38.38
C LYS C 218 21.99 -1.31 -39.51
N GLY C 219 23.29 -1.58 -39.35
CA GLY C 219 24.21 -1.32 -40.44
C GLY C 219 23.93 -2.19 -41.64
N VAL C 220 23.67 -3.47 -41.41
CA VAL C 220 23.34 -4.38 -42.50
C VAL C 220 22.03 -3.96 -43.16
N ILE C 221 21.05 -3.55 -42.36
CA ILE C 221 19.77 -3.11 -42.91
C ILE C 221 19.97 -1.90 -43.81
N GLU C 222 20.71 -0.91 -43.33
CA GLU C 222 20.92 0.31 -44.11
C GLU C 222 21.83 0.06 -45.30
N LEU C 223 22.73 -0.92 -45.20
CA LEU C 223 23.64 -1.20 -46.31
C LEU C 223 22.91 -1.79 -47.51
N MET C 224 21.82 -2.52 -47.27
CA MET C 224 21.08 -3.15 -48.35
C MET C 224 20.02 -2.23 -48.94
N ARG C 225 19.39 -1.39 -48.13
CA ARG C 225 18.35 -0.49 -48.66
C ARG C 225 18.93 0.62 -49.52
N MET C 226 20.24 0.88 -49.41
CA MET C 226 20.89 1.86 -50.26
C MET C 226 21.23 1.30 -51.64
N LEU C 227 21.11 0.00 -51.83
CA LEU C 227 21.37 -0.62 -53.11
C LEU C 227 20.15 -0.46 -54.02
N ASP C 228 20.38 0.06 -55.22
CA ASP C 228 19.29 0.26 -56.17
C ASP C 228 19.51 -0.56 -57.44
N GLY C 229 18.87 -0.16 -58.54
CA GLY C 229 19.05 -0.90 -59.78
C GLY C 229 20.42 -0.69 -60.39
N GLY C 230 20.90 0.55 -60.42
CA GLY C 230 22.20 0.84 -60.99
C GLY C 230 22.18 1.99 -61.97
N ASP C 231 23.09 1.94 -62.94
CA ASP C 231 24.05 0.86 -63.06
C ASP C 231 25.41 1.26 -62.51
N ASN C 232 25.52 1.33 -61.18
CA ASN C 232 26.76 1.70 -60.52
C ASN C 232 27.27 0.57 -59.64
N PRO C 233 28.57 0.35 -59.60
CA PRO C 233 29.16 -0.65 -58.69
C PRO C 233 29.19 -0.13 -57.26
N LEU C 234 29.69 -0.99 -56.36
CA LEU C 234 29.75 -0.70 -54.93
C LEU C 234 31.20 -0.74 -54.47
N ARG C 235 31.72 0.42 -54.05
CA ARG C 235 33.05 0.52 -53.46
C ARG C 235 32.95 0.35 -51.95
N VAL C 236 33.64 -0.66 -51.41
CA VAL C 236 33.61 -0.98 -50.00
C VAL C 236 35.00 -0.76 -49.42
N GLN C 237 35.07 -0.02 -48.30
CA GLN C 237 36.33 0.27 -47.62
C GLN C 237 36.19 -0.22 -46.17
N ILE C 238 36.60 -1.45 -45.93
CA ILE C 238 36.57 -2.03 -44.59
C ILE C 238 37.83 -1.60 -43.84
N GLY C 239 37.64 -1.01 -42.66
CA GLY C 239 38.73 -0.51 -41.86
C GLY C 239 38.96 -1.32 -40.61
N SER C 240 39.71 -0.73 -39.67
CA SER C 240 40.04 -1.41 -38.43
C SER C 240 38.82 -1.51 -37.51
N ASN C 241 38.05 -0.43 -37.39
CA ASN C 241 36.87 -0.43 -36.53
C ASN C 241 35.65 0.21 -37.20
N ASN C 242 35.71 0.50 -38.50
CA ASN C 242 34.58 1.07 -39.21
C ASN C 242 34.49 0.45 -40.60
N ILE C 243 33.32 0.57 -41.20
CA ILE C 243 33.09 0.12 -42.56
C ILE C 243 32.42 1.24 -43.34
N ARG C 244 32.82 1.42 -44.60
CA ARG C 244 32.31 2.48 -45.46
C ARG C 244 31.99 1.90 -46.82
N ALA C 245 30.81 2.25 -47.35
CA ALA C 245 30.34 1.76 -48.64
C ALA C 245 30.01 2.95 -49.54
N HIS C 246 30.61 2.97 -50.73
CA HIS C 246 30.38 4.01 -51.72
C HIS C 246 29.55 3.44 -52.86
N VAL C 247 28.39 4.05 -53.13
CA VAL C 247 27.57 3.68 -54.28
C VAL C 247 26.82 4.91 -54.76
N GLY C 248 27.01 5.27 -56.02
CA GLY C 248 26.42 6.50 -56.54
C GLY C 248 27.06 7.70 -55.88
N ASP C 249 26.23 8.59 -55.35
CA ASP C 249 26.69 9.75 -54.59
C ASP C 249 26.44 9.58 -53.09
N PHE C 250 26.12 8.37 -52.64
CA PHE C 250 25.87 8.10 -51.25
C PHE C 250 27.08 7.42 -50.63
N ILE C 251 27.45 7.84 -49.43
CA ILE C 251 28.59 7.30 -48.69
C ILE C 251 28.08 6.86 -47.32
N PHE C 252 27.86 5.56 -47.16
CA PHE C 252 27.39 5.00 -45.90
C PHE C 252 28.57 4.58 -45.03
N THR C 253 28.57 5.03 -43.77
CA THR C 253 29.63 4.70 -42.82
C THR C 253 29.00 4.18 -41.54
N SER C 254 29.55 3.09 -41.00
CA SER C 254 29.02 2.45 -39.80
C SER C 254 30.15 1.90 -38.96
N LYS C 255 29.98 2.00 -37.63
CA LYS C 255 30.91 1.37 -36.71
C LYS C 255 30.73 -0.14 -36.72
N LEU C 256 31.78 -0.85 -36.32
CA LEU C 256 31.80 -2.30 -36.30
C LEU C 256 31.66 -2.83 -34.88
N VAL C 257 31.10 -4.04 -34.76
CA VAL C 257 30.91 -4.68 -33.46
C VAL C 257 32.25 -5.21 -32.97
N ASP C 258 32.76 -4.62 -31.90
CA ASP C 258 34.05 -5.00 -31.32
C ASP C 258 33.88 -6.32 -30.57
N GLY C 259 33.91 -7.42 -31.33
CA GLY C 259 33.74 -8.73 -30.74
C GLY C 259 34.38 -9.81 -31.60
N ARG C 260 34.39 -11.02 -31.05
CA ARG C 260 34.96 -12.19 -31.69
C ARG C 260 33.82 -13.07 -32.19
N PHE C 261 33.67 -13.16 -33.51
CA PHE C 261 32.58 -13.95 -34.06
C PHE C 261 32.92 -15.44 -34.04
N PRO C 262 31.97 -16.30 -33.66
CA PRO C 262 32.26 -17.74 -33.60
C PRO C 262 32.63 -18.28 -34.98
N ASP C 263 33.35 -19.40 -34.96
CA ASP C 263 33.75 -20.07 -36.19
C ASP C 263 32.57 -20.83 -36.78
N TYR C 264 32.17 -20.46 -38.00
CA TYR C 264 31.05 -21.14 -38.63
C TYR C 264 31.45 -22.51 -39.15
N ARG C 265 32.73 -22.71 -39.46
CA ARG C 265 33.19 -24.01 -39.95
C ARG C 265 33.09 -25.08 -38.86
N ARG C 266 33.14 -24.67 -37.60
CA ARG C 266 33.03 -25.58 -36.47
C ARG C 266 31.58 -25.93 -36.14
N VAL C 267 30.61 -25.28 -36.79
CA VAL C 267 29.20 -25.53 -36.53
C VAL C 267 28.67 -26.48 -37.59
N LEU C 268 29.25 -26.43 -38.80
CA LEU C 268 28.80 -27.27 -39.90
C LEU C 268 28.88 -28.74 -39.51
N PRO C 269 27.80 -29.52 -39.71
CA PRO C 269 27.81 -30.94 -39.31
C PRO C 269 28.96 -31.72 -39.95
N LYS C 270 29.95 -32.09 -39.14
CA LYS C 270 31.10 -32.83 -39.66
C LYS C 270 30.70 -34.26 -39.97
N ASN C 271 30.88 -34.66 -41.24
CA ASN C 271 30.60 -36.00 -41.74
C ASN C 271 29.19 -36.48 -41.39
N PRO C 272 28.15 -35.93 -42.01
CA PRO C 272 26.82 -36.49 -41.85
C PRO C 272 26.64 -37.73 -42.72
N ASP C 273 25.75 -38.61 -42.29
CA ASP C 273 25.55 -39.89 -42.95
C ASP C 273 24.20 -40.04 -43.63
N LYS C 274 23.34 -39.03 -43.55
CA LYS C 274 22.00 -39.10 -44.15
C LYS C 274 21.79 -37.87 -45.01
N HIS C 275 21.46 -38.09 -46.29
CA HIS C 275 21.24 -37.01 -47.25
C HIS C 275 19.86 -37.17 -47.88
N LEU C 276 19.10 -36.08 -47.90
CA LEU C 276 17.74 -36.06 -48.42
C LEU C 276 17.61 -34.92 -49.42
N GLU C 277 17.20 -35.25 -50.64
CA GLU C 277 16.89 -34.25 -51.66
C GLU C 277 15.38 -34.16 -51.84
N ALA C 278 14.88 -32.94 -52.02
CA ALA C 278 13.45 -32.73 -52.17
C ALA C 278 13.20 -31.47 -52.98
N GLY C 279 12.01 -31.38 -53.55
CA GLY C 279 11.60 -30.16 -54.25
C GLY C 279 11.44 -29.02 -53.26
N CYS C 280 12.08 -27.89 -53.55
CA CYS C 280 12.07 -26.77 -52.62
C CYS C 280 10.65 -26.22 -52.42
N ASP C 281 9.89 -26.09 -53.49
CA ASP C 281 8.53 -25.54 -53.37
C ASP C 281 7.61 -26.48 -52.60
N LEU C 282 7.54 -27.74 -53.03
CA LEU C 282 6.65 -28.69 -52.37
C LEU C 282 7.03 -28.88 -50.90
N LEU C 283 8.32 -28.79 -50.58
CA LEU C 283 8.74 -28.88 -49.18
C LEU C 283 8.32 -27.63 -48.41
N LYS C 284 8.51 -26.45 -49.01
CA LYS C 284 8.13 -25.20 -48.36
C LYS C 284 6.63 -25.16 -48.09
N GLN C 285 5.82 -25.54 -49.08
CA GLN C 285 4.37 -25.49 -48.91
C GLN C 285 3.90 -26.52 -47.88
N ALA C 286 4.58 -27.67 -47.80
CA ALA C 286 4.20 -28.67 -46.80
C ALA C 286 4.47 -28.16 -45.40
N PHE C 287 5.62 -27.54 -45.18
CA PHE C 287 5.92 -26.95 -43.88
C PHE C 287 4.97 -25.80 -43.58
N ALA C 288 4.60 -25.02 -44.60
CA ALA C 288 3.70 -23.88 -44.39
C ALA C 288 2.32 -24.34 -43.99
N ARG C 289 1.80 -25.41 -44.61
CA ARG C 289 0.49 -25.91 -44.25
C ARG C 289 0.51 -26.58 -42.88
N ALA C 290 1.61 -27.24 -42.54
CA ALA C 290 1.71 -27.91 -41.24
C ALA C 290 1.89 -26.90 -40.11
N ALA C 291 2.43 -25.73 -40.40
CA ALA C 291 2.62 -24.71 -39.37
C ALA C 291 1.30 -24.11 -38.89
N ILE C 292 0.23 -24.27 -39.66
CA ILE C 292 -1.06 -23.71 -39.26
C ILE C 292 -1.54 -24.33 -37.96
N LEU C 293 -1.42 -25.66 -37.84
CA LEU C 293 -1.88 -26.38 -36.66
C LEU C 293 -0.76 -26.67 -35.67
N SER C 294 0.38 -26.01 -35.81
CA SER C 294 1.45 -26.15 -34.84
C SER C 294 1.15 -25.30 -33.60
N ASN C 295 2.01 -25.41 -32.60
CA ASN C 295 1.87 -24.58 -31.41
C ASN C 295 2.13 -23.13 -31.79
N GLU C 296 1.27 -22.23 -31.31
CA GLU C 296 1.37 -20.83 -31.70
C GLU C 296 2.65 -20.19 -31.20
N LYS C 297 3.20 -20.69 -30.10
CA LYS C 297 4.36 -20.07 -29.44
C LYS C 297 5.67 -20.80 -29.75
N PHE C 298 5.68 -22.12 -29.67
CA PHE C 298 6.92 -22.89 -29.85
C PHE C 298 7.14 -23.34 -31.28
N ARG C 299 6.09 -23.34 -32.12
CA ARG C 299 6.21 -23.62 -33.55
C ARG C 299 6.81 -25.00 -33.81
N GLY C 300 6.35 -25.99 -33.06
CA GLY C 300 6.93 -27.32 -33.12
C GLY C 300 6.37 -28.24 -34.20
N VAL C 301 7.25 -28.74 -35.07
CA VAL C 301 6.92 -29.76 -36.05
C VAL C 301 7.95 -30.87 -35.95
N ARG C 302 7.53 -32.09 -36.28
CA ARG C 302 8.40 -33.26 -36.25
C ARG C 302 8.48 -33.88 -37.63
N LEU C 303 9.69 -34.10 -38.12
CA LEU C 303 9.95 -34.73 -39.41
C LEU C 303 10.32 -36.19 -39.19
N TYR C 304 9.68 -37.09 -39.94
CA TYR C 304 9.99 -38.51 -39.91
C TYR C 304 10.45 -38.91 -41.30
N VAL C 305 11.76 -39.08 -41.47
CA VAL C 305 12.34 -39.48 -42.75
C VAL C 305 12.35 -41.01 -42.83
N SER C 306 11.95 -41.53 -43.99
CA SER C 306 11.93 -42.97 -44.22
C SER C 306 12.31 -43.20 -45.68
N GLU C 307 12.01 -44.40 -46.18
CA GLU C 307 12.36 -44.75 -47.55
C GLU C 307 11.62 -43.89 -48.57
N ASN C 308 12.33 -42.91 -49.14
CA ASN C 308 11.81 -42.03 -50.20
C ASN C 308 10.52 -41.32 -49.78
N GLN C 309 10.47 -40.90 -48.52
CA GLN C 309 9.26 -40.26 -48.01
C GLN C 309 9.61 -39.38 -46.82
N LEU C 310 9.01 -38.20 -46.78
CA LEU C 310 9.10 -37.30 -45.64
C LEU C 310 7.70 -37.06 -45.10
N LYS C 311 7.55 -37.23 -43.78
CA LYS C 311 6.26 -37.10 -43.10
C LYS C 311 6.37 -36.00 -42.07
N ILE C 312 5.73 -34.86 -42.34
CA ILE C 312 5.74 -33.70 -41.47
C ILE C 312 4.43 -33.66 -40.70
N THR C 313 4.50 -33.70 -39.37
CA THR C 313 3.32 -33.63 -38.53
C THR C 313 3.48 -32.50 -37.51
N ALA C 314 2.35 -31.98 -37.06
CA ALA C 314 2.32 -30.90 -36.08
C ALA C 314 1.00 -30.94 -35.33
N ASN C 315 1.02 -30.44 -34.09
CA ASN C 315 -0.18 -30.40 -33.27
C ASN C 315 -0.07 -29.25 -32.28
N ASN C 316 -1.24 -28.78 -31.81
CA ASN C 316 -1.35 -27.63 -30.92
C ASN C 316 -2.08 -28.01 -29.62
N PRO C 317 -2.03 -27.16 -28.58
CA PRO C 317 -2.77 -27.45 -27.34
C PRO C 317 -4.25 -27.73 -27.54
N GLU C 318 -4.82 -27.31 -28.66
CA GLU C 318 -6.21 -27.65 -28.98
C GLU C 318 -6.37 -29.09 -29.47
N GLN C 319 -5.28 -29.87 -29.43
CA GLN C 319 -5.27 -31.27 -29.86
C GLN C 319 -5.64 -31.41 -31.33
N GLU C 320 -5.37 -30.37 -32.12
CA GLU C 320 -5.59 -30.40 -33.56
C GLU C 320 -4.29 -30.81 -34.24
N GLU C 321 -4.32 -31.92 -34.98
CA GLU C 321 -3.13 -32.47 -35.60
C GLU C 321 -3.18 -32.28 -37.11
N ALA C 322 -2.02 -32.06 -37.73
CA ALA C 322 -1.91 -31.93 -39.17
C ALA C 322 -0.78 -32.81 -39.67
N GLU C 323 -1.05 -33.61 -40.70
CA GLU C 323 -0.10 -34.57 -41.24
C GLU C 323 0.16 -34.27 -42.71
N GLU C 324 1.44 -34.14 -43.06
CA GLU C 324 1.88 -33.84 -44.42
C GLU C 324 2.89 -34.89 -44.85
N ILE C 325 2.52 -35.70 -45.83
CA ILE C 325 3.41 -36.70 -46.41
C ILE C 325 3.77 -36.23 -47.83
N LEU C 326 5.06 -36.25 -48.15
CA LEU C 326 5.50 -35.88 -49.48
C LEU C 326 6.70 -36.74 -49.88
N ASP C 327 6.75 -37.09 -51.16
CA ASP C 327 7.78 -37.97 -51.67
C ASP C 327 9.09 -37.24 -51.87
N VAL C 328 10.18 -37.82 -51.35
CA VAL C 328 11.52 -37.29 -51.46
C VAL C 328 12.45 -38.41 -51.92
N THR C 329 13.70 -38.06 -52.17
CA THR C 329 14.74 -39.03 -52.53
C THR C 329 15.61 -39.25 -51.30
N TYR C 330 15.40 -40.36 -50.61
CA TYR C 330 16.14 -40.64 -49.39
C TYR C 330 16.33 -42.15 -49.25
N SER C 331 17.55 -42.57 -48.89
CA SER C 331 17.86 -43.98 -48.74
C SER C 331 18.50 -44.32 -47.39
N GLY C 332 18.83 -43.32 -46.57
CA GLY C 332 19.42 -43.58 -45.28
C GLY C 332 18.45 -44.23 -44.31
N ALA C 333 18.95 -44.43 -43.09
CA ALA C 333 18.14 -45.04 -42.05
C ALA C 333 17.00 -44.13 -41.62
N GLU C 334 15.93 -44.75 -41.12
CA GLU C 334 14.77 -44.00 -40.68
C GLU C 334 15.09 -43.21 -39.41
N MET C 335 14.59 -41.97 -39.36
CA MET C 335 14.84 -41.10 -38.22
C MET C 335 13.66 -40.14 -38.04
N GLU C 336 13.34 -39.84 -36.79
CA GLU C 336 12.35 -38.84 -36.42
C GLU C 336 13.06 -37.68 -35.73
N ILE C 337 12.92 -36.47 -36.27
CA ILE C 337 13.59 -35.30 -35.75
C ILE C 337 12.62 -34.12 -35.73
N GLY C 338 12.64 -33.36 -34.62
CA GLY C 338 11.79 -32.19 -34.48
C GLY C 338 12.47 -30.90 -34.89
N PHE C 339 11.65 -29.90 -35.23
CA PHE C 339 12.18 -28.62 -35.71
C PHE C 339 11.21 -27.49 -35.38
N ASN C 340 11.78 -26.29 -35.30
CA ASN C 340 11.01 -25.04 -35.26
C ASN C 340 10.62 -24.69 -36.70
N VAL C 341 9.32 -24.76 -37.00
CA VAL C 341 8.86 -24.60 -38.38
C VAL C 341 9.22 -23.22 -38.93
N SER C 342 9.35 -22.21 -38.07
CA SER C 342 9.73 -20.88 -38.55
C SER C 342 11.16 -20.88 -39.07
N TYR C 343 12.06 -21.55 -38.37
CA TYR C 343 13.46 -21.61 -38.80
C TYR C 343 13.59 -22.32 -40.13
N VAL C 344 12.87 -23.44 -40.30
CA VAL C 344 12.96 -24.20 -41.54
C VAL C 344 12.38 -23.40 -42.70
N LEU C 345 11.28 -22.68 -42.47
CA LEU C 345 10.68 -21.86 -43.52
C LEU C 345 11.58 -20.70 -43.90
N ASP C 346 12.33 -20.15 -42.94
CA ASP C 346 13.25 -19.06 -43.27
C ASP C 346 14.35 -19.55 -44.22
N VAL C 347 14.82 -20.77 -44.04
CA VAL C 347 15.87 -21.30 -44.91
C VAL C 347 15.31 -21.58 -46.30
N LEU C 348 14.15 -22.22 -46.37
CA LEU C 348 13.55 -22.55 -47.67
C LEU C 348 13.14 -21.30 -48.44
N ASN C 349 12.83 -20.21 -47.73
CA ASN C 349 12.51 -18.96 -48.41
C ASN C 349 13.76 -18.27 -48.93
N ALA C 350 14.88 -18.42 -48.24
CA ALA C 350 16.14 -17.87 -48.73
C ALA C 350 16.69 -18.67 -49.90
N LEU C 351 16.31 -19.94 -50.01
CA LEU C 351 16.75 -20.82 -51.09
C LEU C 351 15.72 -20.78 -52.22
N LYS C 352 15.73 -19.69 -52.98
CA LYS C 352 14.86 -19.55 -54.15
C LYS C 352 15.43 -20.41 -55.28
N CYS C 353 15.22 -21.73 -55.18
CA CYS C 353 15.83 -22.68 -56.09
C CYS C 353 14.83 -23.79 -56.41
N GLU C 354 15.30 -24.78 -57.17
CA GLU C 354 14.47 -25.92 -57.57
C GLU C 354 14.39 -26.96 -56.46
N ASN C 355 15.50 -27.64 -56.19
CA ASN C 355 15.57 -28.67 -55.16
C ASN C 355 16.54 -28.27 -54.06
N VAL C 356 16.29 -28.80 -52.86
CA VAL C 356 17.12 -28.53 -51.70
C VAL C 356 17.72 -29.83 -51.21
N ARG C 357 18.80 -29.72 -50.44
CA ARG C 357 19.52 -30.86 -49.90
C ARG C 357 19.61 -30.72 -48.38
N MET C 358 19.15 -31.75 -47.67
CA MET C 358 19.22 -31.80 -46.22
C MET C 358 20.20 -32.89 -45.80
N MET C 359 21.17 -32.52 -44.96
CA MET C 359 22.20 -33.43 -44.48
C MET C 359 22.06 -33.57 -42.96
N LEU C 360 21.69 -34.76 -42.51
CA LEU C 360 21.39 -34.99 -41.10
C LEU C 360 22.35 -36.01 -40.51
N THR C 361 22.35 -36.08 -39.17
CA THR C 361 23.12 -37.08 -38.44
C THR C 361 22.21 -37.88 -37.51
N ASP C 362 21.67 -37.26 -36.47
CA ASP C 362 20.71 -37.93 -35.60
C ASP C 362 19.70 -36.89 -35.11
N SER C 363 18.77 -37.34 -34.26
CA SER C 363 17.63 -36.52 -33.88
C SER C 363 18.02 -35.35 -32.97
N VAL C 364 19.18 -35.41 -32.31
CA VAL C 364 19.56 -34.37 -31.36
C VAL C 364 20.81 -33.64 -31.84
N SER C 365 20.94 -33.46 -33.15
CA SER C 365 22.08 -32.74 -33.70
C SER C 365 21.63 -31.89 -34.89
N SER C 366 22.45 -30.90 -35.21
CA SER C 366 22.13 -29.91 -36.23
C SER C 366 21.98 -30.55 -37.60
N VAL C 367 21.24 -29.87 -38.47
CA VAL C 367 20.95 -30.32 -39.82
C VAL C 367 21.32 -29.21 -40.79
N GLN C 368 22.09 -29.55 -41.83
CA GLN C 368 22.53 -28.60 -42.84
C GLN C 368 21.61 -28.65 -44.05
N ILE C 369 21.10 -27.49 -44.46
CA ILE C 369 20.23 -27.35 -45.61
C ILE C 369 20.92 -26.47 -46.64
N GLU C 370 20.95 -26.92 -47.90
CA GLU C 370 21.60 -26.15 -48.96
C GLU C 370 20.91 -26.48 -50.28
N ASP C 371 21.22 -25.65 -51.29
CA ASP C 371 20.68 -25.87 -52.62
C ASP C 371 21.37 -27.06 -53.29
N ALA C 372 20.57 -27.89 -53.96
CA ALA C 372 21.11 -29.06 -54.65
C ALA C 372 21.89 -28.67 -55.90
N ALA C 373 21.70 -27.45 -56.40
CA ALA C 373 22.41 -26.99 -57.60
C ALA C 373 23.74 -26.36 -57.21
N SER C 374 23.71 -25.14 -56.69
CA SER C 374 24.91 -24.43 -56.27
C SER C 374 25.11 -24.58 -54.77
N GLN C 375 26.38 -24.56 -54.35
CA GLN C 375 26.75 -24.67 -52.95
C GLN C 375 27.38 -23.39 -52.43
N SER C 376 26.95 -22.24 -52.94
CA SER C 376 27.49 -20.96 -52.52
C SER C 376 26.97 -20.51 -51.16
N ALA C 377 25.86 -21.08 -50.69
CA ALA C 377 25.27 -20.72 -49.42
C ALA C 377 24.84 -21.97 -48.67
N ALA C 378 25.14 -22.02 -47.38
CA ALA C 378 24.77 -23.15 -46.54
C ALA C 378 24.00 -22.64 -45.31
N TYR C 379 23.14 -23.51 -44.78
CA TYR C 379 22.30 -23.18 -43.64
C TYR C 379 22.30 -24.35 -42.67
N VAL C 380 22.37 -24.05 -41.37
CA VAL C 380 22.40 -25.05 -40.31
C VAL C 380 21.32 -24.69 -39.29
N VAL C 381 20.48 -25.65 -38.95
CA VAL C 381 19.38 -25.45 -38.01
C VAL C 381 19.44 -26.54 -36.94
N MET C 382 19.36 -26.15 -35.66
CA MET C 382 19.40 -27.09 -34.55
C MET C 382 17.99 -27.59 -34.24
N PRO C 383 17.81 -28.89 -34.04
CA PRO C 383 16.48 -29.47 -33.81
C PRO C 383 15.96 -29.17 -32.40
N MET C 384 14.77 -29.71 -32.13
CA MET C 384 14.10 -29.61 -30.84
C MET C 384 13.94 -31.00 -30.22
N ARG C 385 13.65 -31.01 -28.93
CA ARG C 385 13.37 -32.24 -28.19
C ARG C 385 11.88 -32.55 -28.17
N SER D 19 -23.63 -34.30 -37.57
CA SER D 19 -22.74 -35.38 -37.15
C SER D 19 -22.48 -36.34 -38.30
N HIS D 20 -23.03 -36.01 -39.47
CA HIS D 20 -22.89 -36.90 -40.61
C HIS D 20 -22.59 -36.10 -41.89
N MET D 21 -22.08 -34.88 -41.74
CA MET D 21 -21.80 -34.03 -42.89
C MET D 21 -20.59 -34.50 -43.67
N LYS D 22 -20.65 -34.38 -44.99
CA LYS D 22 -19.56 -34.77 -45.86
C LYS D 22 -19.76 -34.12 -47.22
N PHE D 23 -18.71 -33.47 -47.73
CA PHE D 23 -18.75 -32.89 -49.06
C PHE D 23 -17.34 -32.86 -49.65
N THR D 24 -17.28 -32.75 -50.97
CA THR D 24 -16.02 -32.64 -51.69
C THR D 24 -16.19 -31.58 -52.77
N VAL D 25 -15.33 -30.57 -52.75
CA VAL D 25 -15.44 -29.43 -53.66
C VAL D 25 -14.04 -28.95 -53.99
N GLU D 26 -13.88 -28.46 -55.22
CA GLU D 26 -12.59 -27.93 -55.66
C GLU D 26 -12.17 -26.74 -54.81
N ARG D 27 -10.86 -26.50 -54.75
CA ARG D 27 -10.33 -25.39 -53.97
C ARG D 27 -10.74 -24.04 -54.55
N GLU D 28 -10.88 -23.97 -55.87
CA GLU D 28 -11.21 -22.69 -56.52
C GLU D 28 -12.65 -22.26 -56.27
N HIS D 29 -13.50 -23.15 -55.76
CA HIS D 29 -14.88 -22.78 -55.45
C HIS D 29 -15.05 -22.34 -54.00
N LEU D 30 -14.01 -22.44 -53.18
CA LEU D 30 -14.08 -22.11 -51.77
C LEU D 30 -13.35 -20.83 -51.39
N LEU D 31 -12.26 -20.50 -52.09
CA LEU D 31 -11.41 -19.38 -51.69
C LEU D 31 -12.20 -18.08 -51.58
N LYS D 32 -12.87 -17.69 -52.66
CA LYS D 32 -13.61 -16.44 -52.66
C LYS D 32 -14.79 -16.46 -51.68
N PRO D 33 -15.60 -17.53 -51.63
CA PRO D 33 -16.65 -17.56 -50.59
C PRO D 33 -16.10 -17.52 -49.18
N LEU D 34 -15.01 -18.24 -48.91
CA LEU D 34 -14.39 -18.21 -47.60
C LEU D 34 -13.93 -16.80 -47.25
N GLN D 35 -13.24 -16.14 -48.19
CA GLN D 35 -12.69 -14.82 -47.91
C GLN D 35 -13.79 -13.79 -47.64
N GLN D 36 -14.94 -13.92 -48.31
CA GLN D 36 -16.02 -12.96 -48.10
C GLN D 36 -16.66 -13.15 -46.72
N VAL D 37 -16.70 -14.38 -46.21
CA VAL D 37 -17.28 -14.65 -44.90
C VAL D 37 -16.24 -14.70 -43.79
N SER D 38 -14.95 -14.65 -44.14
CA SER D 38 -13.86 -14.64 -43.17
C SER D 38 -13.11 -13.32 -43.34
N GLY D 39 -13.60 -12.31 -42.61
CA GLY D 39 -13.02 -10.98 -42.66
C GLY D 39 -12.73 -10.47 -41.25
N PRO D 40 -12.48 -9.15 -41.13
CA PRO D 40 -12.21 -8.56 -39.81
C PRO D 40 -13.41 -8.76 -38.89
N LEU D 41 -13.28 -9.69 -37.95
CA LEU D 41 -14.34 -9.98 -37.01
C LEU D 41 -13.83 -10.33 -35.62
N PRO D 45 -11.10 -12.44 -29.67
CA PRO D 45 -12.29 -11.60 -29.83
C PRO D 45 -13.34 -12.22 -30.74
N THR D 46 -14.61 -12.25 -30.31
CA THR D 46 -14.99 -11.75 -28.99
C THR D 46 -15.72 -12.83 -28.21
N LEU D 47 -15.96 -13.98 -28.86
CA LEU D 47 -16.72 -15.06 -28.27
C LEU D 47 -16.37 -16.35 -29.01
N PRO D 48 -16.22 -17.49 -28.30
CA PRO D 48 -15.72 -18.73 -28.93
C PRO D 48 -16.30 -19.07 -30.30
N ILE D 49 -17.62 -19.19 -30.42
CA ILE D 49 -18.20 -19.62 -31.69
C ILE D 49 -18.24 -18.52 -32.72
N LEU D 50 -18.05 -17.27 -32.32
CA LEU D 50 -18.07 -16.17 -33.28
C LEU D 50 -16.86 -16.15 -34.20
N GLY D 51 -15.81 -16.89 -33.88
CA GLY D 51 -14.66 -17.03 -34.73
C GLY D 51 -14.70 -18.24 -35.64
N ASN D 52 -15.86 -18.87 -35.76
CA ASN D 52 -16.05 -20.06 -36.57
C ASN D 52 -16.98 -19.77 -37.74
N LEU D 53 -16.91 -20.63 -38.75
CA LEU D 53 -17.77 -20.55 -39.92
C LEU D 53 -18.79 -21.68 -39.88
N LEU D 54 -20.05 -21.35 -40.15
CA LEU D 54 -21.12 -22.34 -40.14
C LEU D 54 -21.17 -23.04 -41.50
N LEU D 55 -20.62 -24.25 -41.56
CA LEU D 55 -20.72 -25.09 -42.76
C LEU D 55 -21.95 -25.97 -42.65
N GLN D 56 -22.73 -26.04 -43.72
CA GLN D 56 -23.94 -26.85 -43.73
C GLN D 56 -24.21 -27.31 -45.15
N VAL D 57 -24.31 -28.62 -45.34
CA VAL D 57 -24.57 -29.21 -46.64
C VAL D 57 -26.04 -29.58 -46.72
N ALA D 58 -26.75 -29.01 -47.70
CA ALA D 58 -28.13 -29.37 -48.01
C ALA D 58 -28.19 -29.65 -49.51
N ASP D 59 -28.51 -30.88 -49.87
CA ASP D 59 -28.46 -31.30 -51.28
C ASP D 59 -29.21 -30.36 -52.20
N GLY D 60 -28.48 -29.73 -53.13
CA GLY D 60 -27.04 -29.95 -53.25
C GLY D 60 -26.18 -28.70 -53.25
N THR D 61 -26.22 -27.95 -52.14
CA THR D 61 -25.43 -26.72 -52.01
C THR D 61 -24.71 -26.71 -50.68
N LEU D 62 -23.67 -25.87 -50.61
CA LEU D 62 -22.88 -25.65 -49.40
C LEU D 62 -23.00 -24.20 -48.98
N SER D 63 -23.36 -23.97 -47.72
CA SER D 63 -23.56 -22.64 -47.18
C SER D 63 -22.50 -22.32 -46.13
N LEU D 64 -21.84 -21.17 -46.27
CA LEU D 64 -20.81 -20.71 -45.35
C LEU D 64 -21.27 -19.39 -44.73
N THR D 65 -21.40 -19.36 -43.40
CA THR D 65 -21.92 -18.21 -42.70
C THR D 65 -20.93 -17.70 -41.65
N GLY D 66 -20.90 -16.38 -41.47
CA GLY D 66 -20.08 -15.73 -40.45
C GLY D 66 -20.69 -14.46 -39.90
N THR D 67 -20.68 -14.27 -38.58
CA THR D 67 -21.32 -13.12 -37.96
C THR D 67 -20.46 -12.58 -36.83
N ASP D 68 -20.93 -11.49 -36.21
CA ASP D 68 -20.27 -10.89 -35.05
C ASP D 68 -21.29 -10.33 -34.07
N LEU D 69 -22.47 -10.95 -34.01
CA LEU D 69 -23.59 -10.54 -33.16
C LEU D 69 -24.15 -9.18 -33.59
N GLU D 70 -23.94 -8.79 -34.85
CA GLU D 70 -24.39 -7.51 -35.35
C GLU D 70 -24.82 -7.64 -36.80
N MET D 71 -23.96 -8.21 -37.63
CA MET D 71 -24.27 -8.50 -39.03
C MET D 71 -23.72 -9.88 -39.38
N GLU D 72 -24.28 -10.47 -40.43
CA GLU D 72 -23.85 -11.78 -40.90
C GLU D 72 -23.56 -11.74 -42.40
N MET D 73 -22.84 -12.77 -42.86
CA MET D 73 -22.43 -12.88 -44.25
C MET D 73 -22.53 -14.34 -44.66
N VAL D 74 -23.41 -14.64 -45.62
CA VAL D 74 -23.69 -16.00 -46.05
C VAL D 74 -23.27 -16.17 -47.51
N ALA D 75 -22.63 -17.30 -47.81
CA ALA D 75 -22.22 -17.65 -49.16
C ALA D 75 -22.70 -19.06 -49.49
N ARG D 76 -23.22 -19.24 -50.70
CA ARG D 76 -23.70 -20.53 -51.18
C ARG D 76 -22.80 -21.05 -52.29
N VAL D 77 -22.44 -22.32 -52.20
CA VAL D 77 -21.55 -22.96 -53.17
C VAL D 77 -22.25 -24.20 -53.72
N ALA D 78 -22.33 -24.30 -55.05
CA ALA D 78 -22.94 -25.45 -55.69
C ALA D 78 -22.02 -26.66 -55.60
N LEU D 79 -22.55 -27.77 -55.08
CA LEU D 79 -21.80 -29.02 -54.94
C LEU D 79 -22.23 -29.98 -56.04
N VAL D 80 -21.32 -30.30 -56.95
CA VAL D 80 -21.61 -31.24 -58.04
C VAL D 80 -21.06 -32.64 -57.77
N GLN D 81 -20.29 -32.82 -56.70
CA GLN D 81 -19.70 -34.09 -56.31
C GLN D 81 -20.48 -34.69 -55.14
N PRO D 82 -20.44 -36.03 -54.98
CA PRO D 82 -21.24 -36.68 -53.94
C PRO D 82 -21.03 -36.06 -52.57
N HIS D 83 -22.12 -35.98 -51.80
CA HIS D 83 -22.12 -35.33 -50.50
C HIS D 83 -23.20 -35.94 -49.62
N GLU D 84 -23.17 -35.60 -48.33
CA GLU D 84 -24.15 -36.07 -47.36
C GLU D 84 -24.60 -34.89 -46.50
N PRO D 85 -25.90 -34.72 -46.29
CA PRO D 85 -26.38 -33.56 -45.52
C PRO D 85 -25.85 -33.56 -44.09
N GLY D 86 -25.58 -32.36 -43.59
CA GLY D 86 -25.08 -32.19 -42.24
C GLY D 86 -24.67 -30.74 -42.02
N ALA D 87 -24.20 -30.47 -40.82
CA ALA D 87 -23.79 -29.12 -40.47
C ALA D 87 -22.80 -29.15 -39.31
N THR D 88 -21.91 -28.17 -39.29
CA THR D 88 -20.91 -28.01 -38.23
C THR D 88 -20.30 -26.62 -38.34
N THR D 89 -19.46 -26.28 -37.36
CA THR D 89 -18.70 -25.04 -37.34
C THR D 89 -17.20 -25.36 -37.26
N VAL D 90 -16.39 -24.41 -37.69
CA VAL D 90 -14.94 -24.63 -37.80
C VAL D 90 -14.21 -23.29 -37.73
N PRO D 91 -13.06 -23.21 -37.01
CA PRO D 91 -12.28 -21.97 -36.97
C PRO D 91 -12.06 -21.32 -38.33
N ALA D 92 -12.52 -20.07 -38.47
CA ALA D 92 -12.52 -19.39 -39.76
C ALA D 92 -11.11 -19.23 -40.32
N ARG D 93 -10.20 -18.67 -39.53
CA ARG D 93 -8.87 -18.36 -40.07
C ARG D 93 -8.09 -19.63 -40.40
N LYS D 94 -8.16 -20.64 -39.54
CA LYS D 94 -7.42 -21.87 -39.79
C LYS D 94 -7.95 -22.58 -41.03
N PHE D 95 -9.27 -22.71 -41.15
CA PHE D 95 -9.84 -23.39 -42.30
C PHE D 95 -9.55 -22.64 -43.60
N PHE D 96 -9.52 -21.30 -43.54
CA PHE D 96 -9.19 -20.52 -44.72
C PHE D 96 -7.72 -20.68 -45.10
N ASP D 97 -6.82 -20.60 -44.11
CA ASP D 97 -5.40 -20.71 -44.39
C ASP D 97 -5.04 -22.09 -44.95
N ILE D 98 -5.77 -23.13 -44.54
CA ILE D 98 -5.53 -24.46 -45.07
C ILE D 98 -5.92 -24.53 -46.55
N CYS D 99 -7.16 -24.14 -46.86
CA CYS D 99 -7.63 -24.19 -48.25
C CYS D 99 -6.82 -23.29 -49.16
N ARG D 100 -6.35 -22.14 -48.65
CA ARG D 100 -5.56 -21.23 -49.47
C ARG D 100 -4.12 -21.72 -49.63
N GLY D 101 -3.59 -22.43 -48.63
CA GLY D 101 -2.24 -22.95 -48.75
C GLY D 101 -2.12 -24.15 -49.67
N LEU D 102 -3.25 -24.80 -49.97
CA LEU D 102 -3.25 -25.95 -50.84
C LEU D 102 -2.92 -25.54 -52.28
N PRO D 103 -2.32 -26.43 -53.07
CA PRO D 103 -1.99 -26.09 -54.46
C PRO D 103 -3.24 -25.77 -55.28
N GLU D 104 -3.01 -25.09 -56.41
CA GLU D 104 -4.11 -24.70 -57.28
C GLU D 104 -4.69 -25.91 -58.00
N GLY D 105 -6.02 -25.99 -58.04
CA GLY D 105 -6.69 -27.09 -58.70
C GLY D 105 -6.92 -28.31 -57.84
N ALA D 106 -6.62 -28.23 -56.54
CA ALA D 106 -6.76 -29.35 -55.64
C ALA D 106 -8.20 -29.51 -55.18
N GLU D 107 -8.60 -30.77 -54.98
CA GLU D 107 -9.91 -31.09 -54.40
C GLU D 107 -9.79 -31.16 -52.89
N ILE D 108 -10.80 -30.68 -52.19
CA ILE D 108 -10.82 -30.61 -50.73
C ILE D 108 -11.95 -31.51 -50.23
N ALA D 109 -11.58 -32.56 -49.50
CA ALA D 109 -12.54 -33.50 -48.91
C ALA D 109 -12.75 -33.14 -47.45
N VAL D 110 -14.00 -32.88 -47.07
CA VAL D 110 -14.36 -32.48 -45.72
C VAL D 110 -15.41 -33.43 -45.18
N GLN D 111 -15.16 -33.98 -43.99
CA GLN D 111 -16.12 -34.85 -43.32
C GLN D 111 -15.93 -34.74 -41.81
N LEU D 112 -16.94 -35.18 -41.07
CA LEU D 112 -16.94 -35.11 -39.62
C LEU D 112 -16.56 -36.47 -39.03
N GLU D 113 -15.56 -36.48 -38.14
CA GLU D 113 -15.15 -37.67 -37.42
C GLU D 113 -14.97 -37.32 -35.94
N GLY D 114 -16.02 -37.54 -35.15
CA GLY D 114 -15.98 -37.23 -33.73
C GLY D 114 -16.33 -35.79 -33.45
N GLU D 115 -15.61 -35.16 -32.53
CA GLU D 115 -15.79 -33.75 -32.22
C GLU D 115 -14.87 -32.85 -33.04
N ARG D 116 -14.39 -33.33 -34.18
CA ARG D 116 -13.48 -32.56 -35.01
C ARG D 116 -13.75 -32.85 -36.48
N MET D 117 -13.38 -31.89 -37.31
CA MET D 117 -13.58 -31.96 -38.76
C MET D 117 -12.27 -32.29 -39.45
N LEU D 118 -12.33 -33.18 -40.43
CA LEU D 118 -11.15 -33.65 -41.14
C LEU D 118 -11.13 -33.10 -42.56
N VAL D 119 -10.03 -32.44 -42.92
CA VAL D 119 -9.83 -31.86 -44.25
C VAL D 119 -8.73 -32.63 -44.96
N ARG D 120 -9.02 -33.11 -46.16
CA ARG D 120 -8.07 -33.88 -46.94
C ARG D 120 -7.92 -33.29 -48.34
N SER D 121 -6.67 -33.16 -48.79
CA SER D 121 -6.38 -32.69 -50.15
C SER D 121 -5.08 -33.36 -50.57
N GLY D 122 -5.19 -34.45 -51.32
CA GLY D 122 -4.00 -35.18 -51.73
C GLY D 122 -3.44 -35.96 -50.56
N ARG D 123 -2.16 -35.75 -50.29
CA ARG D 123 -1.47 -36.37 -49.15
C ARG D 123 -1.47 -35.48 -47.92
N SER D 124 -2.33 -34.47 -47.89
CA SER D 124 -2.45 -33.55 -46.77
C SER D 124 -3.72 -33.85 -46.01
N ARG D 125 -3.60 -34.03 -44.68
CA ARG D 125 -4.73 -34.33 -43.82
C ARG D 125 -4.69 -33.38 -42.63
N PHE D 126 -5.82 -32.73 -42.37
CA PHE D 126 -5.96 -31.77 -41.29
C PHE D 126 -7.16 -32.14 -40.42
N SER D 127 -6.98 -32.00 -39.12
CA SER D 127 -8.04 -32.27 -38.14
C SER D 127 -8.27 -31.00 -37.33
N LEU D 128 -9.47 -30.44 -37.45
CA LEU D 128 -9.81 -29.15 -36.84
C LEU D 128 -10.89 -29.33 -35.80
N SER D 129 -10.66 -28.78 -34.60
CA SER D 129 -11.66 -28.83 -33.54
C SER D 129 -12.91 -28.04 -33.94
N THR D 130 -14.08 -28.57 -33.62
CA THR D 130 -15.34 -28.00 -34.03
C THR D 130 -16.21 -27.67 -32.82
N LEU D 131 -17.24 -26.87 -33.08
CA LEU D 131 -18.29 -26.53 -32.12
C LEU D 131 -19.65 -26.88 -32.70
N PRO D 132 -20.62 -27.26 -31.86
CA PRO D 132 -21.94 -27.65 -32.36
C PRO D 132 -22.57 -26.56 -33.22
N ALA D 133 -23.16 -26.97 -34.35
CA ALA D 133 -23.81 -26.03 -35.26
C ALA D 133 -25.09 -25.46 -34.68
N ALA D 134 -25.72 -26.14 -33.72
CA ALA D 134 -26.94 -25.64 -33.12
C ALA D 134 -26.69 -24.44 -32.21
N ASP D 135 -25.44 -24.22 -31.80
CA ASP D 135 -25.06 -23.10 -30.95
C ASP D 135 -24.72 -21.85 -31.75
N PHE D 136 -24.91 -21.89 -33.07
CA PHE D 136 -24.53 -20.76 -33.93
C PHE D 136 -25.62 -19.71 -33.91
N PRO D 137 -25.27 -18.43 -33.72
CA PRO D 137 -26.29 -17.38 -33.67
C PRO D 137 -27.00 -17.20 -35.01
N ASN D 138 -28.29 -17.55 -35.06
CA ASN D 138 -29.11 -17.40 -36.25
C ASN D 138 -29.92 -16.10 -36.15
N LEU D 139 -29.80 -15.25 -37.17
CA LEU D 139 -30.56 -14.01 -37.22
C LEU D 139 -32.04 -14.31 -37.46
N ASP D 140 -32.91 -13.81 -36.57
CA ASP D 140 -34.34 -14.03 -36.72
C ASP D 140 -34.86 -13.34 -37.98
N ASP D 141 -35.38 -14.15 -38.90
CA ASP D 141 -35.86 -13.63 -40.18
C ASP D 141 -37.04 -12.69 -39.97
N TRP D 142 -36.87 -11.44 -40.38
CA TRP D 142 -37.88 -10.40 -40.23
C TRP D 142 -38.67 -10.24 -41.52
N GLN D 143 -39.56 -9.26 -41.54
CA GLN D 143 -40.38 -8.96 -42.71
C GLN D 143 -39.77 -7.78 -43.46
N SER D 144 -39.38 -8.03 -44.70
CA SER D 144 -38.80 -6.98 -45.54
C SER D 144 -39.86 -5.96 -45.97
N GLU D 145 -39.42 -4.73 -46.19
CA GLU D 145 -40.32 -3.67 -46.63
C GLU D 145 -39.86 -3.06 -47.95
N VAL D 146 -38.95 -2.10 -47.90
CA VAL D 146 -38.46 -1.43 -49.10
C VAL D 146 -37.38 -2.31 -49.75
N GLU D 147 -37.53 -2.55 -51.05
CA GLU D 147 -36.60 -3.38 -51.79
C GLU D 147 -36.36 -2.77 -53.18
N PHE D 148 -35.09 -2.69 -53.57
CA PHE D 148 -34.72 -2.12 -54.86
C PHE D 148 -33.43 -2.78 -55.33
N THR D 149 -33.11 -2.57 -56.61
CA THR D 149 -31.93 -3.14 -57.24
C THR D 149 -31.16 -2.03 -57.94
N LEU D 150 -29.91 -1.83 -57.55
CA LEU D 150 -29.04 -0.83 -58.12
C LEU D 150 -27.68 -1.43 -58.41
N PRO D 151 -26.94 -0.88 -59.37
CA PRO D 151 -25.60 -1.41 -59.66
C PRO D 151 -24.62 -1.20 -58.51
N GLN D 152 -23.57 -2.01 -58.51
CA GLN D 152 -22.56 -1.94 -57.45
C GLN D 152 -21.80 -0.62 -57.50
N ALA D 153 -21.60 -0.05 -58.68
CA ALA D 153 -20.87 1.20 -58.78
C ALA D 153 -21.61 2.34 -58.10
N THR D 154 -22.95 2.33 -58.19
CA THR D 154 -23.73 3.37 -57.54
C THR D 154 -23.66 3.25 -56.02
N MET D 155 -23.77 2.02 -55.51
CA MET D 155 -23.68 1.83 -54.06
C MET D 155 -22.30 2.19 -53.54
N LYS D 156 -21.25 1.86 -54.30
CA LYS D 156 -19.89 2.20 -53.87
C LYS D 156 -19.68 3.71 -53.84
N ARG D 157 -20.28 4.43 -54.78
CA ARG D 157 -20.14 5.89 -54.78
C ARG D 157 -20.88 6.51 -53.61
N LEU D 158 -22.08 6.02 -53.31
CA LEU D 158 -22.85 6.56 -52.19
C LEU D 158 -22.14 6.35 -50.86
N ILE D 159 -21.44 5.22 -50.72
CA ILE D 159 -20.74 4.93 -49.47
C ILE D 159 -19.46 5.72 -49.37
N GLU D 160 -18.60 5.64 -50.40
CA GLU D 160 -17.31 6.32 -50.37
C GLU D 160 -17.46 7.83 -50.16
N ALA D 161 -18.53 8.42 -50.66
CA ALA D 161 -18.72 9.87 -50.58
C ALA D 161 -19.12 10.36 -49.19
N THR D 162 -19.56 9.45 -48.30
CA THR D 162 -20.02 9.83 -46.98
C THR D 162 -19.41 9.02 -45.85
N GLN D 163 -18.74 7.90 -46.14
CA GLN D 163 -18.26 7.00 -45.09
C GLN D 163 -17.35 7.70 -44.08
N PHE D 164 -16.42 8.52 -44.57
CA PHE D 164 -15.38 9.08 -43.69
C PHE D 164 -15.95 10.00 -42.62
N SER D 165 -17.19 10.48 -42.77
CA SER D 165 -17.77 11.42 -41.83
C SER D 165 -18.55 10.75 -40.71
N MET D 166 -18.52 9.43 -40.62
CA MET D 166 -19.22 8.74 -39.54
C MET D 166 -18.47 8.89 -38.22
N ALA D 167 -19.20 8.71 -37.13
CA ALA D 167 -18.62 8.75 -35.79
C ALA D 167 -18.27 7.33 -35.34
N HIS D 168 -17.44 7.24 -34.31
CA HIS D 168 -16.90 5.97 -33.84
C HIS D 168 -17.10 5.87 -32.33
N GLN D 169 -17.96 4.95 -31.89
CA GLN D 169 -18.24 4.68 -30.48
C GLN D 169 -18.56 5.97 -29.72
N ASP D 170 -19.59 6.67 -30.19
CA ASP D 170 -20.03 7.92 -29.62
C ASP D 170 -21.28 7.70 -28.77
N VAL D 171 -21.49 8.60 -27.81
CA VAL D 171 -22.73 8.55 -27.02
C VAL D 171 -23.93 8.80 -27.93
N ARG D 172 -23.77 9.64 -28.94
CA ARG D 172 -24.78 9.83 -29.98
C ARG D 172 -24.74 8.58 -30.85
N TYR D 173 -25.35 7.51 -30.35
CA TYR D 173 -25.29 6.21 -31.01
C TYR D 173 -25.86 6.26 -32.41
N TYR D 174 -26.75 7.21 -32.70
CA TYR D 174 -27.30 7.37 -34.03
C TYR D 174 -26.28 7.89 -35.03
N LEU D 175 -25.17 8.46 -34.56
CA LEU D 175 -24.13 8.95 -35.43
C LEU D 175 -23.10 7.90 -35.79
N ASN D 176 -23.03 6.80 -35.04
CA ASN D 176 -22.07 5.74 -35.30
C ASN D 176 -22.54 4.86 -36.45
N GLY D 177 -22.81 5.49 -37.59
CA GLY D 177 -23.29 4.76 -38.74
C GLY D 177 -23.63 5.73 -39.86
N MET D 178 -24.22 5.18 -40.91
CA MET D 178 -24.60 5.94 -42.09
C MET D 178 -26.10 5.84 -42.33
N LEU D 179 -26.69 6.96 -42.70
CA LEU D 179 -28.13 7.05 -42.93
C LEU D 179 -28.42 6.70 -44.39
N PHE D 180 -29.10 5.58 -44.63
CA PHE D 180 -29.60 5.23 -45.95
C PHE D 180 -31.03 5.73 -46.06
N GLU D 181 -31.29 6.60 -47.03
CA GLU D 181 -32.58 7.27 -47.15
C GLU D 181 -33.05 7.21 -48.60
N THR D 182 -34.16 6.52 -48.83
CA THR D 182 -34.80 6.47 -50.14
C THR D 182 -35.91 7.51 -50.20
N GLU D 183 -35.93 8.29 -51.28
CA GLU D 183 -36.94 9.34 -51.45
C GLU D 183 -37.33 9.43 -52.92
N GLY D 184 -38.44 8.81 -53.28
CA GLY D 184 -38.96 8.89 -54.63
C GLY D 184 -38.12 8.17 -55.66
N GLU D 185 -37.19 8.91 -56.29
CA GLU D 185 -36.36 8.35 -57.35
C GLU D 185 -34.90 8.19 -56.97
N GLU D 186 -34.45 8.88 -55.92
CA GLU D 186 -33.05 8.88 -55.53
C GLU D 186 -32.84 8.15 -54.21
N LEU D 187 -31.66 7.57 -54.06
CA LEU D 187 -31.19 6.98 -52.82
C LEU D 187 -30.06 7.84 -52.27
N ARG D 188 -30.23 8.32 -51.03
CA ARG D 188 -29.32 9.28 -50.43
C ARG D 188 -28.69 8.72 -49.17
N THR D 189 -27.38 8.92 -49.03
CA THR D 189 -26.64 8.51 -47.85
C THR D 189 -26.10 9.74 -47.14
N VAL D 190 -26.27 9.78 -45.81
CA VAL D 190 -25.83 10.91 -44.99
C VAL D 190 -25.02 10.36 -43.81
N ALA D 191 -23.96 11.07 -43.44
CA ALA D 191 -23.15 10.69 -42.30
C ALA D 191 -22.55 11.94 -41.65
N THR D 192 -22.56 11.98 -40.32
CA THR D 192 -22.03 13.12 -39.58
C THR D 192 -21.52 12.64 -38.23
N ASP D 193 -20.58 13.41 -37.67
CA ASP D 193 -19.97 13.08 -36.39
C ASP D 193 -20.04 14.23 -35.39
N GLY D 194 -20.85 15.25 -35.66
CA GLY D 194 -20.95 16.41 -34.80
C GLY D 194 -19.97 17.52 -35.11
N HIS D 195 -19.07 17.32 -36.06
CA HIS D 195 -18.11 18.35 -36.45
C HIS D 195 -18.18 18.60 -37.95
N ARG D 196 -18.47 17.56 -38.74
CA ARG D 196 -18.61 17.70 -40.18
C ARG D 196 -19.60 16.67 -40.70
N LEU D 197 -20.30 17.04 -41.76
CA LEU D 197 -21.35 16.21 -42.34
C LEU D 197 -21.06 15.95 -43.82
N ALA D 198 -21.48 14.77 -44.28
CA ALA D 198 -21.34 14.39 -45.68
C ALA D 198 -22.65 13.76 -46.16
N VAL D 199 -23.13 14.21 -47.31
CA VAL D 199 -24.40 13.73 -47.89
C VAL D 199 -24.24 13.56 -49.39
N CYS D 200 -24.56 12.36 -49.89
CA CYS D 200 -24.54 12.06 -51.32
C CYS D 200 -25.90 11.54 -51.74
N SER D 201 -26.21 11.70 -53.02
CA SER D 201 -27.52 11.30 -53.55
C SER D 201 -27.37 10.81 -54.99
N MET D 202 -27.85 9.59 -55.24
CA MET D 202 -27.81 9.01 -56.58
C MET D 202 -29.18 8.46 -56.97
N PRO D 203 -29.59 8.64 -58.21
CA PRO D 203 -30.89 8.15 -58.66
C PRO D 203 -30.85 6.71 -59.13
N ILE D 204 -31.99 6.03 -59.00
CA ILE D 204 -32.16 4.67 -59.49
C ILE D 204 -33.24 4.67 -60.57
N GLY D 205 -33.63 3.49 -61.04
CA GLY D 205 -34.56 3.38 -62.14
C GLY D 205 -36.01 3.16 -61.75
N GLN D 206 -36.27 2.90 -60.48
CA GLN D 206 -37.62 2.62 -60.01
C GLN D 206 -38.02 3.59 -58.90
N SER D 207 -39.33 3.75 -58.73
CA SER D 207 -39.86 4.62 -57.69
C SER D 207 -39.85 3.91 -56.35
N LEU D 208 -39.38 4.60 -55.31
CA LEU D 208 -39.25 4.00 -54.00
C LEU D 208 -40.05 4.78 -52.96
N PRO D 209 -40.67 4.09 -51.99
CA PRO D 209 -41.35 4.78 -50.91
C PRO D 209 -40.37 5.45 -49.96
N SER D 210 -40.78 6.60 -49.41
CA SER D 210 -39.92 7.36 -48.51
C SER D 210 -39.62 6.57 -47.25
N HIS D 211 -38.34 6.28 -47.02
CA HIS D 211 -37.92 5.47 -45.90
C HIS D 211 -36.45 5.78 -45.59
N SER D 212 -36.09 5.77 -44.31
CA SER D 212 -34.73 6.08 -43.88
C SER D 212 -34.33 5.19 -42.71
N VAL D 213 -33.14 4.58 -42.82
CA VAL D 213 -32.59 3.71 -41.77
C VAL D 213 -31.13 4.08 -41.55
N ILE D 214 -30.59 3.61 -40.42
CA ILE D 214 -29.20 3.85 -40.03
C ILE D 214 -28.45 2.53 -40.04
N VAL D 215 -27.54 2.36 -40.99
CA VAL D 215 -26.70 1.17 -41.05
C VAL D 215 -25.47 1.39 -40.18
N PRO D 216 -25.15 0.47 -39.27
CA PRO D 216 -24.00 0.67 -38.36
C PRO D 216 -22.68 0.81 -39.12
N ARG D 217 -21.66 1.24 -38.38
CA ARG D 217 -20.33 1.41 -38.94
C ARG D 217 -19.83 0.14 -39.61
N LYS D 218 -19.71 -0.95 -38.83
CA LYS D 218 -19.22 -2.20 -39.39
C LYS D 218 -20.12 -2.71 -40.50
N GLY D 219 -21.42 -2.42 -40.43
CA GLY D 219 -22.32 -2.79 -41.51
C GLY D 219 -21.99 -2.07 -42.81
N VAL D 220 -21.70 -0.77 -42.72
CA VAL D 220 -21.30 -0.01 -43.90
C VAL D 220 -19.98 -0.53 -44.46
N ILE D 221 -19.03 -0.84 -43.58
CA ILE D 221 -17.73 -1.34 -44.02
C ILE D 221 -17.89 -2.64 -44.81
N GLU D 222 -18.64 -3.59 -44.25
CA GLU D 222 -18.80 -4.88 -44.90
C GLU D 222 -19.66 -4.78 -46.14
N LEU D 223 -20.57 -3.80 -46.18
CA LEU D 223 -21.44 -3.64 -47.34
C LEU D 223 -20.67 -3.19 -48.56
N MET D 224 -19.58 -2.44 -48.37
CA MET D 224 -18.79 -1.96 -49.49
C MET D 224 -17.71 -2.94 -49.90
N ARG D 225 -17.11 -3.67 -48.94
CA ARG D 225 -16.07 -4.63 -49.28
C ARG D 225 -16.64 -5.85 -49.99
N MET D 226 -17.94 -6.07 -49.90
CA MET D 226 -18.58 -7.16 -50.65
C MET D 226 -18.83 -6.79 -52.09
N LEU D 227 -18.68 -5.53 -52.46
CA LEU D 227 -18.85 -5.08 -53.84
C LEU D 227 -17.58 -5.39 -54.63
N ASP D 228 -17.75 -6.06 -55.77
CA ASP D 228 -16.62 -6.41 -56.61
C ASP D 228 -16.74 -5.75 -57.98
N GLY D 229 -16.06 -6.30 -58.99
CA GLY D 229 -16.15 -5.74 -60.32
C GLY D 229 -17.50 -5.98 -60.96
N GLY D 230 -18.00 -7.21 -60.87
CA GLY D 230 -19.29 -7.57 -61.44
C GLY D 230 -19.22 -8.83 -62.27
N ASP D 231 -20.08 -8.93 -63.28
CA ASP D 231 -21.04 -7.88 -63.57
C ASP D 231 -22.43 -8.25 -63.05
N ASN D 232 -22.60 -8.15 -61.72
CA ASN D 232 -23.87 -8.48 -61.09
C ASN D 232 -24.46 -7.27 -60.39
N PRO D 233 -25.77 -7.09 -60.45
CA PRO D 233 -26.41 -5.98 -59.73
C PRO D 233 -26.49 -6.30 -58.23
N LEU D 234 -26.99 -5.32 -57.48
CA LEU D 234 -27.11 -5.40 -56.03
C LEU D 234 -28.57 -5.28 -55.65
N ARG D 235 -29.15 -6.35 -55.12
CA ARG D 235 -30.51 -6.31 -54.60
C ARG D 235 -30.46 -5.96 -53.11
N VAL D 236 -31.14 -4.88 -52.73
CA VAL D 236 -31.16 -4.39 -51.36
C VAL D 236 -32.58 -4.53 -50.83
N GLN D 237 -32.72 -5.12 -49.64
CA GLN D 237 -34.00 -5.33 -48.97
C GLN D 237 -33.94 -4.63 -47.61
N ILE D 238 -34.39 -3.37 -47.56
CA ILE D 238 -34.42 -2.62 -46.31
C ILE D 238 -35.69 -3.00 -45.55
N GLY D 239 -35.51 -3.42 -44.30
CA GLY D 239 -36.60 -3.85 -43.46
C GLY D 239 -36.90 -2.89 -42.32
N SER D 240 -37.65 -3.39 -41.34
CA SER D 240 -38.03 -2.56 -40.20
C SER D 240 -36.84 -2.30 -39.28
N ASN D 241 -36.07 -3.35 -38.97
CA ASN D 241 -34.92 -3.21 -38.08
C ASN D 241 -33.68 -3.92 -38.60
N ASN D 242 -33.71 -4.41 -39.84
CA ASN D 242 -32.56 -5.06 -40.44
C ASN D 242 -32.46 -4.63 -41.89
N ILE D 243 -31.27 -4.79 -42.47
CA ILE D 243 -31.02 -4.51 -43.87
C ILE D 243 -30.30 -5.72 -44.48
N ARG D 244 -30.67 -6.06 -45.71
CA ARG D 244 -30.13 -7.23 -46.40
C ARG D 244 -29.73 -6.85 -47.82
N ALA D 245 -28.54 -7.27 -48.23
CA ALA D 245 -27.99 -6.98 -49.54
C ALA D 245 -27.65 -8.27 -50.28
N HIS D 246 -28.19 -8.44 -51.48
CA HIS D 246 -27.95 -9.61 -52.31
C HIS D 246 -27.06 -9.22 -53.47
N VAL D 247 -25.91 -9.88 -53.60
CA VAL D 247 -25.03 -9.68 -54.75
C VAL D 247 -24.27 -10.98 -55.04
N GLY D 248 -24.42 -11.50 -56.25
CA GLY D 248 -23.82 -12.78 -56.58
C GLY D 248 -24.48 -13.90 -55.79
N ASP D 249 -23.67 -14.71 -55.14
CA ASP D 249 -24.16 -15.76 -54.26
C ASP D 249 -23.96 -15.40 -52.79
N PHE D 250 -23.64 -14.14 -52.49
CA PHE D 250 -23.43 -13.65 -51.14
C PHE D 250 -24.67 -12.90 -50.68
N ILE D 251 -25.08 -13.14 -49.43
CA ILE D 251 -26.24 -12.50 -48.82
C ILE D 251 -25.77 -11.86 -47.52
N PHE D 252 -25.60 -10.54 -47.52
CA PHE D 252 -25.21 -9.78 -46.33
C PHE D 252 -26.45 -9.29 -45.59
N THR D 253 -26.49 -9.53 -44.29
CA THR D 253 -27.59 -9.11 -43.43
C THR D 253 -27.03 -8.39 -42.22
N SER D 254 -27.65 -7.26 -41.86
CA SER D 254 -27.16 -6.45 -40.76
C SER D 254 -28.32 -5.84 -39.97
N LYS D 255 -28.16 -5.76 -38.66
CA LYS D 255 -29.09 -5.04 -37.81
C LYS D 255 -28.95 -3.54 -38.03
N LEU D 256 -30.01 -2.81 -37.73
CA LEU D 256 -30.04 -1.36 -37.89
C LEU D 256 -29.92 -0.66 -36.54
N VAL D 257 -29.38 0.56 -36.57
CA VAL D 257 -29.22 1.37 -35.36
C VAL D 257 -30.58 1.95 -35.00
N ASP D 258 -31.15 1.49 -33.88
CA ASP D 258 -32.45 1.94 -33.41
C ASP D 258 -32.31 3.34 -32.81
N GLY D 259 -32.29 4.34 -33.69
CA GLY D 259 -32.15 5.72 -33.25
C GLY D 259 -32.74 6.68 -34.26
N ARG D 260 -32.79 7.94 -33.86
CA ARG D 260 -33.33 9.02 -34.69
C ARG D 260 -32.18 9.84 -35.26
N PHE D 261 -31.99 9.77 -36.56
CA PHE D 261 -30.89 10.49 -37.21
C PHE D 261 -31.27 11.96 -37.40
N PRO D 262 -30.37 12.90 -37.08
CA PRO D 262 -30.70 14.31 -37.24
C PRO D 262 -30.94 14.69 -38.70
N ASP D 263 -31.67 15.79 -38.88
CA ASP D 263 -32.00 16.30 -40.20
C ASP D 263 -30.78 17.01 -40.81
N TYR D 264 -30.30 16.51 -41.95
CA TYR D 264 -29.15 17.13 -42.60
C TYR D 264 -29.54 18.41 -43.33
N ARG D 265 -30.80 18.53 -43.74
CA ARG D 265 -31.24 19.76 -44.41
C ARG D 265 -31.21 20.95 -43.49
N ARG D 266 -31.33 20.72 -42.18
CA ARG D 266 -31.25 21.76 -41.17
C ARG D 266 -29.81 22.17 -40.87
N VAL D 267 -28.84 21.46 -41.44
CA VAL D 267 -27.42 21.71 -41.21
C VAL D 267 -26.84 22.55 -42.33
N LEU D 268 -27.34 22.36 -43.55
CA LEU D 268 -26.82 23.07 -44.71
C LEU D 268 -26.91 24.58 -44.49
N PRO D 269 -25.81 25.33 -44.70
CA PRO D 269 -25.84 26.78 -44.46
C PRO D 269 -26.93 27.48 -45.25
N LYS D 270 -27.97 27.92 -44.54
CA LYS D 270 -29.11 28.58 -45.17
C LYS D 270 -28.73 29.99 -45.60
N ASN D 271 -28.85 30.27 -46.89
CA ASN D 271 -28.57 31.58 -47.51
C ASN D 271 -27.17 32.07 -47.20
N PRO D 272 -26.12 31.46 -47.76
CA PRO D 272 -24.77 32.01 -47.64
C PRO D 272 -24.55 33.15 -48.63
N ASP D 273 -23.64 34.05 -48.28
CA ASP D 273 -23.37 35.23 -49.09
C ASP D 273 -21.97 35.25 -49.70
N LYS D 274 -21.15 34.22 -49.46
CA LYS D 274 -19.79 34.17 -49.96
C LYS D 274 -19.57 32.85 -50.68
N HIS D 275 -19.15 32.91 -51.94
CA HIS D 275 -18.92 31.74 -52.76
C HIS D 275 -17.50 31.78 -53.33
N LEU D 276 -16.77 30.68 -53.18
CA LEU D 276 -15.38 30.60 -53.63
C LEU D 276 -15.20 29.35 -54.48
N GLU D 277 -14.73 29.54 -55.71
CA GLU D 277 -14.36 28.44 -56.59
C GLU D 277 -12.84 28.35 -56.69
N ALA D 278 -12.33 27.13 -56.70
CA ALA D 278 -10.89 26.92 -56.76
C ALA D 278 -10.60 25.56 -57.37
N GLY D 279 -9.37 25.41 -57.88
CA GLY D 279 -8.93 24.12 -58.37
C GLY D 279 -8.81 23.12 -57.25
N CYS D 280 -9.45 21.96 -57.40
CA CYS D 280 -9.48 20.96 -56.34
C CYS D 280 -8.08 20.46 -56.00
N ASP D 281 -7.26 20.19 -57.01
CA ASP D 281 -5.93 19.67 -56.76
C ASP D 281 -5.05 20.71 -56.09
N LEU D 282 -4.97 21.91 -56.68
CA LEU D 282 -4.13 22.96 -56.11
C LEU D 282 -4.57 23.32 -54.70
N LEU D 283 -5.87 23.22 -54.41
CA LEU D 283 -6.36 23.47 -53.06
C LEU D 283 -5.97 22.33 -52.12
N LYS D 284 -6.11 21.09 -52.58
CA LYS D 284 -5.76 19.94 -51.75
C LYS D 284 -4.27 19.94 -51.41
N GLN D 285 -3.41 20.20 -52.40
CA GLN D 285 -1.98 20.20 -52.13
C GLN D 285 -1.56 21.37 -51.25
N ALA D 286 -2.26 22.49 -51.34
CA ALA D 286 -1.95 23.63 -50.48
C ALA D 286 -2.28 23.32 -49.01
N PHE D 287 -3.44 22.71 -48.77
CA PHE D 287 -3.77 22.30 -47.41
C PHE D 287 -2.83 21.21 -46.91
N ALA D 288 -2.41 20.30 -47.79
CA ALA D 288 -1.50 19.23 -47.39
C ALA D 288 -0.14 19.76 -46.97
N ARG D 289 0.39 20.75 -47.70
CA ARG D 289 1.68 21.33 -47.32
C ARG D 289 1.56 22.17 -46.07
N ALA D 290 0.44 22.86 -45.89
CA ALA D 290 0.28 23.69 -44.69
C ALA D 290 0.05 22.83 -43.45
N ALA D 291 -0.49 21.63 -43.63
CA ALA D 291 -0.73 20.74 -42.49
C ALA D 291 0.57 20.22 -41.88
N ILE D 292 1.69 20.30 -42.61
CA ILE D 292 2.95 19.79 -42.10
C ILE D 292 3.38 20.56 -40.86
N LEU D 293 3.28 21.89 -40.92
CA LEU D 293 3.72 22.75 -39.82
C LEU D 293 2.57 23.17 -38.92
N SER D 294 1.41 22.52 -39.03
CA SER D 294 0.31 22.81 -38.13
C SER D 294 0.53 22.07 -36.80
N ASN D 295 -0.38 22.32 -35.86
CA ASN D 295 -0.30 21.63 -34.57
C ASN D 295 -0.52 20.13 -34.76
N GLU D 296 0.33 19.32 -34.12
CA GLU D 296 0.26 17.88 -34.31
C GLU D 296 -1.05 17.29 -33.77
N LYS D 297 -1.65 17.95 -32.78
CA LYS D 297 -2.85 17.43 -32.12
C LYS D 297 -4.13 18.11 -32.59
N PHE D 298 -4.14 19.44 -32.67
CA PHE D 298 -5.35 20.17 -33.00
C PHE D 298 -5.53 20.42 -34.50
N ARG D 299 -4.45 20.31 -35.28
CA ARG D 299 -4.52 20.38 -36.74
C ARG D 299 -5.13 21.70 -37.22
N GLY D 300 -4.71 22.81 -36.60
CA GLY D 300 -5.30 24.10 -36.88
C GLY D 300 -4.67 24.86 -38.03
N VAL D 301 -5.49 25.20 -39.03
CA VAL D 301 -5.08 26.09 -40.12
C VAL D 301 -6.13 27.19 -40.23
N ARG D 302 -5.69 28.35 -40.70
CA ARG D 302 -6.57 29.51 -40.86
C ARG D 302 -6.57 29.95 -42.32
N LEU D 303 -7.78 30.11 -42.86
CA LEU D 303 -8.00 30.56 -44.23
C LEU D 303 -8.36 32.04 -44.21
N TYR D 304 -7.68 32.83 -45.03
CA TYR D 304 -7.97 34.25 -45.19
C TYR D 304 -8.39 34.50 -46.64
N VAL D 305 -9.69 34.65 -46.86
CA VAL D 305 -10.23 34.91 -48.19
C VAL D 305 -10.24 36.42 -48.42
N SER D 306 -9.82 36.83 -49.61
CA SER D 306 -9.79 38.24 -49.98
C SER D 306 -10.14 38.33 -51.46
N GLU D 307 -9.79 39.46 -52.07
CA GLU D 307 -10.09 39.68 -53.48
C GLU D 307 -9.35 38.69 -54.38
N ASN D 308 -10.05 37.67 -54.84
CA ASN D 308 -9.51 36.69 -55.77
C ASN D 308 -8.23 36.03 -55.25
N GLN D 309 -8.18 35.75 -53.95
CA GLN D 309 -6.99 35.16 -53.35
C GLN D 309 -7.36 34.44 -52.06
N LEU D 310 -6.75 33.27 -51.86
CA LEU D 310 -6.86 32.51 -50.62
C LEU D 310 -5.48 32.33 -50.01
N LYS D 311 -5.36 32.63 -48.71
CA LYS D 311 -4.10 32.57 -47.98
C LYS D 311 -4.26 31.59 -46.82
N ILE D 312 -3.62 30.43 -46.93
CA ILE D 312 -3.68 29.38 -45.92
C ILE D 312 -2.38 29.42 -45.12
N THR D 313 -2.48 29.64 -43.81
CA THR D 313 -1.33 29.67 -42.92
C THR D 313 -1.54 28.70 -41.77
N ALA D 314 -0.44 28.22 -41.20
CA ALA D 314 -0.48 27.29 -40.08
C ALA D 314 0.82 27.39 -39.29
N ASN D 315 0.73 27.05 -38.00
CA ASN D 315 1.90 27.08 -37.13
C ASN D 315 1.72 26.06 -36.02
N ASN D 316 2.85 25.65 -35.43
CA ASN D 316 2.89 24.65 -34.38
C ASN D 316 3.55 25.21 -33.13
N PRO D 317 3.43 24.54 -31.95
CA PRO D 317 4.09 25.04 -30.74
C PRO D 317 5.58 25.29 -30.87
N GLU D 318 6.22 24.69 -31.89
CA GLU D 318 7.61 24.99 -32.17
C GLU D 318 7.80 26.34 -32.85
N GLN D 319 6.72 27.12 -33.00
CA GLN D 319 6.75 28.43 -33.63
C GLN D 319 7.19 28.36 -35.08
N GLU D 320 6.96 27.23 -35.74
CA GLU D 320 7.26 27.07 -37.16
C GLU D 320 6.01 27.38 -37.97
N GLU D 321 6.10 28.37 -38.84
CA GLU D 321 4.96 28.84 -39.63
C GLU D 321 5.13 28.47 -41.10
N ALA D 322 4.00 28.18 -41.73
CA ALA D 322 3.93 27.85 -43.16
C ALA D 322 2.81 28.68 -43.79
N GLU D 323 3.11 29.34 -44.90
CA GLU D 323 2.16 30.23 -45.56
C GLU D 323 1.93 29.75 -46.99
N GLU D 324 0.67 29.60 -47.36
CA GLU D 324 0.27 29.15 -48.69
C GLU D 324 -0.73 30.14 -49.27
N ILE D 325 -0.32 30.86 -50.32
CA ILE D 325 -1.20 31.78 -51.04
C ILE D 325 -1.46 31.20 -52.42
N LEU D 326 -2.73 31.16 -52.82
CA LEU D 326 -3.10 30.65 -54.13
C LEU D 326 -4.27 31.46 -54.69
N ASP D 327 -4.27 31.64 -56.01
CA ASP D 327 -5.27 32.44 -56.69
C ASP D 327 -6.57 31.65 -56.86
N VAL D 328 -7.68 32.26 -56.47
CA VAL D 328 -9.00 31.66 -56.59
C VAL D 328 -9.94 32.68 -57.22
N THR D 329 -11.16 32.25 -57.51
CA THR D 329 -12.22 33.12 -58.03
C THR D 329 -13.16 33.39 -56.87
N TYR D 330 -13.03 34.57 -56.26
CA TYR D 330 -13.81 34.92 -55.09
C TYR D 330 -14.07 36.42 -55.10
N SER D 331 -15.31 36.79 -54.78
CA SER D 331 -15.70 38.20 -54.79
C SER D 331 -16.32 38.70 -53.50
N GLY D 332 -16.61 37.83 -52.54
CA GLY D 332 -17.23 38.26 -51.31
C GLY D 332 -16.32 39.13 -50.46
N ALA D 333 -16.85 39.51 -49.30
CA ALA D 333 -16.11 40.34 -48.35
C ALA D 333 -14.95 39.55 -47.75
N GLU D 334 -13.93 40.27 -47.30
CA GLU D 334 -12.76 39.65 -46.71
C GLU D 334 -13.11 39.02 -45.37
N MET D 335 -12.58 37.82 -45.14
CA MET D 335 -12.84 37.08 -43.91
C MET D 335 -11.66 36.16 -43.60
N GLU D 336 -11.38 36.01 -42.31
CA GLU D 336 -10.40 35.05 -41.81
C GLU D 336 -11.15 33.99 -41.01
N ILE D 337 -11.01 32.73 -41.42
CA ILE D 337 -11.72 31.62 -40.80
C ILE D 337 -10.76 30.46 -40.59
N GLY D 338 -10.82 29.85 -39.39
CA GLY D 338 -9.98 28.71 -39.09
C GLY D 338 -10.65 27.39 -39.38
N PHE D 339 -9.84 26.34 -39.55
CA PHE D 339 -10.38 25.03 -39.88
C PHE D 339 -9.46 23.94 -39.36
N ASN D 340 -10.05 22.77 -39.14
CA ASN D 340 -9.30 21.54 -38.92
C ASN D 340 -8.85 21.01 -40.27
N VAL D 341 -7.54 21.06 -40.53
CA VAL D 341 -7.02 20.74 -41.85
C VAL D 341 -7.34 19.30 -42.24
N SER D 342 -7.49 18.41 -41.25
CA SER D 342 -7.82 17.02 -41.55
C SER D 342 -9.24 16.91 -42.11
N TYR D 343 -10.18 17.68 -41.54
CA TYR D 343 -11.55 17.66 -42.05
C TYR D 343 -11.60 18.19 -43.48
N VAL D 344 -10.88 19.26 -43.76
CA VAL D 344 -10.88 19.85 -45.09
C VAL D 344 -10.23 18.89 -46.10
N LEU D 345 -9.14 18.25 -45.71
CA LEU D 345 -8.47 17.32 -46.60
C LEU D 345 -9.30 16.08 -46.87
N ASP D 346 -10.09 15.64 -45.88
CA ASP D 346 -10.97 14.49 -46.09
C ASP D 346 -12.03 14.81 -47.14
N VAL D 347 -12.54 16.03 -47.13
CA VAL D 347 -13.55 16.43 -48.11
C VAL D 347 -12.93 16.55 -49.50
N LEU D 348 -11.76 17.20 -49.59
CA LEU D 348 -11.12 17.37 -50.89
C LEU D 348 -10.66 16.05 -51.47
N ASN D 349 -10.39 15.05 -50.62
CA ASN D 349 -10.04 13.73 -51.13
C ASN D 349 -11.26 12.98 -51.66
N ALA D 350 -12.43 13.22 -51.06
CA ALA D 350 -13.66 12.60 -51.56
C ALA D 350 -14.13 13.22 -52.86
N LEU D 351 -13.76 14.47 -53.12
CA LEU D 351 -14.17 15.18 -54.34
C LEU D 351 -13.10 14.99 -55.41
N LYS D 352 -13.10 13.81 -56.03
CA LYS D 352 -12.20 13.50 -57.14
C LYS D 352 -12.71 14.22 -58.38
N CYS D 353 -12.50 15.54 -58.42
CA CYS D 353 -13.07 16.38 -59.47
C CYS D 353 -12.08 17.45 -59.88
N GLU D 354 -12.52 18.34 -60.77
CA GLU D 354 -11.68 19.42 -61.28
C GLU D 354 -11.66 20.61 -60.32
N ASN D 355 -12.79 21.30 -60.18
CA ASN D 355 -12.89 22.47 -59.33
C ASN D 355 -13.88 22.22 -58.21
N VAL D 356 -13.68 22.92 -57.09
CA VAL D 356 -14.54 22.81 -55.92
C VAL D 356 -15.18 24.16 -55.64
N ARG D 357 -16.29 24.11 -54.89
CA ARG D 357 -17.05 25.30 -54.52
C ARG D 357 -17.21 25.35 -53.02
N MET D 358 -16.78 26.46 -52.42
CA MET D 358 -16.95 26.71 -50.99
C MET D 358 -17.94 27.84 -50.78
N MET D 359 -18.96 27.58 -49.97
CA MET D 359 -20.02 28.54 -49.66
C MET D 359 -19.96 28.85 -48.17
N LEU D 360 -19.60 30.08 -47.84
CA LEU D 360 -19.36 30.48 -46.46
C LEU D 360 -20.34 31.59 -46.05
N THR D 361 -20.38 31.84 -44.74
CA THR D 361 -21.17 32.94 -44.19
C THR D 361 -20.28 33.84 -43.34
N ASP D 362 -19.78 33.37 -42.20
CA ASP D 362 -18.85 34.13 -41.38
C ASP D 362 -17.88 33.15 -40.73
N SER D 363 -16.98 33.70 -39.90
CA SER D 363 -15.88 32.93 -39.36
C SER D 363 -16.31 31.89 -38.34
N VAL D 364 -17.48 32.03 -37.74
CA VAL D 364 -17.91 31.11 -36.69
C VAL D 364 -19.16 30.36 -37.10
N SER D 365 -19.27 30.01 -38.39
CA SER D 365 -20.40 29.26 -38.88
C SER D 365 -19.94 28.24 -39.91
N SER D 366 -20.80 27.24 -40.13
CA SER D 366 -20.45 26.11 -41.00
C SER D 366 -20.20 26.57 -42.44
N VAL D 367 -19.41 25.79 -43.16
CA VAL D 367 -19.04 26.07 -44.53
C VAL D 367 -19.34 24.85 -45.38
N GLN D 368 -20.04 25.07 -46.50
CA GLN D 368 -20.43 24.00 -47.40
C GLN D 368 -19.43 23.88 -48.55
N ILE D 369 -18.91 22.68 -48.75
CA ILE D 369 -17.96 22.38 -49.82
C ILE D 369 -18.58 21.35 -50.75
N GLU D 370 -18.54 21.62 -52.05
CA GLU D 370 -19.12 20.71 -53.02
C GLU D 370 -18.39 20.85 -54.35
N ASP D 371 -18.64 19.90 -55.25
CA ASP D 371 -18.05 19.92 -56.57
C ASP D 371 -18.67 21.01 -57.43
N ALA D 372 -17.83 21.74 -58.17
CA ALA D 372 -18.32 22.80 -59.03
C ALA D 372 -19.06 22.28 -60.25
N ALA D 373 -18.87 21.02 -60.61
CA ALA D 373 -19.56 20.44 -61.77
C ALA D 373 -20.90 19.86 -61.37
N SER D 374 -20.88 18.71 -60.71
CA SER D 374 -22.10 18.05 -60.26
C SER D 374 -22.36 18.39 -58.79
N GLN D 375 -23.63 18.42 -58.43
CA GLN D 375 -24.07 18.70 -57.06
C GLN D 375 -24.73 17.48 -56.42
N SER D 376 -24.27 16.29 -56.78
CA SER D 376 -24.83 15.06 -56.24
C SER D 376 -24.34 14.77 -54.82
N ALA D 377 -23.24 15.41 -54.40
CA ALA D 377 -22.69 15.21 -53.07
C ALA D 377 -22.29 16.56 -52.48
N ALA D 378 -22.67 16.79 -51.23
CA ALA D 378 -22.35 18.02 -50.52
C ALA D 378 -21.68 17.70 -49.20
N TYR D 379 -20.88 18.64 -48.71
CA TYR D 379 -20.13 18.48 -47.47
C TYR D 379 -20.20 19.76 -46.65
N VAL D 380 -20.31 19.60 -45.33
CA VAL D 380 -20.39 20.73 -44.41
C VAL D 380 -19.34 20.53 -43.32
N VAL D 381 -18.50 21.55 -43.10
CA VAL D 381 -17.44 21.52 -42.10
C VAL D 381 -17.54 22.78 -41.25
N MET D 382 -17.50 22.60 -39.86
CA MET D 382 -17.52 23.67 -38.86
C MET D 382 -16.11 24.17 -38.59
N PRO D 383 -15.95 25.49 -38.53
CA PRO D 383 -14.63 26.08 -38.31
C PRO D 383 -14.13 25.97 -36.87
N MET D 384 -12.96 26.52 -36.60
CA MET D 384 -12.35 26.54 -35.28
C MET D 384 -12.21 27.98 -34.78
N ARG D 385 -12.01 28.11 -33.47
CA ARG D 385 -11.75 29.41 -32.86
C ARG D 385 -10.24 29.67 -32.77
N ALA E 25 28.67 7.04 27.14
CA ALA E 25 27.38 7.48 27.68
C ALA E 25 26.25 6.61 27.16
N GLN E 26 25.97 5.51 27.85
CA GLN E 26 26.70 5.14 29.07
C GLN E 26 27.72 4.04 28.80
N LEU E 27 28.85 4.11 29.49
CA LEU E 27 29.83 3.03 29.43
C LEU E 27 29.23 1.75 29.98
N SER E 28 29.82 0.63 29.60
CA SER E 28 29.31 -0.69 29.99
C SER E 28 30.15 -1.29 31.11
N LEU E 29 29.53 -2.19 31.84
CA LEU E 29 30.18 -2.84 32.97
C LEU E 29 31.21 -3.84 32.47
N PRO E 30 32.39 -3.93 33.10
CA PRO E 30 33.39 -4.92 32.66
C PRO E 30 33.00 -6.34 33.01
N LEU E 31 31.89 -6.82 32.43
CA LEU E 31 31.41 -8.17 32.68
C LEU E 31 32.35 -9.17 32.02
N TYR E 32 33.03 -9.98 32.82
CA TYR E 32 33.98 -10.97 32.32
C TYR E 32 33.39 -12.36 32.55
N LEU E 33 32.96 -12.99 31.47
CA LEU E 33 32.46 -14.36 31.49
C LEU E 33 33.63 -15.31 31.27
N PRO E 34 33.39 -16.64 31.37
CA PRO E 34 34.42 -17.61 31.00
C PRO E 34 35.05 -17.33 29.63
N ASP E 35 36.22 -16.67 29.64
CA ASP E 35 36.94 -16.35 28.42
C ASP E 35 37.89 -17.47 27.99
N ASP E 36 37.57 -18.72 28.33
CA ASP E 36 38.40 -19.85 27.95
C ASP E 36 38.11 -20.35 26.55
N GLU E 37 37.06 -19.85 25.90
CA GLU E 37 36.67 -20.30 24.57
C GLU E 37 37.03 -19.21 23.56
N THR E 38 38.29 -19.22 23.12
CA THR E 38 38.80 -18.28 22.13
C THR E 38 39.40 -19.06 20.97
N PHE E 39 39.82 -18.32 19.93
CA PHE E 39 40.51 -18.96 18.82
C PHE E 39 41.81 -19.60 19.27
N ALA E 40 42.45 -19.05 20.32
CA ALA E 40 43.71 -19.62 20.80
C ALA E 40 43.50 -20.99 21.41
N SER E 41 42.34 -21.23 22.03
CA SER E 41 42.03 -22.51 22.65
C SER E 41 41.21 -23.42 21.73
N PHE E 42 41.10 -23.08 20.45
CA PHE E 42 40.34 -23.87 19.49
C PHE E 42 41.31 -24.61 18.57
N TRP E 43 41.04 -25.89 18.33
CA TRP E 43 41.94 -26.72 17.54
C TRP E 43 41.58 -26.63 16.06
N PRO E 44 42.58 -26.49 15.20
CA PRO E 44 42.30 -26.30 13.77
C PRO E 44 41.68 -27.54 13.12
N GLY E 45 42.37 -28.67 13.19
CA GLY E 45 41.93 -29.88 12.52
C GLY E 45 40.55 -30.33 12.95
N ASP E 46 39.71 -30.72 12.00
CA ASP E 46 40.08 -30.67 10.58
C ASP E 46 39.35 -29.55 9.85
N ASN E 47 39.03 -28.48 10.58
CA ASN E 47 38.31 -27.34 10.03
C ASN E 47 39.25 -26.22 9.61
N SER E 48 40.29 -26.57 8.85
CA SER E 48 41.25 -25.57 8.42
C SER E 48 40.63 -24.59 7.42
N SER E 49 39.80 -25.10 6.50
CA SER E 49 39.15 -24.23 5.53
C SER E 49 38.10 -23.36 6.19
N LEU E 50 37.44 -23.85 7.24
CA LEU E 50 36.42 -23.07 7.93
C LEU E 50 37.07 -21.94 8.73
N LEU E 51 38.10 -22.25 9.52
CA LEU E 51 38.77 -21.23 10.30
C LEU E 51 39.39 -20.15 9.43
N ALA E 52 39.74 -20.49 8.18
CA ALA E 52 40.30 -19.48 7.28
C ALA E 52 39.24 -18.46 6.88
N ALA E 53 38.07 -18.94 6.44
CA ALA E 53 37.01 -18.01 6.04
C ALA E 53 36.39 -17.32 7.24
N LEU E 54 36.38 -17.97 8.40
CA LEU E 54 35.82 -17.35 9.60
C LEU E 54 36.64 -16.14 10.02
N GLN E 55 37.97 -16.26 10.02
CA GLN E 55 38.84 -15.14 10.35
C GLN E 55 39.01 -14.16 9.20
N ASN E 56 38.41 -14.43 8.04
CA ASN E 56 38.42 -13.49 6.93
C ASN E 56 37.24 -12.55 6.94
N VAL E 57 36.09 -12.98 7.47
CA VAL E 57 34.97 -12.08 7.65
C VAL E 57 35.11 -11.25 8.92
N LEU E 58 35.93 -11.68 9.88
CA LEU E 58 36.28 -10.86 11.01
C LEU E 58 37.28 -9.77 10.65
N ARG E 59 37.80 -9.78 9.42
CA ARG E 59 38.63 -8.70 8.94
C ARG E 59 37.83 -7.40 8.86
N GLN E 60 38.54 -6.28 8.98
CA GLN E 60 37.91 -4.97 8.90
C GLN E 60 38.40 -4.20 7.68
N GLU E 61 37.48 -3.76 6.82
CA GLU E 61 36.04 -3.99 7.02
C GLU E 61 35.50 -5.01 6.03
N HIS E 62 35.02 -6.14 6.53
CA HIS E 62 34.41 -7.17 5.68
C HIS E 62 33.17 -7.70 6.39
N SER E 63 32.03 -7.58 5.73
CA SER E 63 30.76 -8.07 6.24
C SER E 63 30.27 -9.22 5.38
N GLY E 64 29.80 -10.28 6.03
CA GLY E 64 29.31 -11.45 5.34
C GLY E 64 28.45 -12.30 6.25
N TYR E 65 28.02 -13.44 5.71
CA TYR E 65 27.18 -14.39 6.42
C TYR E 65 27.71 -15.80 6.19
N ILE E 66 28.05 -16.50 7.27
CA ILE E 66 28.54 -17.87 7.23
C ILE E 66 27.64 -18.73 8.09
N TYR E 67 27.35 -19.94 7.61
CA TYR E 67 26.50 -20.89 8.31
C TYR E 67 27.34 -22.11 8.66
N LEU E 68 27.36 -22.46 9.95
CA LEU E 68 28.19 -23.54 10.48
C LEU E 68 27.26 -24.59 11.11
N TRP E 69 27.09 -25.72 10.43
CA TRP E 69 26.23 -26.78 10.93
C TRP E 69 27.06 -27.97 11.35
N ALA E 70 26.57 -28.68 12.38
CA ALA E 70 27.26 -29.84 12.93
C ALA E 70 26.24 -30.69 13.69
N ARG E 71 26.72 -31.74 14.32
CA ARG E 71 25.85 -32.68 15.04
C ARG E 71 25.88 -32.43 16.55
N GLU E 72 26.84 -33.05 17.23
CA GLU E 72 26.91 -33.02 18.69
C GLU E 72 28.32 -32.66 19.13
N GLY E 73 28.46 -31.50 19.77
CA GLY E 73 29.72 -31.11 20.36
C GLY E 73 30.88 -31.00 19.40
N ALA E 74 30.69 -30.25 18.31
CA ALA E 74 31.77 -30.01 17.36
C ALA E 74 32.49 -28.69 17.59
N GLY E 75 31.90 -27.76 18.34
CA GLY E 75 32.52 -26.48 18.57
C GLY E 75 31.81 -25.32 17.91
N ARG E 76 30.51 -25.48 17.65
CA ARG E 76 29.74 -24.39 17.05
C ARG E 76 29.67 -23.19 18.00
N SER E 77 29.26 -23.44 19.25
CA SER E 77 29.18 -22.35 20.22
C SER E 77 30.58 -21.83 20.59
N HIS E 78 31.60 -22.68 20.47
CA HIS E 78 32.96 -22.25 20.77
C HIS E 78 33.43 -21.19 19.77
N LEU E 79 33.16 -21.40 18.49
CA LEU E 79 33.61 -20.44 17.48
C LEU E 79 32.84 -19.13 17.56
N LEU E 80 31.56 -19.17 17.95
CA LEU E 80 30.80 -17.94 18.11
C LEU E 80 31.32 -17.14 19.29
N HIS E 81 31.63 -17.80 20.41
CA HIS E 81 32.24 -17.09 21.53
C HIS E 81 33.65 -16.63 21.20
N ALA E 82 34.36 -17.37 20.35
CA ALA E 82 35.70 -16.94 19.95
C ALA E 82 35.64 -15.74 19.01
N ALA E 83 34.61 -15.67 18.16
CA ALA E 83 34.47 -14.52 17.27
C ALA E 83 34.00 -13.29 18.03
N CYS E 84 33.19 -13.46 19.08
CA CYS E 84 32.78 -12.32 19.88
C CYS E 84 33.95 -11.78 20.70
N ALA E 85 34.71 -12.67 21.34
CA ALA E 85 35.88 -12.24 22.11
C ALA E 85 36.95 -11.64 21.20
N GLU E 86 36.98 -12.04 19.94
CA GLU E 86 37.95 -11.46 19.01
C GLU E 86 37.63 -10.00 18.72
N LEU E 87 36.36 -9.68 18.53
CA LEU E 87 35.98 -8.29 18.27
C LEU E 87 35.84 -7.49 19.56
N SER E 88 35.51 -8.16 20.66
CA SER E 88 35.41 -7.46 21.95
C SER E 88 36.78 -7.00 22.44
N GLN E 89 37.84 -7.75 22.12
CA GLN E 89 39.18 -7.39 22.59
C GLN E 89 39.77 -6.20 21.83
N ARG E 90 39.23 -5.87 20.66
CA ARG E 90 39.68 -4.70 19.92
C ARG E 90 38.67 -3.56 19.94
N GLY E 91 37.64 -3.64 20.78
CA GLY E 91 36.74 -2.54 21.01
C GLY E 91 35.46 -2.54 20.19
N ASP E 92 35.22 -3.57 19.39
CA ASP E 92 34.03 -3.62 18.55
C ASP E 92 32.83 -4.16 19.33
N ALA E 93 31.66 -3.58 19.08
CA ALA E 93 30.44 -4.08 19.71
C ALA E 93 30.05 -5.41 19.08
N VAL E 94 29.48 -6.30 19.90
CA VAL E 94 29.16 -7.65 19.48
C VAL E 94 27.85 -8.07 20.12
N GLY E 95 27.22 -9.10 19.52
CA GLY E 95 25.98 -9.63 20.03
C GLY E 95 25.85 -11.13 19.84
N TYR E 96 25.52 -11.84 20.92
CA TYR E 96 25.40 -13.29 20.90
C TYR E 96 23.98 -13.67 21.33
N VAL E 97 23.25 -14.34 20.45
CA VAL E 97 21.84 -14.66 20.67
C VAL E 97 21.64 -16.17 20.74
N PRO E 98 21.70 -16.79 21.92
CA PRO E 98 21.44 -18.23 22.00
C PRO E 98 19.97 -18.58 21.81
N LEU E 99 19.61 -19.10 20.63
CA LEU E 99 18.21 -19.42 20.36
C LEU E 99 17.73 -20.66 21.10
N ASP E 100 18.63 -21.44 21.69
CA ASP E 100 18.21 -22.53 22.58
C ASP E 100 17.82 -22.02 23.95
N LYS E 101 18.27 -20.81 24.32
CA LYS E 101 17.86 -20.15 25.56
C LYS E 101 16.89 -19.02 25.30
N ARG E 102 16.17 -19.06 24.18
CA ARG E 102 15.24 -17.99 23.80
C ARG E 102 14.03 -17.92 24.74
N THR E 103 13.86 -18.89 25.62
CA THR E 103 12.78 -18.84 26.61
C THR E 103 13.06 -17.85 27.74
N TRP E 104 14.19 -17.14 27.71
CA TRP E 104 14.53 -16.18 28.74
C TRP E 104 14.55 -14.74 28.23
N PHE E 105 14.29 -14.51 26.95
CA PHE E 105 14.21 -13.17 26.41
C PHE E 105 13.15 -13.15 25.31
N VAL E 106 13.09 -12.04 24.57
CA VAL E 106 12.01 -11.81 23.62
C VAL E 106 12.59 -11.57 22.22
N PRO E 107 11.85 -11.86 21.14
CA PRO E 107 12.36 -11.61 19.80
C PRO E 107 12.64 -10.13 19.51
N GLU E 108 12.15 -9.22 20.34
CA GLU E 108 12.45 -7.79 20.18
C GLU E 108 13.87 -7.44 20.60
N VAL E 109 14.63 -8.40 21.12
CA VAL E 109 16.01 -8.15 21.49
C VAL E 109 16.93 -8.06 20.28
N LEU E 110 16.48 -8.53 19.11
CA LEU E 110 17.24 -8.40 17.87
C LEU E 110 17.16 -7.00 17.28
N ASP E 111 16.25 -6.15 17.77
CA ASP E 111 16.08 -4.82 17.22
C ASP E 111 17.28 -3.95 17.56
N GLY E 112 17.86 -3.30 16.55
CA GLY E 112 19.02 -2.47 16.74
C GLY E 112 20.35 -3.19 16.64
N MET E 113 20.34 -4.53 16.56
CA MET E 113 21.58 -5.28 16.42
C MET E 113 22.19 -5.14 15.03
N GLU E 114 21.51 -4.49 14.09
CA GLU E 114 22.09 -4.20 12.79
C GLU E 114 23.20 -3.15 12.86
N HIS E 115 23.30 -2.43 13.97
CA HIS E 115 24.37 -1.46 14.18
C HIS E 115 25.60 -2.08 14.85
N LEU E 116 25.59 -3.38 15.10
CA LEU E 116 26.72 -4.07 15.71
C LEU E 116 27.71 -4.53 14.65
N SER E 117 28.95 -4.78 15.09
CA SER E 117 29.97 -5.29 14.19
C SER E 117 29.77 -6.77 13.90
N LEU E 118 29.28 -7.53 14.88
CA LEU E 118 29.10 -8.97 14.72
C LEU E 118 27.86 -9.41 15.51
N VAL E 119 27.05 -10.24 14.88
CA VAL E 119 25.88 -10.84 15.50
C VAL E 119 25.96 -12.34 15.29
N CYS E 120 25.91 -13.11 16.37
CA CYS E 120 26.06 -14.56 16.34
C CYS E 120 24.74 -15.19 16.76
N ILE E 121 24.13 -15.96 15.86
CA ILE E 121 22.89 -16.66 16.13
C ILE E 121 23.23 -18.13 16.35
N ASP E 122 23.13 -18.58 17.59
CA ASP E 122 23.51 -19.94 17.96
C ASP E 122 22.28 -20.83 17.99
N ASN E 123 22.37 -21.98 17.33
CA ASN E 123 21.32 -23.00 17.30
C ASN E 123 20.01 -22.42 16.74
N ILE E 124 20.06 -22.13 15.43
CA ILE E 124 18.89 -21.54 14.76
C ILE E 124 17.83 -22.58 14.42
N GLU E 125 18.14 -23.87 14.54
CA GLU E 125 17.15 -24.90 14.30
C GLU E 125 16.08 -24.96 15.38
N CYS E 126 16.29 -24.30 16.52
CA CYS E 126 15.33 -24.35 17.62
C CYS E 126 14.08 -23.52 17.36
N ILE E 127 14.10 -22.64 16.36
CA ILE E 127 12.95 -21.83 16.03
C ILE E 127 12.17 -22.42 14.85
N ALA E 128 12.41 -23.69 14.52
CA ALA E 128 11.67 -24.35 13.45
C ALA E 128 10.22 -24.55 13.89
N GLY E 129 9.31 -23.79 13.27
CA GLY E 129 7.92 -23.78 13.68
C GLY E 129 7.55 -22.66 14.61
N ASP E 130 8.50 -21.78 14.96
CA ASP E 130 8.24 -20.66 15.87
C ASP E 130 8.14 -19.40 15.01
N GLU E 131 6.94 -19.19 14.45
CA GLU E 131 6.74 -18.09 13.51
C GLU E 131 7.01 -16.73 14.15
N LEU E 132 6.85 -16.62 15.47
CA LEU E 132 7.15 -15.37 16.15
C LEU E 132 8.64 -15.06 16.08
N TRP E 133 9.49 -16.07 16.24
CA TRP E 133 10.93 -15.85 16.19
C TRP E 133 11.45 -15.86 14.75
N GLU E 134 10.85 -16.67 13.88
CA GLU E 134 11.32 -16.74 12.50
C GLU E 134 11.19 -15.38 11.81
N MET E 135 10.11 -14.65 12.09
CA MET E 135 9.92 -13.34 11.49
C MET E 135 10.98 -12.36 11.96
N ALA E 136 11.32 -12.40 13.26
CA ALA E 136 12.33 -11.48 13.78
C ALA E 136 13.70 -11.78 13.21
N ILE E 137 14.07 -13.06 13.13
CA ILE E 137 15.33 -13.44 12.48
C ILE E 137 15.32 -13.02 11.02
N PHE E 138 14.18 -13.21 10.35
CA PHE E 138 14.07 -12.83 8.95
C PHE E 138 14.19 -11.32 8.77
N ASP E 139 13.54 -10.55 9.64
CA ASP E 139 13.63 -9.09 9.55
C ASP E 139 15.02 -8.59 9.88
N LEU E 140 15.70 -9.24 10.82
CA LEU E 140 17.05 -8.81 11.20
C LEU E 140 18.03 -9.02 10.04
N TYR E 141 17.87 -10.09 9.28
CA TYR E 141 18.73 -10.32 8.13
C TYR E 141 18.62 -9.20 7.12
N ASN E 142 17.39 -8.80 6.78
CA ASN E 142 17.18 -7.73 5.83
C ASN E 142 17.70 -6.40 6.34
N ARG E 143 17.62 -6.17 7.66
CA ARG E 143 18.09 -4.89 8.21
C ARG E 143 19.60 -4.74 8.07
N ILE E 144 20.36 -5.82 8.35
CA ILE E 144 21.79 -5.78 8.11
C ILE E 144 22.14 -5.95 6.64
N LEU E 145 21.17 -6.37 5.82
CA LEU E 145 21.39 -6.46 4.38
C LEU E 145 21.28 -5.10 3.71
N GLU E 146 20.27 -4.31 4.09
CA GLU E 146 20.16 -2.95 3.57
C GLU E 146 21.33 -2.08 4.02
N SER E 147 21.87 -2.35 5.21
CA SER E 147 23.01 -1.61 5.72
C SER E 147 24.29 -2.38 5.40
N GLY E 148 25.41 -1.95 5.98
CA GLY E 148 26.67 -2.64 5.81
C GLY E 148 27.43 -2.73 7.11
N LYS E 149 28.61 -3.35 7.03
CA LYS E 149 29.52 -3.49 8.16
C LYS E 149 28.86 -4.22 9.32
N THR E 150 28.27 -5.37 9.02
CA THR E 150 27.63 -6.21 10.03
C THR E 150 27.94 -7.67 9.70
N ARG E 151 28.74 -8.30 10.55
CA ARG E 151 29.11 -9.69 10.37
C ARG E 151 28.05 -10.60 10.99
N LEU E 152 27.60 -11.60 10.23
CA LEU E 152 26.53 -12.49 10.64
C LEU E 152 27.03 -13.92 10.63
N LEU E 153 26.95 -14.57 11.79
CA LEU E 153 27.33 -15.97 11.97
C LEU E 153 26.16 -16.73 12.58
N ILE E 154 25.81 -17.85 11.97
CA ILE E 154 24.66 -18.66 12.39
C ILE E 154 25.08 -20.13 12.39
N THR E 155 24.72 -20.84 13.46
CA THR E 155 25.01 -22.26 13.61
C THR E 155 23.72 -23.05 13.60
N GLY E 156 23.84 -24.36 13.34
CA GLY E 156 22.67 -25.19 13.24
C GLY E 156 23.01 -26.66 13.32
N ASP E 157 21.95 -27.49 13.36
CA ASP E 157 22.10 -28.94 13.39
C ASP E 157 22.26 -29.53 12.00
N ARG E 158 21.67 -28.91 10.99
CA ARG E 158 21.63 -29.44 9.64
C ARG E 158 21.78 -28.27 8.67
N PRO E 159 22.07 -28.56 7.40
CA PRO E 159 22.22 -27.48 6.41
C PRO E 159 20.98 -26.60 6.36
N PRO E 160 21.12 -25.36 5.88
CA PRO E 160 19.96 -24.45 5.87
C PRO E 160 18.79 -24.95 5.04
N ARG E 161 19.05 -25.79 4.04
CA ARG E 161 17.95 -26.37 3.27
C ARG E 161 17.20 -27.44 4.06
N GLN E 162 17.90 -28.19 4.92
CA GLN E 162 17.27 -29.18 5.76
C GLN E 162 16.55 -28.58 6.96
N LEU E 163 16.47 -27.25 7.04
CA LEU E 163 15.79 -26.58 8.13
C LEU E 163 14.33 -26.37 7.73
N ASN E 164 13.44 -27.18 8.30
CA ASN E 164 12.01 -27.03 8.05
C ASN E 164 11.51 -25.73 8.68
N LEU E 165 11.54 -24.65 7.91
CA LEU E 165 11.11 -23.34 8.38
C LEU E 165 9.78 -22.98 7.74
N GLY E 166 8.84 -22.50 8.56
CA GLY E 166 7.56 -22.06 8.05
C GLY E 166 7.64 -20.88 7.10
N LEU E 167 8.72 -20.11 7.17
CA LEU E 167 8.93 -18.98 6.28
C LEU E 167 9.90 -19.38 5.18
N PRO E 168 9.44 -19.63 3.95
CA PRO E 168 10.38 -20.05 2.91
C PRO E 168 11.32 -18.94 2.47
N ASP E 169 10.92 -17.67 2.62
CA ASP E 169 11.81 -16.56 2.27
C ASP E 169 13.02 -16.53 3.19
N LEU E 170 12.85 -16.94 4.46
CA LEU E 170 13.99 -17.00 5.36
C LEU E 170 14.91 -18.16 5.02
N ALA E 171 14.33 -19.31 4.63
CA ALA E 171 15.15 -20.47 4.29
C ALA E 171 16.02 -20.20 3.06
N SER E 172 15.52 -19.42 2.10
CA SER E 172 16.31 -19.06 0.94
C SER E 172 17.40 -18.04 1.27
N ARG E 173 17.27 -17.32 2.38
CA ARG E 173 18.27 -16.35 2.79
C ARG E 173 19.33 -16.96 3.71
N LEU E 174 18.95 -17.90 4.57
CA LEU E 174 19.94 -18.63 5.36
C LEU E 174 20.80 -19.53 4.49
N ASP E 175 20.30 -19.92 3.31
CA ASP E 175 21.07 -20.70 2.35
C ASP E 175 21.89 -19.83 1.42
N TRP E 176 21.69 -18.51 1.45
CA TRP E 176 22.42 -17.58 0.61
C TRP E 176 23.67 -17.14 1.35
N GLY E 177 24.81 -17.68 0.97
CA GLY E 177 26.05 -17.40 1.65
C GLY E 177 26.96 -18.62 1.59
N GLN E 178 28.00 -18.57 2.40
CA GLN E 178 28.96 -19.67 2.48
C GLN E 178 28.58 -20.58 3.64
N ILE E 179 28.39 -21.86 3.35
CA ILE E 179 27.97 -22.86 4.32
C ILE E 179 29.14 -23.81 4.57
N TYR E 180 29.43 -24.07 5.85
CA TYR E 180 30.54 -24.91 6.25
C TYR E 180 30.06 -25.97 7.23
N LYS E 181 30.48 -27.21 7.02
CA LYS E 181 30.16 -28.30 7.93
C LYS E 181 31.27 -28.44 8.96
N LEU E 182 30.94 -28.20 10.23
CA LEU E 182 31.93 -28.31 11.29
C LEU E 182 32.27 -29.77 11.55
N GLN E 183 33.55 -30.04 11.74
CA GLN E 183 34.02 -31.40 11.96
C GLN E 183 34.43 -31.58 13.40
N PRO E 184 33.80 -32.50 14.15
CA PRO E 184 34.18 -32.70 15.55
C PRO E 184 35.57 -33.28 15.66
N LEU E 185 36.23 -32.96 16.78
CA LEU E 185 37.60 -33.41 17.00
C LEU E 185 37.67 -34.93 17.10
N SER E 186 38.73 -35.50 16.54
CA SER E 186 39.00 -36.91 16.73
C SER E 186 39.43 -37.16 18.17
N ASP E 187 39.43 -38.44 18.56
CA ASP E 187 39.86 -38.79 19.91
C ASP E 187 41.32 -38.43 20.16
N GLU E 188 42.12 -38.33 19.11
CA GLU E 188 43.52 -37.90 19.27
C GLU E 188 43.61 -36.41 19.55
N ASP E 189 43.02 -35.59 18.67
CA ASP E 189 42.98 -34.15 18.89
C ASP E 189 42.19 -33.77 20.14
N LYS E 190 41.26 -34.62 20.57
CA LYS E 190 40.49 -34.32 21.78
C LYS E 190 41.39 -34.27 23.00
N LEU E 191 42.42 -35.12 23.05
CA LEU E 191 43.31 -35.15 24.22
C LEU E 191 44.12 -33.87 24.32
N GLN E 192 44.87 -33.53 23.28
CA GLN E 192 45.70 -32.34 23.30
C GLN E 192 44.88 -31.05 23.33
N ALA E 193 43.58 -31.10 23.02
CA ALA E 193 42.73 -29.93 23.28
C ALA E 193 42.47 -29.76 24.76
N LEU E 194 42.37 -30.86 25.51
CA LEU E 194 42.22 -30.77 26.96
C LEU E 194 43.51 -30.25 27.60
N GLN E 195 44.67 -30.63 27.07
CA GLN E 195 45.93 -30.17 27.61
C GLN E 195 46.18 -28.70 27.28
N LEU E 196 45.61 -28.22 26.17
CA LEU E 196 45.82 -26.83 25.78
C LEU E 196 45.11 -25.86 26.72
N ARG E 197 43.93 -26.26 27.22
CA ARG E 197 43.20 -25.40 28.14
C ARG E 197 43.90 -25.28 29.49
N ALA E 198 44.42 -26.40 30.01
CA ALA E 198 45.14 -26.35 31.27
C ALA E 198 46.42 -25.51 31.14
N ARG E 199 47.07 -25.58 29.97
CA ARG E 199 48.26 -24.77 29.74
C ARG E 199 47.93 -23.29 29.70
N LEU E 200 46.74 -22.92 29.23
CA LEU E 200 46.33 -21.52 29.21
C LEU E 200 45.78 -21.08 30.56
N ARG E 201 45.12 -21.97 31.29
CA ARG E 201 44.64 -21.65 32.63
C ARG E 201 45.72 -21.79 33.69
N GLY E 202 46.91 -22.26 33.34
CA GLY E 202 48.01 -22.36 34.29
C GLY E 202 48.47 -23.78 34.55
N PHE E 203 47.53 -24.73 34.57
CA PHE E 203 47.85 -26.11 34.92
C PHE E 203 48.23 -26.93 33.68
N ASP E 208 48.24 -39.05 30.63
CA ASP E 208 47.73 -40.21 31.38
C ASP E 208 46.45 -39.86 32.12
N VAL E 209 46.43 -38.68 32.75
CA VAL E 209 45.21 -38.22 33.40
C VAL E 209 44.15 -37.88 32.37
N GLY E 210 44.55 -37.25 31.26
CA GLY E 210 43.59 -36.91 30.22
C GLY E 210 43.02 -38.13 29.52
N ARG E 211 43.88 -39.10 29.20
CA ARG E 211 43.40 -40.32 28.55
C ARG E 211 42.54 -41.16 29.48
N PHE E 212 42.67 -40.97 30.80
CA PHE E 212 41.78 -41.63 31.73
C PHE E 212 40.39 -40.98 31.75
N LEU E 213 40.33 -39.66 31.56
CA LEU E 213 39.03 -38.99 31.49
C LEU E 213 38.28 -39.36 30.22
N LEU E 214 39.00 -39.59 29.12
CA LEU E 214 38.35 -39.97 27.87
C LEU E 214 37.74 -41.37 27.94
N LYS E 215 38.13 -42.18 28.92
CA LYS E 215 37.57 -43.51 29.14
C LYS E 215 36.42 -43.52 30.15
N ARG E 216 36.55 -42.76 31.23
CA ARG E 216 35.56 -42.80 32.31
C ARG E 216 34.39 -41.85 32.08
N LEU E 217 34.62 -40.71 31.45
CA LEU E 217 33.55 -39.78 31.10
C LEU E 217 33.00 -40.03 29.70
N ASP E 218 33.55 -41.02 28.98
CA ASP E 218 32.98 -41.52 27.73
C ASP E 218 33.01 -40.46 26.62
N ARG E 219 34.12 -39.72 26.54
CA ARG E 219 34.46 -38.89 25.38
C ARG E 219 33.39 -37.83 25.10
N GLU E 220 32.83 -37.26 26.17
CA GLU E 220 31.87 -36.16 26.04
C GLU E 220 32.63 -34.86 26.27
N MET E 221 32.97 -34.19 25.17
CA MET E 221 33.80 -32.99 25.26
C MET E 221 33.15 -31.90 26.09
N ARG E 222 31.81 -31.81 26.07
CA ARG E 222 31.13 -30.79 26.85
C ARG E 222 31.39 -30.98 28.35
N THR E 223 31.50 -32.23 28.79
CA THR E 223 31.81 -32.52 30.19
C THR E 223 33.30 -32.65 30.46
N LEU E 224 34.11 -32.91 29.43
CA LEU E 224 35.55 -33.01 29.62
C LEU E 224 36.15 -31.68 30.05
N PHE E 225 35.95 -30.63 29.25
CA PHE E 225 36.44 -29.31 29.61
C PHE E 225 35.70 -28.75 30.81
N MET E 226 34.50 -29.25 31.12
CA MET E 226 33.80 -28.85 32.33
C MET E 226 34.38 -29.53 33.56
N THR E 227 34.86 -30.77 33.41
CA THR E 227 35.48 -31.49 34.52
C THR E 227 36.89 -30.99 34.83
N LEU E 228 37.56 -30.37 33.86
CA LEU E 228 38.91 -29.85 34.11
C LEU E 228 38.92 -28.89 35.28
N ASP E 229 37.85 -28.10 35.44
CA ASP E 229 37.75 -27.20 36.59
C ASP E 229 37.71 -27.99 37.89
N GLN E 230 36.84 -29.00 37.97
CA GLN E 230 36.75 -29.81 39.18
C GLN E 230 38.07 -30.51 39.48
N LEU E 231 38.87 -30.79 38.45
CA LEU E 231 40.14 -31.48 38.65
C LEU E 231 41.24 -30.51 39.10
N ASP E 232 41.35 -29.37 38.41
CA ASP E 232 42.46 -28.45 38.70
C ASP E 232 42.17 -27.56 39.90
N ARG E 233 40.90 -27.21 40.14
CA ARG E 233 40.58 -26.35 41.28
C ARG E 233 40.81 -27.07 42.60
N ALA E 234 40.55 -28.38 42.65
CA ALA E 234 40.88 -29.14 43.85
C ALA E 234 42.37 -29.29 44.05
N SER E 235 43.16 -29.17 42.97
CA SER E 235 44.62 -29.16 43.11
C SER E 235 45.15 -27.80 43.53
N ILE E 236 44.38 -26.73 43.33
CA ILE E 236 44.73 -25.42 43.88
C ILE E 236 44.79 -25.51 45.40
N THR E 237 43.67 -25.87 46.02
CA THR E 237 43.55 -25.94 47.47
C THR E 237 44.40 -27.04 48.08
N ALA E 238 45.04 -27.88 47.28
CA ALA E 238 45.90 -28.93 47.79
C ALA E 238 47.30 -28.40 48.09
N LEU E 242 50.17 -32.81 40.46
CA LEU E 242 49.01 -33.51 39.94
C LEU E 242 49.32 -35.01 39.84
N THR E 243 48.33 -35.83 40.19
CA THR E 243 48.52 -37.28 40.25
C THR E 243 47.35 -37.98 39.56
N ILE E 244 47.59 -39.21 39.15
CA ILE E 244 46.62 -40.00 38.39
C ILE E 244 45.54 -40.59 39.30
N PRO E 245 45.87 -41.23 40.43
CA PRO E 245 44.81 -41.79 41.28
C PRO E 245 43.84 -40.76 41.83
N PHE E 246 44.12 -39.46 41.65
CA PHE E 246 43.18 -38.44 42.08
C PHE E 246 41.85 -38.57 41.34
N VAL E 247 41.89 -38.91 40.05
CA VAL E 247 40.67 -39.04 39.28
C VAL E 247 39.85 -40.24 39.74
N LYS E 248 40.51 -41.31 40.17
CA LYS E 248 39.79 -42.46 40.71
C LYS E 248 39.05 -42.10 41.99
N GLU E 249 39.62 -41.18 42.79
CA GLU E 249 38.95 -40.74 44.01
C GLU E 249 37.68 -39.96 43.72
N ILE E 250 37.67 -39.19 42.63
CA ILE E 250 36.50 -38.38 42.29
C ILE E 250 35.36 -39.23 41.75
N LEU E 251 35.66 -40.45 41.27
CA LEU E 251 34.63 -41.35 40.77
C LEU E 251 33.55 -41.63 41.80
N PRO F 24 -29.31 -2.83 22.55
CA PRO F 24 -29.64 -3.86 23.55
C PRO F 24 -28.81 -5.13 23.38
N ALA F 25 -28.35 -5.72 24.47
CA ALA F 25 -28.56 -5.21 25.82
C ALA F 25 -27.52 -4.14 26.14
N GLN F 26 -27.86 -3.16 26.99
CA GLN F 26 -29.11 -3.12 27.75
C GLN F 26 -30.06 -2.03 27.25
N LEU F 27 -31.07 -1.74 28.07
CA LEU F 27 -32.02 -0.68 27.79
C LEU F 27 -31.37 0.67 28.11
N SER F 28 -32.16 1.74 28.13
CA SER F 28 -31.64 3.08 28.35
C SER F 28 -32.59 3.85 29.26
N LEU F 29 -32.05 4.91 29.83
CA LEU F 29 -32.82 5.72 30.78
C LEU F 29 -33.79 6.61 30.01
N PRO F 30 -35.06 6.69 30.41
CA PRO F 30 -35.98 7.64 29.75
C PRO F 30 -35.66 9.08 30.12
N LEU F 31 -34.50 9.57 29.69
CA LEU F 31 -34.10 10.95 29.94
C LEU F 31 -34.82 11.85 28.94
N TYR F 32 -35.78 12.64 29.43
CA TYR F 32 -36.54 13.55 28.60
C TYR F 32 -35.94 14.95 28.73
N LEU F 33 -35.37 15.43 27.65
CA LEU F 33 -34.78 16.77 27.57
C LEU F 33 -35.83 17.77 27.13
N PRO F 34 -35.52 19.08 27.17
CA PRO F 34 -36.46 20.08 26.66
C PRO F 34 -37.02 19.75 25.29
N ASP F 35 -38.17 19.07 25.26
CA ASP F 35 -38.90 18.75 24.04
C ASP F 35 -39.75 19.91 23.54
N ASP F 36 -39.48 21.14 24.00
CA ASP F 36 -40.19 22.31 23.53
C ASP F 36 -39.78 22.72 22.12
N GLU F 37 -38.76 22.09 21.55
CA GLU F 37 -38.27 22.41 20.22
C GLU F 37 -38.58 21.23 19.30
N THR F 38 -39.79 21.24 18.73
CA THR F 38 -40.24 20.22 17.79
C THR F 38 -40.75 20.92 16.54
N PHE F 39 -41.20 20.11 15.57
CA PHE F 39 -41.85 20.68 14.39
C PHE F 39 -43.16 21.38 14.74
N ALA F 40 -43.79 21.02 15.86
CA ALA F 40 -45.05 21.64 16.22
C ALA F 40 -44.83 23.06 16.73
N SER F 41 -43.80 23.28 17.53
CA SER F 41 -43.51 24.60 18.08
C SER F 41 -42.71 25.48 17.12
N PHE F 42 -42.37 24.96 15.93
CA PHE F 42 -41.59 25.69 14.94
C PHE F 42 -42.53 26.35 13.94
N TRP F 43 -42.34 27.66 13.73
CA TRP F 43 -43.22 28.38 12.81
C TRP F 43 -42.72 28.25 11.38
N PRO F 44 -43.59 27.95 10.41
CA PRO F 44 -43.11 27.60 9.07
C PRO F 44 -42.43 28.74 8.32
N GLY F 45 -43.16 29.83 8.09
CA GLY F 45 -42.67 30.91 7.24
C GLY F 45 -41.33 31.47 7.65
N ASP F 46 -40.46 31.75 6.68
CA ASP F 46 -40.77 31.51 5.26
C ASP F 46 -40.05 30.27 4.73
N ASN F 47 -39.93 29.26 5.57
CA ASN F 47 -39.22 28.03 5.21
C ASN F 47 -40.19 26.93 4.81
N SER F 48 -41.15 27.26 3.95
CA SER F 48 -42.12 26.26 3.50
C SER F 48 -41.45 25.20 2.64
N SER F 49 -40.57 25.62 1.73
CA SER F 49 -39.88 24.65 0.87
C SER F 49 -38.88 23.81 1.65
N LEU F 50 -38.23 24.42 2.64
CA LEU F 50 -37.26 23.68 3.45
C LEU F 50 -37.96 22.63 4.31
N LEU F 51 -39.04 23.01 4.99
CA LEU F 51 -39.74 22.07 5.86
C LEU F 51 -40.35 20.92 5.08
N ALA F 52 -40.66 21.13 3.80
CA ALA F 52 -41.19 20.05 2.98
C ALA F 52 -40.13 19.00 2.71
N ALA F 53 -38.94 19.43 2.29
CA ALA F 53 -37.87 18.48 2.00
C ALA F 53 -37.31 17.87 3.27
N LEU F 54 -37.34 18.61 4.38
CA LEU F 54 -36.84 18.08 5.64
C LEU F 54 -37.68 16.89 6.10
N GLN F 55 -39.00 17.07 6.14
CA GLN F 55 -39.90 15.97 6.49
C GLN F 55 -39.96 14.89 5.42
N ASN F 56 -39.36 15.12 4.24
CA ASN F 56 -39.34 14.12 3.20
C ASN F 56 -38.18 13.14 3.34
N VAL F 57 -37.03 13.61 3.84
CA VAL F 57 -35.93 12.70 4.15
C VAL F 57 -36.09 12.02 5.50
N LEU F 58 -37.01 12.51 6.33
CA LEU F 58 -37.39 11.80 7.55
C LEU F 58 -38.43 10.72 7.29
N ARG F 59 -38.87 10.56 6.04
CA ARG F 59 -39.72 9.45 5.67
C ARG F 59 -38.98 8.13 5.80
N GLN F 60 -39.73 7.04 5.81
CA GLN F 60 -39.13 5.72 5.91
C GLN F 60 -39.53 4.82 4.75
N GLU F 61 -38.53 4.36 4.00
CA GLU F 61 -37.15 4.73 4.30
C GLU F 61 -36.60 5.70 3.25
N HIS F 62 -35.92 6.73 3.74
CA HIS F 62 -35.29 7.74 2.89
C HIS F 62 -34.00 8.18 3.55
N SER F 63 -32.91 8.12 2.79
CA SER F 63 -31.59 8.54 3.28
C SER F 63 -31.10 9.66 2.38
N GLY F 64 -30.85 10.82 2.97
CA GLY F 64 -30.40 11.98 2.22
C GLY F 64 -29.52 12.86 3.07
N TYR F 65 -29.02 13.92 2.44
CA TYR F 65 -28.17 14.91 3.09
C TYR F 65 -28.71 16.30 2.78
N ILE F 66 -29.06 17.04 3.83
CA ILE F 66 -29.56 18.40 3.69
C ILE F 66 -28.65 19.32 4.49
N TYR F 67 -28.31 20.47 3.89
CA TYR F 67 -27.48 21.48 4.53
C TYR F 67 -28.32 22.72 4.77
N LEU F 68 -28.31 23.21 6.01
CA LEU F 68 -29.13 24.34 6.44
C LEU F 68 -28.20 25.41 6.99
N TRP F 69 -27.96 26.46 6.22
CA TRP F 69 -27.13 27.56 6.67
C TRP F 69 -28.00 28.79 6.92
N ALA F 70 -27.61 29.60 7.91
CA ALA F 70 -28.33 30.80 8.28
C ALA F 70 -27.38 31.69 9.09
N ARG F 71 -27.90 32.80 9.59
CA ARG F 71 -27.08 33.76 10.31
C ARG F 71 -27.21 33.64 11.82
N GLU F 72 -28.16 34.37 12.41
CA GLU F 72 -28.31 34.45 13.86
C GLU F 72 -29.73 34.10 14.25
N GLY F 73 -29.88 33.09 15.09
CA GLY F 73 -31.18 32.77 15.68
C GLY F 73 -32.28 32.45 14.68
N ALA F 74 -31.94 31.71 13.63
CA ALA F 74 -32.93 31.29 12.65
C ALA F 74 -33.56 29.95 12.98
N GLY F 75 -33.09 29.27 14.03
CA GLY F 75 -33.64 27.99 14.40
C GLY F 75 -32.97 26.81 13.75
N ARG F 76 -31.68 26.90 13.44
CA ARG F 76 -30.96 25.78 12.86
C ARG F 76 -30.88 24.61 13.83
N SER F 77 -30.59 24.89 15.10
CA SER F 77 -30.56 23.84 16.10
C SER F 77 -31.97 23.37 16.46
N HIS F 78 -32.96 24.25 16.28
CA HIS F 78 -34.35 23.86 16.52
C HIS F 78 -34.78 22.75 15.55
N LEU F 79 -34.44 22.89 14.27
CA LEU F 79 -34.83 21.89 13.29
C LEU F 79 -34.06 20.59 13.46
N LEU F 80 -32.84 20.66 13.98
CA LEU F 80 -32.11 19.42 14.29
C LEU F 80 -32.73 18.72 15.50
N HIS F 81 -33.08 19.48 16.54
CA HIS F 81 -33.79 18.89 17.68
C HIS F 81 -35.17 18.41 17.28
N ALA F 82 -35.80 19.07 16.30
CA ALA F 82 -37.13 18.64 15.86
C ALA F 82 -37.04 17.34 15.07
N ALA F 83 -35.99 17.19 14.25
CA ALA F 83 -35.83 15.96 13.49
C ALA F 83 -35.41 14.79 14.37
N CYS F 84 -34.67 15.07 15.44
CA CYS F 84 -34.30 14.01 16.39
C CYS F 84 -35.53 13.51 17.13
N ALA F 85 -36.32 14.44 17.68
CA ALA F 85 -37.52 14.05 18.42
C ALA F 85 -38.55 13.40 17.50
N GLU F 86 -38.53 13.73 16.21
CA GLU F 86 -39.47 13.12 15.28
C GLU F 86 -39.19 11.64 15.10
N LEU F 87 -37.91 11.26 15.05
CA LEU F 87 -37.54 9.85 14.93
C LEU F 87 -37.44 9.15 16.28
N SER F 88 -37.12 9.90 17.34
CA SER F 88 -37.09 9.30 18.67
C SER F 88 -38.48 8.90 19.13
N GLN F 89 -39.52 9.61 18.70
CA GLN F 89 -40.88 9.28 19.09
C GLN F 89 -41.41 8.05 18.39
N ARG F 90 -40.74 7.56 17.34
CA ARG F 90 -41.14 6.33 16.68
C ARG F 90 -40.08 5.23 16.80
N GLY F 91 -39.17 5.35 17.77
CA GLY F 91 -38.27 4.28 18.12
C GLY F 91 -36.97 4.23 17.33
N ASP F 92 -36.70 5.20 16.46
CA ASP F 92 -35.48 5.19 15.68
C ASP F 92 -34.33 5.79 16.48
N ALA F 93 -33.14 5.21 16.30
CA ALA F 93 -31.94 5.72 16.97
C ALA F 93 -31.43 6.97 16.28
N VAL F 94 -31.05 7.96 17.09
CA VAL F 94 -30.67 9.28 16.58
C VAL F 94 -29.37 9.73 17.23
N GLY F 95 -28.73 10.71 16.60
CA GLY F 95 -27.50 11.28 17.12
C GLY F 95 -27.34 12.75 16.77
N TYR F 96 -27.06 13.58 17.78
CA TYR F 96 -26.91 15.02 17.61
C TYR F 96 -25.53 15.43 18.11
N VAL F 97 -24.75 16.06 17.24
CA VAL F 97 -23.36 16.40 17.52
C VAL F 97 -23.22 17.91 17.48
N PRO F 98 -23.29 18.60 18.62
CA PRO F 98 -23.06 20.05 18.62
C PRO F 98 -21.58 20.39 18.48
N LEU F 99 -21.16 20.78 17.28
CA LEU F 99 -19.75 21.04 17.03
C LEU F 99 -19.25 22.33 17.68
N ASP F 100 -20.13 23.15 18.25
CA ASP F 100 -19.70 24.29 19.04
C ASP F 100 -19.32 23.90 20.46
N LYS F 101 -19.88 22.81 20.98
CA LYS F 101 -19.51 22.27 22.29
C LYS F 101 -18.54 21.09 22.17
N ARG F 102 -17.79 21.03 21.06
CA ARG F 102 -16.89 19.91 20.81
C ARG F 102 -15.73 19.84 21.78
N THR F 103 -15.56 20.86 22.64
CA THR F 103 -14.52 20.82 23.66
C THR F 103 -14.86 19.89 24.82
N TRP F 104 -16.08 19.34 24.84
CA TRP F 104 -16.52 18.43 25.90
C TRP F 104 -16.53 16.97 25.47
N PHE F 105 -16.22 16.68 24.21
CA PHE F 105 -16.14 15.30 23.74
C PHE F 105 -15.02 15.21 22.71
N VAL F 106 -14.95 14.07 22.02
CA VAL F 106 -13.81 13.75 21.17
C VAL F 106 -14.32 13.36 19.78
N PRO F 107 -13.47 13.48 18.75
CA PRO F 107 -13.89 13.08 17.40
C PRO F 107 -14.18 11.59 17.28
N GLU F 108 -13.75 10.76 18.23
CA GLU F 108 -14.05 9.34 18.21
C GLU F 108 -15.50 9.03 18.58
N VAL F 109 -16.28 10.05 18.94
CA VAL F 109 -17.71 9.86 19.25
C VAL F 109 -18.55 9.72 17.99
N LEU F 110 -18.01 10.07 16.83
CA LEU F 110 -18.70 9.85 15.56
C LEU F 110 -18.63 8.40 15.10
N ASP F 111 -17.76 7.60 15.68
CA ASP F 111 -17.59 6.21 15.26
C ASP F 111 -18.84 5.41 15.63
N GLY F 112 -19.39 4.69 14.65
CA GLY F 112 -20.60 3.91 14.86
C GLY F 112 -21.88 4.64 14.53
N MET F 113 -21.84 5.96 14.35
CA MET F 113 -23.05 6.70 14.03
C MET F 113 -23.56 6.43 12.62
N GLU F 114 -22.80 5.71 11.80
CA GLU F 114 -23.29 5.32 10.48
C GLU F 114 -24.40 4.28 10.56
N HIS F 115 -24.61 3.66 11.71
CA HIS F 115 -25.71 2.74 11.93
C HIS F 115 -26.96 3.42 12.47
N LEU F 116 -26.93 4.74 12.64
CA LEU F 116 -28.06 5.48 13.17
C LEU F 116 -29.03 5.89 12.07
N SER F 117 -30.29 6.09 12.45
CA SER F 117 -31.29 6.51 11.48
C SER F 117 -31.11 7.98 11.09
N LEU F 118 -30.53 8.78 11.96
CA LEU F 118 -30.36 10.20 11.70
C LEU F 118 -29.15 10.72 12.47
N VAL F 119 -28.31 11.49 11.79
CA VAL F 119 -27.14 12.13 12.38
C VAL F 119 -27.24 13.63 12.10
N CYS F 120 -27.24 14.42 13.17
CA CYS F 120 -27.36 15.87 13.07
C CYS F 120 -26.02 16.49 13.45
N ILE F 121 -25.40 17.18 12.49
CA ILE F 121 -24.14 17.88 12.71
C ILE F 121 -24.48 19.37 12.79
N ASP F 122 -24.40 19.93 14.00
CA ASP F 122 -24.78 21.32 14.23
C ASP F 122 -23.54 22.20 14.26
N ASN F 123 -23.58 23.30 13.51
CA ASN F 123 -22.52 24.31 13.49
C ASN F 123 -21.19 23.71 13.02
N ILE F 124 -21.19 23.25 11.76
CA ILE F 124 -20.00 22.64 11.18
C ILE F 124 -18.94 23.66 10.79
N GLU F 125 -19.24 24.95 10.93
CA GLU F 125 -18.25 25.98 10.67
C GLU F 125 -17.27 26.18 11.81
N CYS F 126 -17.52 25.56 12.96
CA CYS F 126 -16.63 25.69 14.11
C CYS F 126 -15.38 24.82 13.99
N ILE F 127 -15.36 23.86 13.07
CA ILE F 127 -14.21 23.00 12.86
C ILE F 127 -13.36 23.48 11.68
N ALA F 128 -13.56 24.72 11.23
CA ALA F 128 -12.76 25.28 10.14
C ALA F 128 -11.35 25.52 10.65
N GLY F 129 -10.39 24.75 10.14
CA GLY F 129 -9.03 24.75 10.64
C GLY F 129 -8.73 23.68 11.65
N ASP F 130 -9.72 22.85 12.00
CA ASP F 130 -9.55 21.78 13.00
C ASP F 130 -9.38 20.48 12.23
N GLU F 131 -8.17 20.24 11.74
CA GLU F 131 -7.92 19.08 10.89
C GLU F 131 -8.22 17.77 11.63
N LEU F 132 -8.13 17.78 12.96
CA LEU F 132 -8.46 16.60 13.73
C LEU F 132 -9.95 16.25 13.60
N TRP F 133 -10.82 17.26 13.60
CA TRP F 133 -12.25 17.04 13.48
C TRP F 133 -12.72 16.94 12.03
N GLU F 134 -12.08 17.68 11.12
CA GLU F 134 -12.50 17.63 9.71
C GLU F 134 -12.35 16.23 9.14
N MET F 135 -11.27 15.53 9.50
CA MET F 135 -11.08 14.17 9.03
C MET F 135 -12.15 13.23 9.59
N ALA F 136 -12.54 13.42 10.84
CA ALA F 136 -13.58 12.58 11.44
C ALA F 136 -14.91 12.81 10.75
N ILE F 137 -15.29 14.07 10.55
CA ILE F 137 -16.51 14.38 9.81
C ILE F 137 -16.42 13.83 8.39
N PHE F 138 -15.26 13.96 7.76
CA PHE F 138 -15.06 13.43 6.41
C PHE F 138 -15.21 11.92 6.38
N ASP F 139 -14.62 11.23 7.36
CA ASP F 139 -14.73 9.77 7.40
C ASP F 139 -16.17 9.34 7.68
N LEU F 140 -16.87 10.07 8.55
CA LEU F 140 -18.26 9.71 8.87
C LEU F 140 -19.16 9.82 7.65
N TYR F 141 -18.93 10.85 6.81
CA TYR F 141 -19.71 11.00 5.59
C TYR F 141 -19.54 9.78 4.68
N ASN F 142 -18.30 9.35 4.48
CA ASN F 142 -18.06 8.20 3.61
C ASN F 142 -18.62 6.91 4.21
N ARG F 143 -18.67 6.81 5.54
CA ARG F 143 -19.18 5.60 6.16
C ARG F 143 -20.68 5.46 5.97
N ILE F 144 -21.43 6.56 6.11
CA ILE F 144 -22.87 6.52 5.84
C ILE F 144 -23.15 6.56 4.35
N LEU F 145 -22.16 6.88 3.52
CA LEU F 145 -22.34 6.83 2.07
C LEU F 145 -22.15 5.42 1.53
N GLU F 146 -21.15 4.69 2.05
CA GLU F 146 -20.98 3.29 1.68
C GLU F 146 -22.14 2.44 2.14
N SER F 147 -22.74 2.78 3.28
CA SER F 147 -23.91 2.10 3.79
C SER F 147 -25.17 2.86 3.36
N GLY F 148 -26.31 2.38 3.83
CA GLY F 148 -27.58 3.03 3.56
C GLY F 148 -28.36 3.27 4.84
N LYS F 149 -29.54 3.88 4.66
CA LYS F 149 -30.46 4.15 5.76
C LYS F 149 -29.78 4.95 6.88
N THR F 150 -29.29 6.13 6.51
CA THR F 150 -28.68 7.05 7.47
C THR F 150 -28.93 8.47 7.00
N ARG F 151 -29.90 9.13 7.62
CA ARG F 151 -30.20 10.51 7.29
C ARG F 151 -29.16 11.44 7.90
N LEU F 152 -28.70 12.40 7.11
CA LEU F 152 -27.68 13.35 7.53
C LEU F 152 -28.21 14.77 7.38
N LEU F 153 -28.17 15.53 8.48
CA LEU F 153 -28.59 16.93 8.51
C LEU F 153 -27.47 17.74 9.12
N ILE F 154 -26.97 18.72 8.38
CA ILE F 154 -25.85 19.55 8.80
C ILE F 154 -26.27 21.02 8.68
N THR F 155 -25.94 21.80 9.71
CA THR F 155 -26.21 23.23 9.74
C THR F 155 -24.89 24.00 9.77
N GLY F 156 -24.98 25.30 9.48
CA GLY F 156 -23.78 26.11 9.45
C GLY F 156 -24.11 27.58 9.32
N ASP F 157 -23.05 28.38 9.23
CA ASP F 157 -23.18 29.83 9.09
C ASP F 157 -23.34 30.25 7.65
N ARG F 158 -22.63 29.59 6.75
CA ARG F 158 -22.51 30.01 5.36
C ARG F 158 -22.63 28.79 4.45
N PRO F 159 -22.87 29.00 3.17
CA PRO F 159 -22.96 27.86 2.23
C PRO F 159 -21.70 27.00 2.27
N PRO F 160 -21.80 25.72 1.91
CA PRO F 160 -20.61 24.85 2.01
C PRO F 160 -19.43 25.34 1.17
N ARG F 161 -19.66 26.09 0.10
CA ARG F 161 -18.55 26.64 -0.67
C ARG F 161 -17.91 27.80 0.06
N GLN F 162 -18.70 28.60 0.77
CA GLN F 162 -18.15 29.69 1.58
C GLN F 162 -17.47 29.20 2.85
N LEU F 163 -17.47 27.90 3.11
CA LEU F 163 -16.83 27.34 4.29
C LEU F 163 -15.39 26.98 3.95
N ASN F 164 -14.43 27.74 4.48
CA ASN F 164 -13.02 27.51 4.22
C ASN F 164 -12.55 26.31 5.04
N LEU F 165 -12.62 25.13 4.43
CA LEU F 165 -12.20 23.90 5.07
C LEU F 165 -10.79 23.54 4.63
N GLY F 166 -10.06 22.87 5.53
CA GLY F 166 -8.70 22.45 5.20
C GLY F 166 -8.67 21.33 4.17
N LEU F 167 -9.54 20.34 4.32
CA LEU F 167 -9.61 19.21 3.41
C LEU F 167 -10.58 19.55 2.29
N PRO F 168 -10.13 19.74 1.04
CA PRO F 168 -11.06 20.08 -0.03
C PRO F 168 -11.97 18.92 -0.43
N ASP F 169 -11.59 17.68 -0.11
CA ASP F 169 -12.47 16.54 -0.39
C ASP F 169 -13.76 16.62 0.40
N LEU F 170 -13.70 17.19 1.61
CA LEU F 170 -14.90 17.33 2.43
C LEU F 170 -15.79 18.46 1.94
N ALA F 171 -15.18 19.55 1.46
CA ALA F 171 -15.97 20.68 0.97
C ALA F 171 -16.84 20.27 -0.21
N SER F 172 -16.28 19.48 -1.14
CA SER F 172 -17.08 18.99 -2.26
C SER F 172 -18.13 17.99 -1.84
N ARG F 173 -17.99 17.39 -0.66
CA ARG F 173 -18.97 16.44 -0.14
C ARG F 173 -20.10 17.13 0.62
N LEU F 174 -19.77 18.14 1.43
CA LEU F 174 -20.82 19.00 1.99
C LEU F 174 -21.53 19.78 0.89
N ASP F 175 -20.88 20.00 -0.25
CA ASP F 175 -21.53 20.63 -1.39
C ASP F 175 -22.48 19.65 -2.08
N TRP F 176 -22.22 18.36 -1.95
CA TRP F 176 -22.95 17.31 -2.67
C TRP F 176 -24.22 16.99 -1.91
N GLY F 177 -25.32 17.61 -2.33
CA GLY F 177 -26.59 17.44 -1.65
C GLY F 177 -27.45 18.66 -1.91
N GLN F 178 -28.58 18.70 -1.20
CA GLN F 178 -29.51 19.82 -1.33
C GLN F 178 -29.25 20.82 -0.20
N ILE F 179 -29.02 22.08 -0.58
CA ILE F 179 -28.66 23.15 0.34
C ILE F 179 -29.84 24.10 0.45
N TYR F 180 -30.18 24.49 1.67
CA TYR F 180 -31.27 25.42 1.93
C TYR F 180 -30.79 26.55 2.83
N LYS F 181 -31.30 27.75 2.56
CA LYS F 181 -31.02 28.93 3.38
C LYS F 181 -32.19 29.15 4.33
N LEU F 182 -31.95 28.96 5.63
CA LEU F 182 -32.99 29.15 6.62
C LEU F 182 -33.35 30.63 6.73
N GLN F 183 -34.65 30.91 6.80
CA GLN F 183 -35.10 32.29 6.91
C GLN F 183 -35.53 32.60 8.33
N PRO F 184 -35.01 33.66 8.94
CA PRO F 184 -35.41 34.00 10.30
C PRO F 184 -36.84 34.51 10.35
N LEU F 185 -37.46 34.32 11.51
CA LEU F 185 -38.84 34.76 11.69
C LEU F 185 -38.95 36.27 11.64
N SER F 186 -39.96 36.76 10.94
CA SER F 186 -40.27 38.18 10.98
C SER F 186 -40.77 38.55 12.37
N ASP F 187 -40.71 39.85 12.68
CA ASP F 187 -41.20 40.31 13.97
C ASP F 187 -42.68 40.04 14.16
N GLU F 188 -43.42 39.86 13.06
CA GLU F 188 -44.81 39.46 13.15
C GLU F 188 -44.93 37.99 13.57
N ASP F 189 -44.30 37.10 12.81
CA ASP F 189 -44.31 35.68 13.16
C ASP F 189 -43.60 35.40 14.48
N LYS F 190 -42.68 36.28 14.88
CA LYS F 190 -41.94 36.08 16.13
C LYS F 190 -42.88 36.12 17.32
N LEU F 191 -43.90 37.00 17.28
CA LEU F 191 -44.83 37.12 18.39
C LEU F 191 -45.66 35.85 18.55
N GLN F 192 -46.31 35.40 17.47
CA GLN F 192 -47.13 34.20 17.54
C GLN F 192 -46.30 32.92 17.64
N ALA F 193 -44.98 33.00 17.53
CA ALA F 193 -44.14 31.85 17.88
C ALA F 193 -43.91 31.77 19.37
N LEU F 194 -43.81 32.92 20.06
CA LEU F 194 -43.81 32.92 21.52
C LEU F 194 -45.13 32.42 22.08
N GLN F 195 -46.25 32.89 21.51
CA GLN F 195 -47.55 32.43 21.95
C GLN F 195 -47.76 30.95 21.65
N LEU F 196 -47.09 30.43 20.63
CA LEU F 196 -47.20 29.01 20.31
C LEU F 196 -46.57 28.15 21.41
N ARG F 197 -45.48 28.63 22.01
CA ARG F 197 -44.86 27.89 23.09
C ARG F 197 -45.67 27.94 24.38
N ALA F 198 -46.45 29.01 24.55
CA ALA F 198 -47.31 29.12 25.72
C ALA F 198 -48.37 28.02 25.74
N ARG F 199 -49.14 27.91 24.65
CA ARG F 199 -50.20 26.92 24.58
C ARG F 199 -49.66 25.50 24.62
N LEU F 200 -48.46 25.29 24.07
CA LEU F 200 -47.87 23.96 24.11
C LEU F 200 -47.38 23.60 25.51
N ARG F 201 -46.88 24.59 26.25
CA ARG F 201 -46.41 24.33 27.61
C ARG F 201 -47.54 24.33 28.62
N GLY F 202 -48.61 25.09 28.37
CA GLY F 202 -49.74 25.11 29.26
C GLY F 202 -50.19 26.50 29.67
N PHE F 203 -49.25 27.43 29.80
CA PHE F 203 -49.59 28.78 30.21
C PHE F 203 -50.12 29.57 29.02
N GLU F 204 -50.46 30.84 29.26
CA GLU F 204 -51.04 31.70 28.23
C GLU F 204 -50.26 33.01 28.19
N LEU F 205 -49.79 33.36 26.99
CA LEU F 205 -49.06 34.62 26.80
C LEU F 205 -49.94 35.59 26.03
N PRO F 206 -50.52 36.61 26.67
CA PRO F 206 -51.36 37.56 25.95
C PRO F 206 -50.54 38.41 24.98
N GLU F 207 -51.25 39.05 24.06
CA GLU F 207 -50.59 39.78 22.98
C GLU F 207 -49.96 41.09 23.44
N ASP F 208 -50.40 41.64 24.57
CA ASP F 208 -49.77 42.85 25.08
C ASP F 208 -48.46 42.55 25.79
N VAL F 209 -48.37 41.39 26.46
CA VAL F 209 -47.11 41.00 27.11
C VAL F 209 -46.09 40.55 26.05
N GLY F 210 -46.55 39.83 25.04
CA GLY F 210 -45.63 39.37 23.99
C GLY F 210 -45.01 40.53 23.23
N ARG F 211 -45.83 41.52 22.87
CA ARG F 211 -45.29 42.70 22.19
C ARG F 211 -44.52 43.62 23.12
N PHE F 212 -44.55 43.34 24.43
CA PHE F 212 -43.70 44.05 25.39
C PHE F 212 -42.32 43.42 25.50
N LEU F 213 -42.25 42.08 25.45
CA LEU F 213 -40.97 41.40 25.49
C LEU F 213 -40.16 41.63 24.23
N LEU F 214 -40.83 41.76 23.08
CA LEU F 214 -40.14 42.04 21.83
C LEU F 214 -39.52 43.43 21.81
N LYS F 215 -39.97 44.33 22.69
CA LYS F 215 -39.39 45.66 22.80
C LYS F 215 -38.28 45.72 23.83
N ARG F 216 -38.54 45.22 25.05
CA ARG F 216 -37.59 45.38 26.14
C ARG F 216 -36.42 44.41 26.03
N LEU F 217 -36.63 43.22 25.48
CA LEU F 217 -35.55 42.28 25.26
C LEU F 217 -34.94 42.40 23.86
N ASP F 218 -35.46 43.31 23.03
CA ASP F 218 -34.83 43.69 21.77
C ASP F 218 -34.75 42.53 20.78
N ARG F 219 -35.83 41.75 20.72
CA ARG F 219 -36.03 40.77 19.63
C ARG F 219 -34.92 39.75 19.55
N GLU F 220 -34.48 39.24 20.70
CA GLU F 220 -33.47 38.18 20.77
C GLU F 220 -34.20 36.87 21.01
N MET F 221 -34.45 36.12 19.93
CA MET F 221 -35.26 34.91 20.03
C MET F 221 -34.61 33.87 20.93
N ARG F 222 -33.28 33.84 20.99
CA ARG F 222 -32.62 32.88 21.87
C ARG F 222 -32.97 33.14 23.33
N THR F 223 -33.04 34.40 23.73
CA THR F 223 -33.38 34.76 25.09
C THR F 223 -34.88 34.92 25.32
N LEU F 224 -35.65 35.19 24.25
CA LEU F 224 -37.09 35.34 24.41
C LEU F 224 -37.72 34.05 24.94
N PHE F 225 -37.59 32.95 24.18
CA PHE F 225 -38.09 31.67 24.64
C PHE F 225 -37.37 31.19 25.90
N MET F 226 -36.16 31.67 26.14
CA MET F 226 -35.48 31.39 27.40
C MET F 226 -36.07 32.19 28.55
N THR F 227 -36.55 33.41 28.28
CA THR F 227 -37.18 34.22 29.30
C THR F 227 -38.56 33.71 29.67
N LEU F 228 -39.22 32.97 28.77
CA LEU F 228 -40.55 32.43 29.06
C LEU F 228 -40.53 31.56 30.31
N ASP F 229 -39.51 30.73 30.46
CA ASP F 229 -39.40 29.90 31.67
C ASP F 229 -39.31 30.77 32.92
N GLN F 230 -38.57 31.88 32.85
CA GLN F 230 -38.47 32.76 34.00
C GLN F 230 -39.80 33.46 34.28
N LEU F 231 -40.52 33.86 33.24
CA LEU F 231 -41.79 34.53 33.43
C LEU F 231 -42.92 33.55 33.76
N ASP F 232 -42.85 32.33 33.23
CA ASP F 232 -43.89 31.35 33.51
C ASP F 232 -43.74 30.77 34.91
N ARG F 233 -42.51 30.40 35.29
CA ARG F 233 -42.30 29.78 36.59
C ARG F 233 -42.66 30.72 37.73
N ALA F 234 -42.24 31.99 37.63
CA ALA F 234 -42.61 32.97 38.65
C ALA F 234 -44.11 33.25 38.65
N SER F 235 -44.79 33.05 37.52
CA SER F 235 -46.24 33.16 37.50
C SER F 235 -46.91 31.89 38.01
N ILE F 236 -46.24 30.74 37.89
CA ILE F 236 -46.78 29.51 38.43
C ILE F 236 -46.76 29.54 39.96
N THR F 237 -45.71 30.10 40.55
CA THR F 237 -45.56 30.07 41.99
C THR F 237 -46.24 31.26 42.65
N ALA F 238 -47.36 31.70 42.10
CA ALA F 238 -48.07 32.84 42.69
C ALA F 238 -49.51 32.52 43.11
N GLN F 239 -50.40 32.02 42.25
CA GLN F 239 -50.22 31.79 40.82
C GLN F 239 -51.05 32.81 40.03
N ARG F 240 -50.38 33.85 39.55
CA ARG F 240 -51.04 34.96 38.88
C ARG F 240 -50.95 34.83 37.36
N LYS F 241 -51.69 35.68 36.67
CA LYS F 241 -51.72 35.70 35.21
C LYS F 241 -50.75 36.74 34.66
N LEU F 242 -50.35 36.53 33.41
CA LEU F 242 -49.34 37.36 32.77
C LEU F 242 -49.93 38.73 32.42
N THR F 243 -49.53 39.75 33.16
CA THR F 243 -49.87 41.13 32.87
C THR F 243 -48.59 41.92 32.63
N ILE F 244 -48.73 43.08 31.98
CA ILE F 244 -47.54 43.85 31.61
C ILE F 244 -46.70 44.23 32.82
N PRO F 245 -47.24 44.76 33.92
CA PRO F 245 -46.37 45.08 35.07
C PRO F 245 -45.92 43.85 35.84
N PHE F 246 -46.59 42.70 35.67
CA PHE F 246 -46.16 41.49 36.35
C PHE F 246 -44.79 41.04 35.86
N VAL F 247 -44.52 41.22 34.56
CA VAL F 247 -43.21 40.86 34.02
C VAL F 247 -42.11 41.67 34.69
N LYS F 248 -42.37 42.95 34.97
CA LYS F 248 -41.38 43.78 35.64
C LYS F 248 -41.15 43.33 37.08
N GLU F 249 -42.23 42.87 37.75
CA GLU F 249 -42.07 42.36 39.10
C GLU F 249 -41.24 41.08 39.11
N ILE F 250 -41.43 40.23 38.09
CA ILE F 250 -40.61 39.02 37.98
C ILE F 250 -39.15 39.39 37.73
N LEU F 251 -38.91 40.40 36.91
CA LEU F 251 -37.57 40.88 36.59
C LEU F 251 -36.80 41.28 37.86
N ALA G 25 14.50 -29.10 -26.31
CA ALA G 25 13.42 -28.28 -26.83
C ALA G 25 13.52 -26.88 -26.24
N GLN G 26 14.25 -25.99 -26.90
CA GLN G 26 14.92 -26.32 -28.15
C GLN G 26 16.44 -26.41 -27.96
N LEU G 27 17.08 -27.37 -28.64
CA LEU G 27 18.52 -27.50 -28.59
C LEU G 27 19.19 -26.27 -29.18
N SER G 28 20.48 -26.12 -28.89
CA SER G 28 21.24 -24.93 -29.27
C SER G 28 22.46 -25.33 -30.10
N LEU G 29 22.92 -24.38 -30.91
CA LEU G 29 24.08 -24.63 -31.75
C LEU G 29 25.35 -24.76 -30.91
N PRO G 30 26.33 -25.63 -31.35
CA PRO G 30 27.61 -25.76 -30.64
C PRO G 30 28.63 -24.69 -31.06
N LEU G 31 28.51 -23.53 -30.44
CA LEU G 31 29.37 -22.38 -30.74
C LEU G 31 30.50 -22.34 -29.71
N TYR G 32 31.69 -22.75 -30.13
CA TYR G 32 32.86 -22.72 -29.25
C TYR G 32 33.63 -21.41 -29.43
N ASP G 35 38.83 -21.20 -25.90
CA ASP G 35 39.26 -22.24 -24.96
C ASP G 35 40.61 -21.89 -24.36
N ASP G 36 41.04 -20.64 -24.56
CA ASP G 36 42.33 -20.17 -24.07
C ASP G 36 42.24 -19.53 -22.69
N GLU G 37 41.04 -19.20 -22.21
CA GLU G 37 40.85 -18.49 -20.95
C GLU G 37 40.17 -19.43 -19.96
N THR G 38 40.96 -20.32 -19.36
CA THR G 38 40.48 -21.30 -18.40
C THR G 38 41.32 -21.21 -17.13
N PHE G 39 40.96 -22.04 -16.14
CA PHE G 39 41.72 -22.07 -14.90
C PHE G 39 43.11 -22.67 -15.11
N ALA G 40 43.22 -23.67 -15.98
CA ALA G 40 44.52 -24.27 -16.27
C ALA G 40 45.47 -23.27 -16.91
N SER G 41 44.94 -22.33 -17.71
CA SER G 41 45.76 -21.29 -18.32
C SER G 41 46.04 -20.14 -17.36
N PHE G 42 45.31 -20.04 -16.27
CA PHE G 42 45.48 -18.95 -15.32
C PHE G 42 46.59 -19.27 -14.32
N TRP G 43 47.23 -18.21 -13.80
CA TRP G 43 48.38 -18.43 -12.93
C TRP G 43 48.02 -18.20 -11.48
N PRO G 44 48.48 -19.08 -10.58
CA PRO G 44 48.15 -18.90 -9.15
C PRO G 44 48.74 -17.64 -8.55
N GLY G 45 49.97 -17.29 -8.91
CA GLY G 45 50.61 -16.10 -8.38
C GLY G 45 50.02 -14.82 -8.93
N ASP G 46 49.66 -13.89 -8.04
CA ASP G 46 49.84 -14.08 -6.60
C ASP G 46 48.49 -14.25 -5.89
N ASN G 47 47.45 -14.54 -6.67
CA ASN G 47 46.09 -14.63 -6.13
C ASN G 47 45.81 -16.09 -5.73
N SER G 48 46.37 -16.47 -4.58
CA SER G 48 46.18 -17.82 -4.06
C SER G 48 44.89 -17.94 -3.25
N SER G 49 44.65 -16.99 -2.34
CA SER G 49 43.44 -17.02 -1.53
C SER G 49 42.18 -16.73 -2.34
N LEU G 50 42.33 -16.05 -3.48
CA LEU G 50 41.18 -15.77 -4.34
C LEU G 50 40.75 -17.01 -5.11
N LEU G 51 41.71 -17.69 -5.74
CA LEU G 51 41.37 -18.88 -6.53
C LEU G 51 40.76 -19.97 -5.67
N ALA G 52 41.14 -20.05 -4.39
CA ALA G 52 40.57 -21.06 -3.51
C ALA G 52 39.09 -20.80 -3.25
N ALA G 53 38.73 -19.55 -2.96
CA ALA G 53 37.33 -19.23 -2.73
C ALA G 53 36.54 -19.21 -4.03
N LEU G 54 37.18 -18.86 -5.14
CA LEU G 54 36.50 -18.87 -6.44
C LEU G 54 36.08 -20.28 -6.81
N GLN G 55 36.99 -21.24 -6.66
CA GLN G 55 36.68 -22.64 -6.94
C GLN G 55 35.86 -23.29 -5.83
N ASN G 56 35.51 -22.55 -4.78
CA ASN G 56 34.68 -23.08 -3.70
C ASN G 56 33.20 -22.77 -3.92
N VAL G 57 32.88 -21.66 -4.58
CA VAL G 57 31.51 -21.40 -4.97
C VAL G 57 31.13 -22.12 -6.25
N LEU G 58 32.10 -22.44 -7.11
CA LEU G 58 31.82 -23.30 -8.26
C LEU G 58 31.63 -24.75 -7.84
N ARG G 59 32.03 -25.09 -6.62
CA ARG G 59 31.73 -26.40 -6.05
C ARG G 59 30.22 -26.66 -6.10
N GLN G 60 29.85 -27.90 -6.34
CA GLN G 60 28.43 -28.23 -6.47
C GLN G 60 27.89 -29.05 -5.29
N GLU G 61 26.79 -28.58 -4.71
CA GLU G 61 26.19 -27.32 -5.16
C GLU G 61 25.63 -26.46 -4.04
N HIS G 62 25.98 -25.17 -4.12
CA HIS G 62 25.19 -24.07 -3.59
C HIS G 62 25.90 -22.73 -3.78
N SER G 63 25.16 -21.63 -3.71
CA SER G 63 25.57 -20.40 -4.36
C SER G 63 26.34 -19.46 -3.43
N GLY G 64 26.76 -18.36 -4.02
CA GLY G 64 27.48 -17.33 -3.30
C GLY G 64 27.85 -16.22 -4.26
N TYR G 65 28.19 -15.08 -3.69
CA TYR G 65 28.51 -13.89 -4.47
C TYR G 65 29.92 -13.43 -4.12
N ILE G 66 30.76 -13.35 -5.15
CA ILE G 66 32.15 -12.92 -5.00
C ILE G 66 32.38 -11.73 -5.90
N TYR G 67 32.98 -10.67 -5.35
CA TYR G 67 33.29 -9.44 -6.08
C TYR G 67 34.79 -9.34 -6.25
N LEU G 68 35.24 -9.27 -7.50
CA LEU G 68 36.65 -9.09 -7.84
C LEU G 68 36.87 -7.66 -8.31
N TRP G 69 38.09 -7.17 -8.12
CA TRP G 69 38.44 -5.83 -8.56
C TRP G 69 39.96 -5.69 -8.60
N ALA G 70 40.42 -4.88 -9.53
CA ALA G 70 41.85 -4.63 -9.73
C ALA G 70 42.00 -3.42 -10.64
N ARG G 71 43.25 -3.10 -11.00
CA ARG G 71 43.53 -1.98 -11.88
C ARG G 71 43.25 -2.34 -13.34
N GLU G 72 44.29 -2.67 -14.10
CA GLU G 72 44.16 -2.98 -15.52
C GLU G 72 44.93 -4.25 -15.82
N GLY G 73 44.32 -5.15 -16.59
CA GLY G 73 45.01 -6.36 -17.02
C GLY G 73 45.45 -7.30 -15.92
N ALA G 74 44.61 -7.50 -14.90
CA ALA G 74 44.92 -8.43 -13.83
C ALA G 74 44.32 -9.82 -14.02
N GLY G 75 43.25 -9.94 -14.80
CA GLY G 75 42.62 -11.21 -15.05
C GLY G 75 41.21 -11.33 -14.52
N ARG G 76 40.51 -10.22 -14.31
CA ARG G 76 39.12 -10.29 -13.87
C ARG G 76 38.26 -10.99 -14.91
N SER G 77 38.37 -10.57 -16.18
CA SER G 77 37.60 -11.22 -17.24
C SER G 77 38.10 -12.64 -17.49
N HIS G 78 39.39 -12.89 -17.27
CA HIS G 78 39.93 -14.24 -17.46
C HIS G 78 39.27 -15.23 -16.49
N LEU G 79 39.13 -14.83 -15.23
CA LEU G 79 38.55 -15.74 -14.24
C LEU G 79 37.06 -15.93 -14.45
N LEU G 80 36.37 -14.91 -14.99
CA LEU G 80 34.95 -15.08 -15.31
C LEU G 80 34.78 -16.09 -16.45
N HIS G 81 35.55 -15.94 -17.52
CA HIS G 81 35.51 -16.92 -18.59
C HIS G 81 35.96 -18.29 -18.10
N ALA G 82 36.92 -18.33 -17.19
CA ALA G 82 37.38 -19.61 -16.64
C ALA G 82 36.26 -20.27 -15.83
N ALA G 83 35.51 -19.49 -15.07
CA ALA G 83 34.38 -20.05 -14.33
C ALA G 83 33.25 -20.48 -15.25
N CYS G 84 33.03 -19.75 -16.34
CA CYS G 84 32.00 -20.15 -17.30
C CYS G 84 32.36 -21.48 -17.95
N ALA G 85 33.60 -21.61 -18.44
CA ALA G 85 34.02 -22.85 -19.07
C ALA G 85 34.06 -24.00 -18.06
N GLU G 86 34.29 -23.69 -16.79
CA GLU G 86 34.34 -24.74 -15.77
C GLU G 86 32.97 -25.40 -15.60
N LEU G 87 31.90 -24.61 -15.72
CA LEU G 87 30.56 -25.15 -15.57
C LEU G 87 29.96 -25.56 -16.92
N SER G 88 30.37 -24.91 -18.00
CA SER G 88 29.88 -25.30 -19.33
C SER G 88 30.38 -26.68 -19.72
N GLN G 89 31.57 -27.07 -19.22
CA GLN G 89 32.12 -28.38 -19.56
C GLN G 89 31.43 -29.53 -18.84
N ARG G 90 30.69 -29.24 -17.76
CA ARG G 90 29.91 -30.26 -17.08
C ARG G 90 28.41 -30.07 -17.27
N GLY G 91 28.00 -29.31 -18.29
CA GLY G 91 26.61 -29.24 -18.66
C GLY G 91 25.77 -28.26 -17.87
N ASP G 92 26.38 -27.32 -17.16
CA ASP G 92 25.65 -26.34 -16.39
C ASP G 92 25.39 -25.08 -17.22
N ALA G 93 24.21 -24.49 -17.03
CA ALA G 93 23.85 -23.27 -17.74
C ALA G 93 24.58 -22.08 -17.14
N VAL G 94 25.18 -21.25 -18.00
CA VAL G 94 26.02 -20.14 -17.56
C VAL G 94 25.60 -18.88 -18.29
N GLY G 95 26.01 -17.74 -17.74
CA GLY G 95 25.72 -16.44 -18.34
C GLY G 95 26.80 -15.42 -18.08
N TYR G 96 27.33 -14.83 -19.15
CA TYR G 96 28.40 -13.85 -19.08
C TYR G 96 27.89 -12.53 -19.62
N VAL G 97 27.89 -11.50 -18.78
CA VAL G 97 27.34 -10.20 -19.13
C VAL G 97 28.45 -9.16 -19.17
N PRO G 98 29.08 -8.91 -20.33
CA PRO G 98 30.08 -7.84 -20.39
C PRO G 98 29.43 -6.46 -20.37
N LEU G 99 29.46 -5.81 -19.21
CA LEU G 99 28.78 -4.52 -19.06
C LEU G 99 29.49 -3.39 -19.80
N ASP G 100 30.74 -3.58 -20.22
CA ASP G 100 31.41 -2.59 -21.05
C ASP G 100 30.94 -2.63 -22.50
N LYS G 101 30.36 -3.75 -22.93
CA LYS G 101 29.75 -3.87 -24.24
C LYS G 101 28.23 -3.73 -24.19
N ARG G 102 27.70 -3.11 -23.13
CA ARG G 102 26.27 -3.01 -22.93
C ARG G 102 25.58 -2.10 -23.95
N THR G 103 26.34 -1.41 -24.80
CA THR G 103 25.73 -0.62 -25.87
C THR G 103 25.16 -1.48 -26.99
N TRP G 104 25.35 -2.80 -26.94
CA TRP G 104 24.86 -3.71 -27.98
C TRP G 104 23.69 -4.57 -27.51
N PHE G 105 23.28 -4.47 -26.25
CA PHE G 105 22.13 -5.22 -25.77
C PHE G 105 21.39 -4.37 -24.73
N VAL G 106 20.33 -4.95 -24.16
CA VAL G 106 19.41 -4.21 -23.31
C VAL G 106 19.43 -4.77 -21.90
N PRO G 107 19.08 -3.98 -20.87
CA PRO G 107 19.06 -4.52 -19.50
C PRO G 107 18.03 -5.62 -19.30
N GLU G 108 17.02 -5.73 -20.17
CA GLU G 108 16.05 -6.82 -20.07
C GLU G 108 16.65 -8.19 -20.37
N VAL G 109 17.93 -8.24 -20.75
CA VAL G 109 18.59 -9.52 -21.02
C VAL G 109 18.95 -10.26 -19.73
N LEU G 110 18.97 -9.57 -18.59
CA LEU G 110 19.18 -10.22 -17.30
C LEU G 110 17.94 -10.95 -16.80
N ASP G 111 16.79 -10.71 -17.43
CA ASP G 111 15.55 -11.36 -17.00
C ASP G 111 15.60 -12.85 -17.33
N GLY G 112 15.35 -13.69 -16.32
CA GLY G 112 15.41 -15.12 -16.49
C GLY G 112 16.75 -15.74 -16.15
N MET G 113 17.79 -14.94 -15.96
CA MET G 113 19.10 -15.47 -15.61
C MET G 113 19.19 -15.92 -14.15
N GLU G 114 18.12 -15.77 -13.37
CA GLU G 114 18.09 -16.30 -12.02
C GLU G 114 17.94 -17.81 -11.97
N HIS G 115 17.66 -18.45 -13.11
CA HIS G 115 17.56 -19.89 -13.20
C HIS G 115 18.87 -20.55 -13.65
N LEU G 116 19.91 -19.76 -13.89
CA LEU G 116 21.18 -20.28 -14.34
C LEU G 116 22.04 -20.69 -13.14
N SER G 117 23.03 -21.55 -13.41
CA SER G 117 23.94 -21.99 -12.36
C SER G 117 24.99 -20.94 -12.04
N LEU G 118 25.41 -20.16 -13.03
CA LEU G 118 26.47 -19.17 -12.86
C LEU G 118 26.15 -17.95 -13.71
N VAL G 119 26.26 -16.77 -13.10
CA VAL G 119 26.05 -15.50 -13.77
C VAL G 119 27.26 -14.61 -13.52
N CYS G 120 27.88 -14.14 -14.61
CA CYS G 120 29.10 -13.34 -14.54
C CYS G 120 28.79 -11.93 -15.02
N ILE G 121 29.04 -10.94 -14.16
CA ILE G 121 28.85 -9.53 -14.47
C ILE G 121 30.24 -8.91 -14.54
N ASP G 122 30.71 -8.64 -15.75
CA ASP G 122 32.05 -8.12 -15.96
C ASP G 122 32.02 -6.59 -16.06
N ASN G 123 32.91 -5.94 -15.30
CA ASN G 123 33.09 -4.49 -15.32
C ASN G 123 31.78 -3.77 -14.94
N ILE G 124 31.47 -3.87 -13.64
CA ILE G 124 30.23 -3.29 -13.12
C ILE G 124 30.35 -1.80 -12.82
N GLU G 125 31.56 -1.24 -12.89
CA GLU G 125 31.73 0.20 -12.74
C GLU G 125 31.31 0.97 -13.99
N CYS G 126 31.05 0.30 -15.10
CA CYS G 126 30.62 0.96 -16.32
C CYS G 126 29.19 1.45 -16.25
N ILE G 127 28.42 1.03 -15.26
CA ILE G 127 27.04 1.47 -15.10
C ILE G 127 26.89 2.49 -13.98
N ALA G 128 28.00 3.12 -13.57
CA ALA G 128 27.96 4.17 -12.56
C ALA G 128 27.32 5.42 -13.16
N GLY G 129 26.08 5.71 -12.76
CA GLY G 129 25.31 6.80 -13.32
C GLY G 129 24.30 6.37 -14.36
N ASP G 130 24.11 5.07 -14.57
CA ASP G 130 23.17 4.53 -15.55
C ASP G 130 22.04 3.87 -14.76
N GLU G 131 21.06 4.69 -14.38
CA GLU G 131 19.97 4.19 -13.54
C GLU G 131 19.17 3.09 -14.21
N LEU G 132 19.11 3.11 -15.55
CA LEU G 132 18.38 2.07 -16.26
C LEU G 132 19.03 0.70 -16.05
N TRP G 133 20.37 0.66 -16.04
CA TRP G 133 21.07 -0.61 -15.86
C TRP G 133 21.22 -0.97 -14.39
N GLU G 134 21.40 0.02 -13.51
CA GLU G 134 21.57 -0.26 -12.09
C GLU G 134 20.32 -0.92 -11.52
N MET G 135 19.14 -0.52 -12.00
CA MET G 135 17.91 -1.13 -11.52
C MET G 135 17.81 -2.60 -11.94
N ALA G 136 18.20 -2.90 -13.18
CA ALA G 136 18.14 -4.28 -13.66
C ALA G 136 19.13 -5.16 -12.92
N ILE G 137 20.35 -4.64 -12.68
CA ILE G 137 21.32 -5.38 -11.87
C ILE G 137 20.78 -5.56 -10.45
N PHE G 138 20.17 -4.51 -9.90
CA PHE G 138 19.62 -4.59 -8.56
C PHE G 138 18.48 -5.60 -8.48
N ASP G 139 17.56 -5.56 -9.45
CA ASP G 139 16.45 -6.51 -9.47
C ASP G 139 16.96 -7.94 -9.63
N LEU G 140 18.00 -8.14 -10.47
CA LEU G 140 18.52 -9.47 -10.69
C LEU G 140 19.12 -10.06 -9.42
N TYR G 141 19.83 -9.24 -8.63
CA TYR G 141 20.41 -9.71 -7.39
C TYR G 141 19.33 -10.25 -6.45
N ASN G 142 18.24 -9.50 -6.28
CA ASN G 142 17.17 -9.97 -5.42
C ASN G 142 16.47 -11.19 -5.99
N ARG G 143 16.46 -11.33 -7.32
CA ARG G 143 15.77 -12.47 -7.93
C ARG G 143 16.52 -13.77 -7.67
N ILE G 144 17.85 -13.75 -7.74
CA ILE G 144 18.63 -14.93 -7.36
C ILE G 144 18.79 -15.05 -5.86
N LEU G 145 18.47 -13.99 -5.12
CA LEU G 145 18.51 -14.05 -3.66
C LEU G 145 17.26 -14.72 -3.10
N GLU G 146 16.08 -14.38 -3.64
CA GLU G 146 14.86 -15.04 -3.21
C GLU G 146 14.85 -16.52 -3.60
N SER G 147 15.58 -16.89 -4.64
CA SER G 147 15.71 -18.28 -5.07
C SER G 147 17.05 -18.81 -4.57
N GLY G 148 17.46 -19.96 -5.12
CA GLY G 148 18.73 -20.56 -4.77
C GLY G 148 19.41 -21.16 -5.99
N LYS G 149 20.60 -21.71 -5.76
CA LYS G 149 21.38 -22.40 -6.78
C LYS G 149 21.69 -21.47 -7.96
N THR G 150 22.38 -20.38 -7.66
CA THR G 150 22.75 -19.41 -8.69
C THR G 150 24.02 -18.69 -8.22
N ARG G 151 25.16 -19.07 -8.80
CA ARG G 151 26.43 -18.46 -8.46
C ARG G 151 26.57 -17.11 -9.18
N LEU G 152 26.92 -16.07 -8.43
CA LEU G 152 27.05 -14.72 -8.95
C LEU G 152 28.49 -14.26 -8.80
N LEU G 153 29.09 -13.84 -9.91
CA LEU G 153 30.47 -13.36 -9.95
C LEU G 153 30.49 -12.00 -10.63
N ILE G 154 31.06 -11.01 -9.96
CA ILE G 154 31.09 -9.63 -10.45
C ILE G 154 32.51 -9.09 -10.32
N THR G 155 32.96 -8.36 -11.34
CA THR G 155 34.27 -7.73 -11.35
C THR G 155 34.10 -6.22 -11.49
N GLY G 156 35.21 -5.51 -11.29
CA GLY G 156 35.15 -4.05 -11.35
C GLY G 156 36.52 -3.43 -11.21
N ASP G 157 36.53 -2.10 -11.28
CA ASP G 157 37.76 -1.33 -11.14
C ASP G 157 38.12 -1.13 -9.66
N ARG G 158 37.13 -0.77 -8.86
CA ARG G 158 37.34 -0.37 -7.47
C ARG G 158 36.43 -1.19 -6.57
N PRO G 159 36.72 -1.22 -5.27
CA PRO G 159 35.86 -1.97 -4.33
C PRO G 159 34.43 -1.50 -4.40
N PRO G 160 33.47 -2.33 -3.94
CA PRO G 160 32.05 -1.94 -4.05
C PRO G 160 31.69 -0.69 -3.26
N ARG G 161 32.49 -0.31 -2.26
CA ARG G 161 32.20 0.92 -1.54
C ARG G 161 32.67 2.15 -2.33
N GLN G 162 33.80 2.05 -3.02
CA GLN G 162 34.23 3.13 -3.90
C GLN G 162 33.34 3.25 -5.14
N LEU G 163 32.50 2.27 -5.40
CA LEU G 163 31.58 2.32 -6.54
C LEU G 163 30.51 3.36 -6.26
N ASN G 164 30.64 4.52 -6.92
CA ASN G 164 29.64 5.59 -6.79
C ASN G 164 28.42 5.20 -7.61
N LEU G 165 27.57 4.38 -7.01
CA LEU G 165 26.34 3.92 -7.64
C LEU G 165 25.17 4.81 -7.24
N GLY G 166 24.20 4.92 -8.14
CA GLY G 166 23.03 5.73 -7.88
C GLY G 166 22.13 5.15 -6.79
N LEU G 167 21.71 3.90 -6.97
CA LEU G 167 20.83 3.26 -6.01
C LEU G 167 21.63 2.86 -4.78
N PRO G 168 21.30 3.38 -3.59
CA PRO G 168 22.10 3.01 -2.40
C PRO G 168 21.88 1.57 -1.97
N ASP G 169 20.73 0.97 -2.30
CA ASP G 169 20.49 -0.42 -1.93
C ASP G 169 21.39 -1.37 -2.70
N LEU G 170 21.66 -1.06 -3.97
CA LEU G 170 22.54 -1.91 -4.76
C LEU G 170 23.98 -1.86 -4.25
N ALA G 171 24.45 -0.68 -3.85
CA ALA G 171 25.82 -0.56 -3.37
C ALA G 171 26.01 -1.32 -2.06
N SER G 172 25.00 -1.30 -1.19
CA SER G 172 25.06 -2.07 0.05
C SER G 172 24.90 -3.57 -0.20
N ARG G 173 24.42 -3.96 -1.37
CA ARG G 173 24.29 -5.38 -1.72
C ARG G 173 25.54 -5.92 -2.39
N LEU G 174 26.26 -5.10 -3.17
CA LEU G 174 27.52 -5.55 -3.76
C LEU G 174 28.63 -5.62 -2.70
N ASP G 175 28.55 -4.80 -1.66
CA ASP G 175 29.45 -4.91 -0.52
C ASP G 175 29.05 -6.03 0.42
N TRP G 176 27.91 -6.67 0.18
CA TRP G 176 27.42 -7.78 1.00
C TRP G 176 27.89 -9.09 0.37
N GLY G 177 28.99 -9.62 0.87
CA GLY G 177 29.59 -10.80 0.30
C GLY G 177 31.09 -10.74 0.46
N GLN G 178 31.75 -11.75 -0.10
CA GLN G 178 33.20 -11.83 -0.04
C GLN G 178 33.82 -11.01 -1.17
N ILE G 179 34.74 -10.11 -0.79
CA ILE G 179 35.39 -9.20 -1.72
C ILE G 179 36.88 -9.50 -1.73
N TYR G 180 37.46 -9.54 -2.94
CA TYR G 180 38.87 -9.87 -3.12
C TYR G 180 39.53 -8.87 -4.06
N LYS G 181 40.80 -8.57 -3.79
CA LYS G 181 41.60 -7.69 -4.63
C LYS G 181 42.49 -8.54 -5.53
N LEU G 182 42.27 -8.43 -6.84
CA LEU G 182 43.08 -9.19 -7.79
C LEU G 182 44.47 -8.58 -7.89
N GLN G 183 45.50 -9.43 -7.80
CA GLN G 183 46.87 -8.95 -7.83
C GLN G 183 47.46 -9.11 -9.22
N PRO G 184 48.04 -8.04 -9.79
CA PRO G 184 48.63 -8.06 -11.14
C PRO G 184 49.94 -8.84 -11.19
N SER G 186 53.14 -10.16 -11.59
CA SER G 186 54.50 -9.65 -11.73
C SER G 186 55.04 -9.90 -13.13
N ASP G 187 56.17 -9.26 -13.45
CA ASP G 187 56.79 -9.48 -14.75
C ASP G 187 57.38 -10.88 -14.87
N GLU G 188 57.81 -11.47 -13.75
CA GLU G 188 58.38 -12.82 -13.78
C GLU G 188 57.30 -13.85 -14.13
N ASP G 189 56.19 -13.85 -13.40
CA ASP G 189 55.09 -14.75 -13.72
C ASP G 189 54.45 -14.42 -15.06
N LYS G 190 54.65 -13.20 -15.56
CA LYS G 190 54.13 -12.84 -16.88
C LYS G 190 54.82 -13.65 -17.97
N LEU G 191 56.11 -13.94 -17.79
CA LEU G 191 56.85 -14.72 -18.78
C LEU G 191 56.26 -16.12 -18.93
N GLN G 192 56.20 -16.87 -17.83
CA GLN G 192 55.70 -18.25 -17.89
C GLN G 192 54.20 -18.33 -18.12
N ALA G 193 53.49 -17.21 -18.08
CA ALA G 193 52.08 -17.21 -18.46
C ALA G 193 51.91 -17.22 -19.98
N LEU G 194 52.82 -16.57 -20.72
CA LEU G 194 52.78 -16.66 -22.17
C LEU G 194 53.24 -18.03 -22.66
N GLN G 195 54.25 -18.61 -22.01
CA GLN G 195 54.71 -19.94 -22.39
C GLN G 195 53.68 -21.01 -22.06
N LEU G 196 52.85 -20.78 -21.04
CA LEU G 196 51.85 -21.76 -20.65
C LEU G 196 50.77 -21.92 -21.70
N ARG G 197 50.58 -20.92 -22.57
CA ARG G 197 49.60 -21.00 -23.64
C ARG G 197 50.16 -21.61 -24.91
N ALA G 198 51.46 -21.46 -25.16
CA ALA G 198 52.08 -22.11 -26.31
C ALA G 198 52.10 -23.63 -26.12
N ARG G 199 52.12 -24.10 -24.88
CA ARG G 199 52.04 -25.53 -24.62
C ARG G 199 50.61 -26.03 -24.78
N LEU G 200 49.64 -25.28 -24.24
CA LEU G 200 48.23 -25.64 -24.37
C LEU G 200 47.76 -25.41 -25.80
N GLU G 207 62.83 -19.37 -22.98
CA GLU G 207 62.84 -18.38 -21.90
C GLU G 207 63.46 -17.07 -22.38
N ASP G 208 64.18 -17.14 -23.50
CA ASP G 208 64.76 -15.94 -24.09
C ASP G 208 63.74 -15.13 -24.88
N VAL G 209 62.78 -15.81 -25.52
CA VAL G 209 61.77 -15.10 -26.29
C VAL G 209 60.80 -14.38 -25.37
N GLY G 210 60.37 -15.05 -24.29
CA GLY G 210 59.40 -14.44 -23.39
C GLY G 210 59.95 -13.24 -22.64
N ARG G 211 61.19 -13.34 -22.18
CA ARG G 211 61.82 -12.20 -21.52
C ARG G 211 62.12 -11.05 -22.47
N PHE G 212 62.01 -11.27 -23.78
CA PHE G 212 62.09 -10.20 -24.77
C PHE G 212 60.75 -9.53 -25.00
N LEU G 213 59.65 -10.30 -24.99
CA LEU G 213 58.32 -9.72 -25.08
C LEU G 213 58.01 -8.85 -23.86
N LEU G 214 58.56 -9.20 -22.70
CA LEU G 214 58.35 -8.39 -21.50
C LEU G 214 58.97 -7.01 -21.65
N LYS G 215 60.11 -6.93 -22.33
CA LYS G 215 60.78 -5.66 -22.57
C LYS G 215 60.11 -4.89 -23.70
N MET G 221 49.49 -7.24 -20.93
CA MET G 221 49.23 -8.68 -21.07
C MET G 221 48.08 -8.95 -22.04
N ARG G 222 47.16 -7.99 -22.14
CA ARG G 222 46.05 -8.14 -23.08
C ARG G 222 46.54 -8.20 -24.52
N THR G 223 47.55 -7.39 -24.84
CA THR G 223 48.17 -7.42 -26.16
C THR G 223 49.26 -8.47 -26.28
N LEU G 224 49.82 -8.93 -25.16
CA LEU G 224 50.84 -9.96 -25.20
C LEU G 224 50.25 -11.29 -25.65
N PHE G 225 49.25 -11.80 -24.92
CA PHE G 225 48.61 -13.04 -25.30
C PHE G 225 47.92 -12.92 -26.65
N MET G 226 47.43 -11.73 -26.99
CA MET G 226 46.79 -11.53 -28.29
C MET G 226 47.80 -11.69 -29.43
N THR G 227 49.04 -11.24 -29.23
CA THR G 227 50.08 -11.34 -30.23
C THR G 227 50.99 -12.55 -30.03
N LEU G 228 50.84 -13.27 -28.91
CA LEU G 228 51.67 -14.44 -28.68
C LEU G 228 51.31 -15.58 -29.63
N ASP G 229 50.00 -15.87 -29.77
CA ASP G 229 49.57 -16.97 -30.60
C ASP G 229 49.66 -16.66 -32.09
N GLN G 230 49.63 -15.38 -32.47
CA GLN G 230 49.80 -15.00 -33.87
C GLN G 230 51.23 -15.13 -34.35
N LEU G 231 52.21 -15.11 -33.45
CA LEU G 231 53.61 -15.37 -33.76
C LEU G 231 54.00 -16.82 -33.56
N ASP G 232 53.41 -17.49 -32.56
CA ASP G 232 53.73 -18.89 -32.31
C ASP G 232 53.20 -19.77 -33.44
N ARG G 233 51.98 -19.51 -33.91
CA ARG G 233 51.41 -20.32 -34.97
C ARG G 233 52.16 -20.13 -36.29
N ALA G 234 52.70 -18.93 -36.53
CA ALA G 234 53.50 -18.72 -37.73
C ALA G 234 54.82 -19.46 -37.68
N SER G 235 55.36 -19.68 -36.47
CA SER G 235 56.58 -20.45 -36.33
C SER G 235 56.34 -21.94 -36.47
N ILE G 236 55.13 -22.40 -36.16
CA ILE G 236 54.81 -23.82 -36.29
C ILE G 236 54.77 -24.22 -37.77
N THR G 237 54.06 -23.44 -38.57
CA THR G 237 53.97 -23.71 -40.01
C THR G 237 55.26 -23.35 -40.75
N ALA G 238 56.27 -22.85 -40.06
CA ALA G 238 57.54 -22.51 -40.69
C ALA G 238 58.54 -23.65 -40.55
N THR G 243 63.59 -17.31 -33.17
CA THR G 243 64.66 -16.32 -33.16
C THR G 243 64.07 -14.92 -33.10
N ILE G 244 64.85 -13.97 -32.59
CA ILE G 244 64.34 -12.61 -32.36
C ILE G 244 63.90 -11.93 -33.65
N PRO G 245 64.71 -11.88 -34.73
CA PRO G 245 64.25 -11.20 -35.94
C PRO G 245 63.02 -11.84 -36.57
N PHE G 246 62.82 -13.14 -36.36
CA PHE G 246 61.64 -13.81 -36.91
C PHE G 246 60.35 -13.25 -36.32
N VAL G 247 60.41 -12.76 -35.09
CA VAL G 247 59.25 -12.15 -34.45
C VAL G 247 58.81 -10.89 -35.20
N ALA H 25 -12.75 26.25 -30.05
CA ALA H 25 -11.68 25.47 -30.65
C ALA H 25 -11.72 24.03 -30.16
N GLN H 26 -12.44 23.18 -30.88
CA GLN H 26 -13.14 23.57 -32.11
C GLN H 26 -14.62 23.83 -31.82
N LEU H 27 -15.25 24.67 -32.65
CA LEU H 27 -16.69 24.83 -32.58
C LEU H 27 -17.39 23.51 -32.92
N SER H 28 -18.70 23.49 -32.69
CA SER H 28 -19.50 22.27 -32.84
C SER H 28 -20.54 22.47 -33.93
N LEU H 29 -20.81 21.40 -34.67
CA LEU H 29 -21.79 21.45 -35.75
C LEU H 29 -23.20 21.56 -35.16
N PRO H 30 -24.03 22.49 -35.63
CA PRO H 30 -25.36 22.65 -35.06
C PRO H 30 -26.31 21.51 -35.44
N LEU H 31 -26.48 20.55 -34.54
CA LEU H 31 -27.43 19.47 -34.71
C LEU H 31 -28.61 19.68 -33.77
N TYR H 32 -29.82 19.57 -34.29
CA TYR H 32 -31.04 19.72 -33.50
C TYR H 32 -31.75 18.38 -33.42
N LEU H 33 -32.13 18.01 -32.20
CA LEU H 33 -32.76 16.71 -31.97
C LEU H 33 -34.09 16.63 -32.72
N PRO H 34 -34.34 15.55 -33.46
CA PRO H 34 -35.61 15.41 -34.20
C PRO H 34 -36.74 14.88 -33.33
N ASP H 35 -37.16 15.70 -32.37
CA ASP H 35 -38.23 15.31 -31.46
C ASP H 35 -38.85 16.57 -30.88
N ASP H 36 -39.60 16.42 -29.79
CA ASP H 36 -40.26 17.55 -29.16
C ASP H 36 -40.59 17.22 -27.71
N GLU H 37 -39.58 16.89 -26.91
CA GLU H 37 -39.78 16.50 -25.52
C GLU H 37 -39.33 17.58 -24.54
N THR H 38 -39.56 18.84 -24.89
CA THR H 38 -39.17 19.95 -24.02
C THR H 38 -40.11 20.05 -22.83
N PHE H 39 -39.66 20.81 -21.82
CA PHE H 39 -40.46 21.02 -20.62
C PHE H 39 -41.82 21.63 -20.95
N ALA H 40 -41.87 22.48 -21.99
CA ALA H 40 -43.13 23.11 -22.37
C ALA H 40 -44.15 22.09 -22.86
N SER H 41 -43.68 21.01 -23.48
CA SER H 41 -44.56 19.96 -23.99
C SER H 41 -44.87 18.89 -22.95
N PHE H 42 -44.42 19.07 -21.70
CA PHE H 42 -44.60 18.10 -20.64
C PHE H 42 -45.69 18.56 -19.69
N TRP H 43 -46.55 17.63 -19.26
CA TRP H 43 -47.69 18.00 -18.42
C TRP H 43 -47.34 17.82 -16.95
N PRO H 44 -47.64 18.79 -16.09
CA PRO H 44 -47.26 18.69 -14.68
C PRO H 44 -47.90 17.51 -13.96
N GLY H 45 -49.23 17.49 -13.89
CA GLY H 45 -49.93 16.48 -13.11
C GLY H 45 -49.65 15.05 -13.51
N ASP H 46 -49.48 14.17 -12.53
CA ASP H 46 -49.56 14.55 -11.12
C ASP H 46 -48.18 14.67 -10.48
N ASN H 47 -47.17 14.88 -11.32
CA ASN H 47 -45.78 14.99 -10.86
C ASN H 47 -45.40 16.45 -10.59
N SER H 48 -46.22 17.13 -9.79
CA SER H 48 -45.98 18.53 -9.47
C SER H 48 -44.81 18.69 -8.50
N SER H 49 -44.67 17.77 -7.54
CA SER H 49 -43.56 17.85 -6.60
C SER H 49 -42.23 17.46 -7.26
N LEU H 50 -42.28 16.60 -8.27
CA LEU H 50 -41.05 16.20 -8.95
C LEU H 50 -40.51 17.32 -9.83
N LEU H 51 -41.37 17.94 -10.64
CA LEU H 51 -40.92 19.01 -11.52
C LEU H 51 -40.40 20.21 -10.73
N ALA H 52 -40.94 20.44 -9.53
CA ALA H 52 -40.47 21.55 -8.71
C ALA H 52 -39.02 21.36 -8.29
N ALA H 53 -38.66 20.14 -7.87
CA ALA H 53 -37.28 19.86 -7.50
C ALA H 53 -36.38 19.70 -8.72
N LEU H 54 -36.93 19.21 -9.83
CA LEU H 54 -36.12 19.02 -11.03
C LEU H 54 -35.63 20.36 -11.58
N GLN H 55 -36.52 21.34 -11.68
CA GLN H 55 -36.14 22.67 -12.11
C GLN H 55 -35.36 23.43 -11.05
N ASN H 56 -35.22 22.89 -9.84
CA ASN H 56 -34.44 23.56 -8.81
C ASN H 56 -32.96 23.22 -8.94
N VAL H 57 -32.63 21.97 -9.24
CA VAL H 57 -31.23 21.59 -9.43
C VAL H 57 -30.69 22.03 -10.78
N LEU H 58 -31.56 22.30 -11.76
CA LEU H 58 -31.10 22.80 -13.05
C LEU H 58 -30.63 24.23 -12.99
N ARG H 59 -30.99 24.97 -11.93
CA ARG H 59 -30.58 26.36 -11.81
C ARG H 59 -29.15 26.45 -11.30
N GLN H 60 -28.36 27.31 -11.94
CA GLN H 60 -26.96 27.51 -11.58
C GLN H 60 -26.84 28.07 -10.16
N GLU H 61 -25.72 27.81 -9.48
CA GLU H 61 -24.60 27.06 -10.04
C GLU H 61 -24.44 25.72 -9.33
N HIS H 62 -25.09 25.59 -8.18
CA HIS H 62 -25.02 24.36 -7.42
C HIS H 62 -25.78 23.24 -8.12
N SER H 63 -25.38 22.01 -7.82
CA SER H 63 -25.92 20.82 -8.48
C SER H 63 -26.30 19.79 -7.43
N GLY H 64 -26.79 18.66 -7.91
CA GLY H 64 -27.18 17.58 -7.02
C GLY H 64 -27.39 16.30 -7.79
N TYR H 65 -28.22 15.42 -7.23
CA TYR H 65 -28.51 14.12 -7.81
C TYR H 65 -29.96 13.75 -7.51
N ILE H 66 -30.74 13.56 -8.56
CA ILE H 66 -32.15 13.18 -8.45
C ILE H 66 -32.36 11.89 -9.22
N TYR H 67 -33.09 10.95 -8.62
CA TYR H 67 -33.40 9.67 -9.23
C TYR H 67 -34.90 9.60 -9.50
N LEU H 68 -35.26 9.25 -10.73
CA LEU H 68 -36.65 9.10 -11.15
C LEU H 68 -36.91 7.64 -11.48
N TRP H 69 -38.11 7.16 -11.14
CA TRP H 69 -38.45 5.78 -11.44
C TRP H 69 -39.95 5.67 -11.70
N ALA H 70 -40.30 4.79 -12.63
CA ALA H 70 -41.68 4.55 -13.01
C ALA H 70 -41.76 3.20 -13.72
N ARG H 71 -42.96 2.86 -14.20
CA ARG H 71 -43.19 1.58 -14.84
C ARG H 71 -42.86 1.64 -16.33
N GLU H 72 -43.77 2.21 -17.13
CA GLU H 72 -43.59 2.24 -18.57
C GLU H 72 -44.30 3.45 -19.14
N GLY H 73 -43.62 4.15 -20.06
CA GLY H 73 -44.25 5.24 -20.78
C GLY H 73 -44.67 6.41 -19.91
N ALA H 74 -44.00 6.62 -18.78
CA ALA H 74 -44.35 7.71 -17.90
C ALA H 74 -43.66 9.02 -18.25
N GLY H 75 -42.53 8.98 -18.96
CA GLY H 75 -41.88 10.21 -19.36
C GLY H 75 -40.58 10.46 -18.62
N ARG H 76 -39.92 9.37 -18.20
CA ARG H 76 -38.62 9.50 -17.56
C ARG H 76 -37.56 10.02 -18.54
N SER H 77 -37.62 9.56 -19.79
CA SER H 77 -36.70 10.05 -20.80
C SER H 77 -37.11 11.43 -21.31
N HIS H 78 -38.41 11.73 -21.28
CA HIS H 78 -38.89 13.04 -21.70
C HIS H 78 -38.33 14.14 -20.81
N LEU H 79 -38.22 13.87 -19.51
CA LEU H 79 -37.69 14.88 -18.59
C LEU H 79 -36.19 15.04 -18.73
N LEU H 80 -35.48 13.97 -19.05
CA LEU H 80 -34.04 14.07 -19.28
C LEU H 80 -33.75 14.91 -20.52
N HIS H 81 -34.45 14.62 -21.62
CA HIS H 81 -34.30 15.44 -22.82
C HIS H 81 -34.73 16.88 -22.56
N ALA H 82 -35.75 17.07 -21.73
CA ALA H 82 -36.17 18.43 -21.38
C ALA H 82 -35.11 19.14 -20.56
N ALA H 83 -34.48 18.43 -19.62
CA ALA H 83 -33.40 19.03 -18.84
C ALA H 83 -32.17 19.28 -19.70
N CYS H 84 -31.91 18.41 -20.68
CA CYS H 84 -30.80 18.64 -21.60
C CYS H 84 -31.05 19.89 -22.45
N ALA H 85 -32.24 20.01 -23.04
CA ALA H 85 -32.58 21.17 -23.84
C ALA H 85 -32.71 22.43 -23.00
N GLU H 86 -32.98 22.29 -21.69
CA GLU H 86 -33.08 23.46 -20.83
C GLU H 86 -31.73 24.14 -20.67
N LEU H 87 -30.66 23.36 -20.52
CA LEU H 87 -29.32 23.93 -20.39
C LEU H 87 -28.64 24.13 -21.74
N SER H 88 -29.01 23.36 -22.75
CA SER H 88 -28.46 23.56 -24.08
C SER H 88 -28.89 24.90 -24.68
N GLN H 89 -30.09 25.36 -24.33
CA GLN H 89 -30.57 26.64 -24.85
C GLN H 89 -29.88 27.82 -24.19
N ARG H 90 -29.21 27.62 -23.06
CA ARG H 90 -28.46 28.68 -22.39
C ARG H 90 -26.95 28.44 -22.43
N GLY H 91 -26.49 27.58 -23.34
CA GLY H 91 -25.07 27.44 -23.59
C GLY H 91 -24.32 26.53 -22.65
N ASP H 92 -24.99 25.73 -21.84
CA ASP H 92 -24.33 24.83 -20.91
C ASP H 92 -24.05 23.49 -21.56
N ALA H 93 -22.99 22.83 -21.10
CA ALA H 93 -22.60 21.54 -21.63
C ALA H 93 -23.43 20.44 -20.97
N VAL H 94 -23.95 19.52 -21.79
CA VAL H 94 -24.85 18.47 -21.32
C VAL H 94 -24.46 17.15 -21.98
N GLY H 95 -24.85 16.06 -21.33
CA GLY H 95 -24.59 14.72 -21.84
C GLY H 95 -25.69 13.74 -21.52
N TYR H 96 -26.22 13.08 -22.55
CA TYR H 96 -27.31 12.12 -22.40
C TYR H 96 -26.81 10.74 -22.75
N VAL H 97 -26.94 9.80 -21.81
CA VAL H 97 -26.40 8.45 -21.98
C VAL H 97 -27.53 7.44 -21.90
N PRO H 98 -28.11 7.04 -23.03
CA PRO H 98 -29.16 6.00 -22.99
C PRO H 98 -28.57 4.63 -22.70
N LEU H 99 -28.66 4.17 -21.46
CA LEU H 99 -28.09 2.89 -21.06
C LEU H 99 -28.81 1.69 -21.69
N ASP H 100 -29.96 1.90 -22.34
CA ASP H 100 -30.61 0.85 -23.10
C ASP H 100 -30.03 0.70 -24.51
N LYS H 101 -29.35 1.72 -25.01
CA LYS H 101 -28.63 1.66 -26.27
C LYS H 101 -27.12 1.53 -26.07
N ARG H 102 -26.70 1.01 -24.91
CA ARG H 102 -25.29 0.88 -24.59
C ARG H 102 -24.56 -0.15 -25.44
N THR H 103 -25.29 -0.90 -26.26
CA THR H 103 -24.67 -1.81 -27.21
C THR H 103 -24.05 -1.09 -28.40
N TRP H 104 -24.19 0.23 -28.49
CA TRP H 104 -23.62 1.02 -29.58
C TRP H 104 -22.47 1.90 -29.13
N PHE H 105 -22.13 1.91 -27.84
CA PHE H 105 -20.98 2.69 -27.36
C PHE H 105 -20.34 1.94 -26.21
N VAL H 106 -19.28 2.54 -25.66
CA VAL H 106 -18.42 1.86 -24.68
C VAL H 106 -18.49 2.59 -23.34
N PRO H 107 -18.25 1.90 -22.22
CA PRO H 107 -18.29 2.58 -20.92
C PRO H 107 -17.25 3.69 -20.78
N GLU H 108 -16.20 3.70 -21.60
CA GLU H 108 -15.22 4.78 -21.56
C GLU H 108 -15.78 6.10 -22.06
N VAL H 109 -17.03 6.14 -22.53
CA VAL H 109 -17.64 7.39 -22.98
C VAL H 109 -18.09 8.26 -21.83
N LEU H 110 -18.16 7.71 -20.61
CA LEU H 110 -18.46 8.50 -19.43
C LEU H 110 -17.25 9.27 -18.90
N ASP H 111 -16.06 9.00 -19.42
CA ASP H 111 -14.86 9.69 -18.96
C ASP H 111 -14.87 11.14 -19.42
N GLY H 112 -14.60 12.05 -18.49
CA GLY H 112 -14.64 13.46 -18.78
C GLY H 112 -15.99 14.12 -18.58
N MET H 113 -17.06 13.34 -18.38
CA MET H 113 -18.38 13.93 -18.17
C MET H 113 -18.52 14.58 -16.80
N GLU H 114 -17.52 14.48 -15.93
CA GLU H 114 -17.54 15.22 -14.66
C GLU H 114 -17.32 16.71 -14.86
N HIS H 115 -16.91 17.13 -16.06
CA HIS H 115 -16.75 18.55 -16.38
C HIS H 115 -18.00 19.14 -17.02
N LEU H 116 -19.07 18.36 -17.17
CA LEU H 116 -20.30 18.83 -17.78
C LEU H 116 -21.23 19.40 -16.73
N SER H 117 -22.12 20.30 -17.17
CA SER H 117 -23.08 20.90 -16.24
C SER H 117 -24.18 19.93 -15.87
N LEU H 118 -24.53 19.00 -16.76
CA LEU H 118 -25.61 18.06 -16.52
C LEU H 118 -25.30 16.74 -17.21
N VAL H 119 -25.55 15.64 -16.50
CA VAL H 119 -25.36 14.30 -17.01
C VAL H 119 -26.64 13.51 -16.75
N CYS H 120 -27.21 12.95 -17.81
CA CYS H 120 -28.47 12.22 -17.74
C CYS H 120 -28.20 10.74 -18.00
N ILE H 121 -28.53 9.90 -17.03
CA ILE H 121 -28.35 8.46 -17.12
C ILE H 121 -29.74 7.85 -17.26
N ASP H 122 -30.09 7.46 -18.48
CA ASP H 122 -31.42 6.94 -18.77
C ASP H 122 -31.43 5.42 -18.70
N ASN H 123 -32.37 4.87 -17.94
CA ASN H 123 -32.61 3.42 -17.82
C ASN H 123 -31.41 2.71 -17.22
N ILE H 124 -31.16 3.00 -15.93
CA ILE H 124 -30.01 2.44 -15.24
C ILE H 124 -30.22 1.01 -14.80
N GLU H 125 -31.44 0.48 -14.90
CA GLU H 125 -31.67 -0.92 -14.56
C GLU H 125 -31.16 -1.87 -15.63
N CYS H 126 -30.81 -1.38 -16.82
CA CYS H 126 -30.33 -2.23 -17.89
C CYS H 126 -28.91 -2.73 -17.64
N ILE H 127 -28.18 -2.14 -16.71
CA ILE H 127 -26.82 -2.56 -16.40
C ILE H 127 -26.78 -3.47 -15.17
N ALA H 128 -27.93 -3.97 -14.72
CA ALA H 128 -28.00 -4.88 -13.58
C ALA H 128 -27.35 -6.21 -13.96
N GLY H 129 -26.18 -6.48 -13.38
CA GLY H 129 -25.40 -7.64 -13.75
C GLY H 129 -24.31 -7.38 -14.77
N ASP H 130 -24.06 -6.11 -15.11
CA ASP H 130 -23.05 -5.73 -16.08
C ASP H 130 -21.94 -5.02 -15.32
N GLU H 131 -21.00 -5.80 -14.79
CA GLU H 131 -19.93 -5.25 -13.97
C GLU H 131 -19.12 -4.21 -14.73
N LEU H 132 -18.95 -4.40 -16.04
CA LEU H 132 -18.18 -3.44 -16.83
C LEU H 132 -18.83 -2.07 -16.84
N TRP H 133 -20.16 -2.03 -16.91
CA TRP H 133 -20.88 -0.77 -16.90
C TRP H 133 -21.18 -0.27 -15.49
N GLU H 134 -21.40 -1.18 -14.54
CA GLU H 134 -21.63 -0.76 -13.15
C GLU H 134 -20.42 -0.03 -12.59
N MET H 135 -19.21 -0.51 -12.92
CA MET H 135 -18.00 0.15 -12.44
C MET H 135 -17.81 1.51 -13.11
N ALA H 136 -18.19 1.64 -14.38
CA ALA H 136 -18.06 2.92 -15.06
C ALA H 136 -18.99 3.97 -14.45
N ILE H 137 -20.26 3.58 -14.22
CA ILE H 137 -21.19 4.49 -13.55
C ILE H 137 -20.70 4.83 -12.16
N PHE H 138 -20.23 3.80 -11.42
CA PHE H 138 -19.77 4.02 -10.05
C PHE H 138 -18.59 4.98 -10.01
N ASP H 139 -17.64 4.83 -10.94
CA ASP H 139 -16.50 5.74 -10.96
C ASP H 139 -16.93 7.14 -11.38
N LEU H 140 -17.90 7.24 -12.29
CA LEU H 140 -18.37 8.55 -12.73
C LEU H 140 -19.07 9.30 -11.60
N TYR H 141 -19.79 8.59 -10.74
CA TYR H 141 -20.43 9.22 -9.59
C TYR H 141 -19.40 9.88 -8.69
N ASN H 142 -18.35 9.14 -8.33
CA ASN H 142 -17.33 9.69 -7.43
C ASN H 142 -16.56 10.83 -8.08
N ARG H 143 -16.46 10.84 -9.42
CA ARG H 143 -15.73 11.90 -10.10
C ARG H 143 -16.47 13.23 -10.01
N ILE H 144 -17.78 13.22 -10.26
CA ILE H 144 -18.55 14.45 -10.10
C ILE H 144 -18.79 14.77 -8.63
N LEU H 145 -18.62 13.80 -7.74
CA LEU H 145 -18.72 14.04 -6.31
C LEU H 145 -17.47 14.71 -5.76
N GLU H 146 -16.29 14.27 -6.21
CA GLU H 146 -15.05 14.93 -5.81
C GLU H 146 -14.95 16.35 -6.34
N SER H 147 -15.65 16.66 -7.43
CA SER H 147 -15.68 18.00 -8.00
C SER H 147 -17.00 18.67 -7.66
N GLY H 148 -17.29 19.78 -8.33
CA GLY H 148 -18.54 20.48 -8.14
C GLY H 148 -19.15 20.90 -9.47
N LYS H 149 -20.38 21.42 -9.38
CA LYS H 149 -21.11 21.94 -10.54
C LYS H 149 -21.27 20.85 -11.60
N THR H 150 -21.99 19.80 -11.24
CA THR H 150 -22.29 18.72 -12.18
C THR H 150 -23.62 18.09 -11.76
N ARG H 151 -24.68 18.45 -12.48
CA ARG H 151 -26.01 17.92 -12.19
C ARG H 151 -26.12 16.50 -12.72
N LEU H 152 -26.63 15.59 -11.88
CA LEU H 152 -26.76 14.19 -12.22
C LEU H 152 -28.22 13.76 -12.11
N LEU H 153 -28.80 13.33 -13.23
CA LEU H 153 -30.17 12.86 -13.29
C LEU H 153 -30.16 11.43 -13.82
N ILE H 154 -30.76 10.52 -13.05
CA ILE H 154 -30.79 9.11 -13.38
C ILE H 154 -32.23 8.62 -13.31
N THR H 155 -32.65 7.87 -14.33
CA THR H 155 -33.98 7.27 -14.38
C THR H 155 -33.86 5.76 -14.32
N GLY H 156 -34.96 5.11 -13.94
CA GLY H 156 -34.98 3.67 -13.83
C GLY H 156 -36.39 3.14 -13.75
N ASP H 157 -36.49 1.82 -13.71
CA ASP H 157 -37.76 1.10 -13.60
C ASP H 157 -38.22 0.93 -12.15
N ARG H 158 -37.27 0.79 -11.22
CA ARG H 158 -37.59 0.52 -9.83
C ARG H 158 -36.71 1.40 -8.95
N PRO H 159 -37.10 1.61 -7.70
CA PRO H 159 -36.28 2.43 -6.79
C PRO H 159 -34.86 1.89 -6.68
N PRO H 160 -33.88 2.73 -6.32
CA PRO H 160 -32.49 2.27 -6.32
C PRO H 160 -32.24 1.11 -5.36
N ARG H 161 -33.05 0.95 -4.33
CA ARG H 161 -32.88 -0.19 -3.44
C ARG H 161 -33.37 -1.49 -4.07
N GLN H 162 -34.24 -1.41 -5.07
CA GLN H 162 -34.71 -2.59 -5.79
C GLN H 162 -33.86 -2.93 -7.01
N LEU H 163 -32.73 -2.23 -7.19
CA LEU H 163 -31.84 -2.48 -8.31
C LEU H 163 -30.85 -3.59 -7.93
N ASN H 164 -30.93 -4.72 -8.63
CA ASN H 164 -30.00 -5.82 -8.41
C ASN H 164 -28.63 -5.48 -8.98
N LEU H 165 -27.76 -4.90 -8.15
CA LEU H 165 -26.44 -4.48 -8.59
C LEU H 165 -25.39 -5.34 -7.89
N GLY H 166 -24.43 -5.85 -8.67
CA GLY H 166 -23.33 -6.60 -8.09
C GLY H 166 -22.41 -5.76 -7.23
N LEU H 167 -22.39 -4.45 -7.43
CA LEU H 167 -21.56 -3.56 -6.63
C LEU H 167 -22.43 -2.94 -5.55
N PRO H 168 -22.29 -3.35 -4.29
CA PRO H 168 -23.12 -2.75 -3.23
C PRO H 168 -22.76 -1.29 -2.94
N ASP H 169 -21.53 -0.88 -3.24
CA ASP H 169 -21.15 0.52 -3.02
C ASP H 169 -21.94 1.44 -3.94
N LEU H 170 -22.22 0.99 -5.16
CA LEU H 170 -22.99 1.81 -6.09
C LEU H 170 -24.45 1.90 -5.68
N ALA H 171 -25.01 0.82 -5.15
CA ALA H 171 -26.42 0.82 -4.76
C ALA H 171 -26.68 1.83 -3.65
N SER H 172 -25.79 1.91 -2.66
CA SER H 172 -25.96 2.88 -1.58
C SER H 172 -25.78 4.30 -2.09
N ARG H 173 -25.01 4.48 -3.17
CA ARG H 173 -24.80 5.82 -3.72
C ARG H 173 -25.99 6.25 -4.58
N LEU H 174 -26.61 5.32 -5.30
CA LEU H 174 -27.81 5.65 -6.07
C LEU H 174 -28.98 5.94 -5.14
N ASP H 175 -29.02 5.32 -3.97
CA ASP H 175 -30.00 5.65 -2.94
C ASP H 175 -29.62 6.88 -2.13
N TRP H 176 -28.45 7.47 -2.41
CA TRP H 176 -27.97 8.63 -1.68
C TRP H 176 -28.37 9.88 -2.44
N GLY H 177 -29.59 10.34 -2.19
CA GLY H 177 -30.12 11.48 -2.90
C GLY H 177 -31.63 11.50 -2.78
N GLN H 178 -32.24 12.37 -3.57
CA GLN H 178 -33.69 12.52 -3.60
C GLN H 178 -34.26 11.64 -4.70
N ILE H 179 -35.18 10.75 -4.32
CA ILE H 179 -35.79 9.78 -5.22
C ILE H 179 -37.27 10.14 -5.35
N TYR H 180 -37.75 10.21 -6.60
CA TYR H 180 -39.14 10.53 -6.88
C TYR H 180 -39.74 9.46 -7.79
N LYS H 181 -41.02 9.15 -7.55
CA LYS H 181 -41.77 8.25 -8.42
C LYS H 181 -42.50 9.07 -9.47
N LEU H 182 -42.38 8.66 -10.73
CA LEU H 182 -43.04 9.34 -11.84
C LEU H 182 -44.43 8.76 -12.02
N GLN H 183 -45.43 9.65 -12.06
CA GLN H 183 -46.81 9.24 -12.21
C GLN H 183 -47.23 9.35 -13.66
N PRO H 184 -47.59 8.25 -14.33
CA PRO H 184 -48.00 8.34 -15.74
C PRO H 184 -49.28 9.14 -15.89
N LEU H 185 -49.41 9.80 -17.03
CA LEU H 185 -50.59 10.61 -17.30
C LEU H 185 -51.84 9.74 -17.35
N SER H 186 -52.92 10.25 -16.75
CA SER H 186 -54.19 9.59 -16.86
C SER H 186 -54.71 9.68 -18.29
N ASP H 187 -55.74 8.88 -18.59
CA ASP H 187 -56.33 8.90 -19.92
C ASP H 187 -56.93 10.27 -20.26
N GLU H 188 -57.21 11.09 -19.25
CA GLU H 188 -57.68 12.45 -19.50
C GLU H 188 -56.53 13.37 -19.85
N ASP H 189 -55.49 13.42 -19.00
CA ASP H 189 -54.32 14.24 -19.30
C ASP H 189 -53.62 13.77 -20.56
N LYS H 190 -53.75 12.48 -20.89
CA LYS H 190 -53.11 11.95 -22.09
C LYS H 190 -53.65 12.61 -23.35
N LEU H 191 -54.95 12.91 -23.36
CA LEU H 191 -55.58 13.52 -24.53
C LEU H 191 -55.03 14.92 -24.78
N GLN H 192 -55.19 15.81 -23.80
CA GLN H 192 -54.71 17.18 -23.94
C GLN H 192 -53.20 17.28 -24.05
N ALA H 193 -52.47 16.23 -23.68
CA ALA H 193 -51.04 16.22 -23.93
C ALA H 193 -50.75 16.06 -25.42
N LEU H 194 -51.58 15.29 -26.13
CA LEU H 194 -51.39 15.13 -27.57
C LEU H 194 -51.66 16.44 -28.30
N GLN H 195 -52.75 17.12 -27.95
CA GLN H 195 -53.06 18.39 -28.60
C GLN H 195 -52.02 19.46 -28.27
N LEU H 196 -51.35 19.34 -27.12
CA LEU H 196 -50.31 20.31 -26.78
C LEU H 196 -49.15 20.26 -27.75
N ARG H 197 -48.84 19.08 -28.29
CA ARG H 197 -47.80 18.97 -29.30
C ARG H 197 -48.26 19.49 -30.65
N ALA H 198 -49.55 19.31 -30.98
CA ALA H 198 -50.07 19.86 -32.23
C ALA H 198 -50.03 21.38 -32.24
N ARG H 199 -50.20 22.02 -31.08
CA ARG H 199 -50.09 23.47 -31.02
C ARG H 199 -48.64 23.91 -31.14
N LEU H 200 -47.73 23.21 -30.49
CA LEU H 200 -46.30 23.51 -30.57
C LEU H 200 -45.75 23.08 -31.93
N GLY H 210 -58.61 13.03 -31.45
CA GLY H 210 -57.65 12.60 -30.46
C GLY H 210 -58.14 11.43 -29.62
N ARG H 211 -59.42 11.46 -29.26
CA ARG H 211 -60.01 10.37 -28.48
C ARG H 211 -60.07 9.09 -29.29
N PHE H 212 -60.12 9.20 -30.62
CA PHE H 212 -60.13 8.01 -31.47
C PHE H 212 -58.79 7.29 -31.43
N LEU H 213 -57.69 8.05 -31.37
CA LEU H 213 -56.37 7.43 -31.26
C LEU H 213 -56.17 6.74 -29.92
N LEU H 214 -56.91 7.14 -28.90
CA LEU H 214 -56.82 6.51 -27.59
C LEU H 214 -57.73 5.28 -27.52
N ARG H 219 -53.55 3.61 -26.54
CA ARG H 219 -53.22 4.30 -25.31
C ARG H 219 -51.73 4.15 -24.98
N GLU H 220 -50.93 3.84 -26.01
CA GLU H 220 -49.48 3.72 -25.88
C GLU H 220 -48.88 5.07 -26.27
N MET H 221 -48.46 5.84 -25.27
CA MET H 221 -48.05 7.23 -25.52
C MET H 221 -46.84 7.32 -26.43
N ARG H 222 -45.96 6.32 -26.40
CA ARG H 222 -44.78 6.36 -27.27
C ARG H 222 -45.17 6.38 -28.74
N THR H 223 -46.27 5.71 -29.09
CA THR H 223 -46.75 5.70 -30.47
C THR H 223 -47.78 6.79 -30.75
N LEU H 224 -48.43 7.33 -29.71
CA LEU H 224 -49.42 8.38 -29.92
C LEU H 224 -48.76 9.66 -30.42
N PHE H 225 -47.77 10.17 -29.66
CA PHE H 225 -47.03 11.34 -30.10
C PHE H 225 -46.24 11.07 -31.38
N MET H 226 -45.89 9.81 -31.63
CA MET H 226 -45.26 9.45 -32.89
C MET H 226 -46.26 9.49 -34.05
N THR H 227 -47.55 9.29 -33.76
CA THR H 227 -48.56 9.29 -34.81
C THR H 227 -48.82 10.69 -35.35
N LEU H 228 -48.70 11.71 -34.49
CA LEU H 228 -48.91 13.09 -34.92
C LEU H 228 -47.93 13.49 -36.02
#